data_9KOD
#
_entry.id   9KOD
#
loop_
_entity.id
_entity.type
_entity.pdbx_description
1 polymer Neuraminidase
2 polymer 'CAV-F6 heavy chain'
3 polymer 'CAV-F6 kappa chain'
4 non-polymer 2-acetamido-2-deoxy-beta-D-glucopyranose
5 non-polymer 'CALCIUM ION'
#
loop_
_entity_poly.entity_id
_entity_poly.type
_entity_poly.pdbx_seq_one_letter_code
_entity_poly.pdbx_strand_id
1 'polypeptide(L)'
;VTLAGNSSLCPISGWAIYSKDNGIRIGSKGDVFVIREPFISCSHLECRTFFLTQGALLNDKHSNGTVKDRSPYRTLMSCP
VGEAPSPYNSRFESVAWSASACHDGISWLTIGISGPDNGAVAVLKYNGIITDTIKSWRNNILRTQESECACVNGSCFTVM
TDGPSNGQASYKIFKIEKGKVVKSVEMNAPNYHYEECSCYPDAGDIMCVCRDNWHGSNRPWVSFNQNLEYQIGYICSGIF
GDNPRPNDGTGSCSPMPSNGAYGVKGFSFKYGNGVWIGRTKSTSSRSGFEMIWDPNGWTETDSSFSVKQDIVEITDWSGY
SGSFVQHPELTGLDCMRPCFWVELIRGRPKENTIWTSGSSISFCGVNSDTVGWSWPDGAELPFTIDK
;
A,B,C,D
2 'polypeptide(L)'
;EVQLVESGGGLVQPGGSLRLSCAASGFSFTTYEMNWVRQAPGKGLEWVSHISSRGLVIYYADSVKGRFTMSRDTAKNSLY
LQMDSLTVADTAVYYCARHYFDRDWGYSGMDLWGQGTTVTVSS
;
E,G,I,K
3 'polypeptide(L)'
;EVVLTQSPGTLSLSPGERATLSCRASQSLGTNYLAWYQHKPGQSPRLLIDGASTRAIGIPDRFSASGSGTDFTLTVSRLE
PEDFAVYYCQHYGNPYTFGQGTKLEIK
;
F,H,J,L
#
loop_
_chem_comp.id
_chem_comp.type
_chem_comp.name
_chem_comp.formula
CA non-polymer 'CALCIUM ION' 'Ca 2'
NAG D-saccharide, beta linking 2-acetamido-2-deoxy-beta-D-glucopyranose 'C8 H15 N O6'
#
# COMPACT_ATOMS: atom_id res chain seq x y z
N VAL A 1 35.65 -8.36 -11.65
CA VAL A 1 36.61 -8.29 -10.50
C VAL A 1 36.33 -9.42 -9.52
N THR A 2 36.64 -10.65 -9.89
CA THR A 2 36.46 -11.82 -9.00
C THR A 2 37.28 -11.61 -7.74
N LEU A 3 36.75 -11.97 -6.57
CA LEU A 3 37.39 -11.72 -5.25
C LEU A 3 38.74 -12.43 -5.13
N ALA A 4 39.78 -11.79 -4.60
CA ALA A 4 41.12 -12.41 -4.37
C ALA A 4 41.12 -13.46 -3.26
N GLY A 5 40.52 -13.16 -2.11
CA GLY A 5 40.37 -14.17 -1.05
C GLY A 5 41.65 -14.58 -0.34
N ASN A 6 42.80 -14.11 -0.77
CA ASN A 6 44.01 -14.46 0.01
C ASN A 6 44.00 -13.70 1.35
N SER A 7 43.05 -12.80 1.62
CA SER A 7 43.08 -12.02 2.88
C SER A 7 42.61 -12.79 4.11
N SER A 8 43.04 -12.37 5.31
CA SER A 8 42.68 -13.05 6.59
C SER A 8 41.67 -12.22 7.36
N LEU A 9 41.03 -12.76 8.39
CA LEU A 9 39.97 -11.99 9.07
C LEU A 9 40.62 -10.80 9.76
N CYS A 10 39.92 -9.68 9.86
CA CYS A 10 40.38 -8.42 10.48
C CYS A 10 40.49 -8.63 11.97
N PRO A 11 41.37 -7.92 12.71
CA PRO A 11 41.39 -8.01 14.16
C PRO A 11 40.27 -7.14 14.77
N ILE A 12 39.44 -7.67 15.67
CA ILE A 12 38.23 -6.96 16.15
C ILE A 12 38.18 -6.99 17.66
N SER A 13 37.50 -6.05 18.31
CA SER A 13 37.28 -6.10 19.75
C SER A 13 35.82 -6.07 20.12
N GLY A 14 34.93 -5.82 19.17
CA GLY A 14 33.51 -5.75 19.47
C GLY A 14 32.73 -5.61 18.19
N TRP A 15 31.41 -5.48 18.34
CA TRP A 15 30.49 -5.47 17.22
C TRP A 15 29.61 -4.24 17.29
N ALA A 16 29.52 -3.52 16.17
CA ALA A 16 28.73 -2.32 16.05
C ALA A 16 27.51 -2.61 15.18
N ILE A 17 26.35 -2.14 15.62
CA ILE A 17 25.11 -2.49 14.93
C ILE A 17 25.10 -1.89 13.54
N TYR A 18 24.73 -2.72 12.57
CA TYR A 18 24.74 -2.35 11.16
C TYR A 18 23.36 -2.07 10.61
N SER A 19 22.36 -2.90 10.89
CA SER A 19 21.05 -2.71 10.28
C SER A 19 19.97 -3.23 11.20
N LYS A 20 18.74 -2.82 10.91
CA LYS A 20 17.55 -3.27 11.61
C LYS A 20 16.34 -2.89 10.77
N ASP A 21 15.51 -3.86 10.39
CA ASP A 21 14.48 -3.62 9.40
C ASP A 21 13.12 -3.30 9.98
N ASN A 22 12.82 -3.73 11.21
CA ASN A 22 11.53 -3.50 11.86
C ASN A 22 10.39 -4.02 10.98
N GLY A 23 10.57 -5.25 10.49
CA GLY A 23 9.63 -5.80 9.53
C GLY A 23 8.25 -6.06 10.11
N ILE A 24 8.20 -6.58 11.34
CA ILE A 24 6.91 -6.97 11.90
C ILE A 24 6.19 -5.78 12.50
N ARG A 25 6.92 -4.80 13.04
CA ARG A 25 6.30 -3.57 13.47
C ARG A 25 5.68 -2.82 12.31
N ILE A 26 6.38 -2.78 11.17
CA ILE A 26 5.85 -2.12 9.98
C ILE A 26 4.74 -2.95 9.35
N GLY A 27 4.89 -4.28 9.36
CA GLY A 27 3.95 -5.17 8.70
C GLY A 27 2.59 -5.24 9.35
N SER A 28 2.42 -4.61 10.51
CA SER A 28 1.09 -4.56 11.13
C SER A 28 0.11 -3.80 10.25
N LYS A 29 0.54 -2.69 9.66
CA LYS A 29 -0.27 -1.91 8.74
C LYS A 29 0.17 -2.02 7.29
N GLY A 30 1.47 -1.99 7.04
CA GLY A 30 1.98 -2.06 5.69
C GLY A 30 1.90 -3.45 5.11
N ASP A 31 2.18 -3.54 3.82
CA ASP A 31 2.15 -4.79 3.08
C ASP A 31 3.55 -5.39 3.11
N VAL A 32 3.81 -6.21 4.12
CA VAL A 32 5.13 -6.79 4.35
C VAL A 32 5.01 -8.31 4.32
N PHE A 33 5.96 -8.97 3.69
CA PHE A 33 5.93 -10.42 3.54
C PHE A 33 5.99 -11.12 4.88
N VAL A 34 5.40 -12.30 4.94
CA VAL A 34 5.67 -13.28 5.99
C VAL A 34 6.91 -14.04 5.55
N ILE A 35 8.06 -13.69 6.11
CA ILE A 35 9.33 -14.29 5.74
C ILE A 35 9.77 -15.18 6.87
N ARG A 36 10.84 -15.93 6.61
CA ARG A 36 11.65 -16.52 7.67
C ARG A 36 13.00 -16.90 7.08
N GLU A 37 13.98 -17.04 7.96
CA GLU A 37 15.36 -17.38 7.61
C GLU A 37 15.97 -16.32 6.69
N PRO A 38 16.04 -15.07 7.12
CA PRO A 38 16.76 -14.07 6.33
C PRO A 38 18.25 -14.33 6.41
N PHE A 39 18.98 -13.80 5.44
CA PHE A 39 20.41 -13.75 5.55
C PHE A 39 20.92 -12.61 4.69
N ILE A 40 22.12 -12.16 5.02
CA ILE A 40 22.71 -11.00 4.36
C ILE A 40 23.94 -11.47 3.59
N SER A 41 23.99 -11.10 2.32
CA SER A 41 25.13 -11.39 1.47
C SER A 41 25.52 -10.09 0.77
N CYS A 42 26.81 -9.82 0.71
CA CYS A 42 27.32 -8.56 0.18
C CYS A 42 27.97 -8.79 -1.17
N SER A 43 27.70 -7.89 -2.10
CA SER A 43 28.40 -7.88 -3.38
C SER A 43 29.62 -6.96 -3.24
N HIS A 44 30.21 -6.57 -4.36
CA HIS A 44 31.31 -5.62 -4.35
C HIS A 44 30.81 -4.18 -4.41
N LEU A 45 29.50 -3.96 -4.37
CA LEU A 45 28.93 -2.61 -4.43
C LEU A 45 27.91 -2.37 -3.33
N GLU A 46 27.23 -3.41 -2.87
CA GLU A 46 26.15 -3.25 -1.90
C GLU A 46 26.02 -4.53 -1.08
N CYS A 47 25.13 -4.49 -0.10
CA CYS A 47 24.74 -5.66 0.67
C CYS A 47 23.24 -5.82 0.60
N ARG A 48 22.77 -7.05 0.43
CA ARG A 48 21.35 -7.34 0.30
C ARG A 48 20.93 -8.35 1.35
N THR A 49 19.65 -8.30 1.71
CA THR A 49 19.05 -9.25 2.63
C THR A 49 18.20 -10.22 1.83
N PHE A 50 18.55 -11.50 1.90
CA PHE A 50 17.79 -12.56 1.25
C PHE A 50 16.90 -13.24 2.26
N PHE A 51 15.67 -13.53 1.85
CA PHE A 51 14.70 -14.12 2.77
C PHE A 51 13.85 -15.11 2.00
N LEU A 52 13.22 -16.02 2.74
CA LEU A 52 12.35 -17.05 2.17
C LEU A 52 10.92 -16.69 2.55
N THR A 53 10.18 -16.13 1.62
CA THR A 53 8.80 -15.75 1.88
C THR A 53 7.92 -16.99 2.00
N GLN A 54 6.77 -16.83 2.63
CA GLN A 54 5.78 -17.89 2.71
C GLN A 54 4.75 -17.78 1.59
N GLY A 55 4.92 -16.82 0.69
CA GLY A 55 3.95 -16.58 -0.36
C GLY A 55 2.79 -15.71 0.04
N ALA A 56 2.81 -15.16 1.25
CA ALA A 56 1.69 -14.39 1.77
C ALA A 56 2.21 -13.17 2.51
N LEU A 57 1.33 -12.18 2.67
CA LEU A 57 1.65 -10.97 3.39
C LEU A 57 1.30 -11.11 4.86
N LEU A 58 1.88 -10.24 5.67
CA LEU A 58 1.70 -10.30 7.11
C LEU A 58 0.39 -9.65 7.51
N ASN A 59 -0.26 -10.23 8.51
CA ASN A 59 -1.58 -9.78 8.97
C ASN A 59 -2.63 -10.00 7.87
N ASP A 60 -2.60 -11.18 7.26
CA ASP A 60 -3.50 -11.57 6.18
C ASP A 60 -3.95 -13.00 6.47
N LYS A 61 -5.08 -13.38 5.87
CA LYS A 61 -5.62 -14.72 6.10
C LYS A 61 -4.81 -15.82 5.44
N HIS A 62 -3.94 -15.48 4.48
CA HIS A 62 -3.09 -16.47 3.85
C HIS A 62 -1.84 -16.75 4.66
N SER A 63 -1.60 -16.01 5.74
CA SER A 63 -0.53 -16.29 6.67
C SER A 63 -0.92 -17.33 7.70
N ASN A 64 -2.04 -17.99 7.49
CA ASN A 64 -2.58 -19.00 8.40
C ASN A 64 -1.75 -20.26 8.30
N GLY A 65 -1.19 -20.66 9.43
CA GLY A 65 -0.38 -21.86 9.43
C GLY A 65 0.90 -21.74 8.63
N THR A 66 1.63 -20.64 8.80
CA THR A 66 2.91 -20.44 8.16
C THR A 66 4.07 -20.88 9.04
N VAL A 67 3.81 -21.76 10.01
CA VAL A 67 4.88 -22.38 10.79
C VAL A 67 5.59 -23.42 9.94
N LYS A 68 4.97 -23.86 8.87
CA LYS A 68 5.52 -24.93 8.05
C LYS A 68 6.59 -24.39 7.10
N ASP A 69 7.65 -25.17 6.97
CA ASP A 69 8.85 -24.80 6.25
C ASP A 69 8.82 -25.16 4.77
N ARG A 70 8.14 -26.24 4.38
CA ARG A 70 8.16 -26.71 3.00
C ARG A 70 6.75 -26.60 2.42
N SER A 71 6.60 -25.71 1.45
CA SER A 71 5.36 -25.56 0.70
C SER A 71 5.71 -25.12 -0.71
N PRO A 72 4.83 -25.37 -1.69
CA PRO A 72 5.12 -24.95 -3.07
C PRO A 72 5.01 -23.47 -3.30
N TYR A 73 4.68 -22.68 -2.28
CA TYR A 73 4.50 -21.24 -2.43
C TYR A 73 5.68 -20.42 -1.94
N ARG A 74 6.64 -21.04 -1.26
CA ARG A 74 7.79 -20.30 -0.78
C ARG A 74 8.71 -19.92 -1.93
N THR A 75 9.23 -18.70 -1.87
CA THR A 75 10.15 -18.19 -2.85
C THR A 75 11.28 -17.47 -2.15
N LEU A 76 12.43 -17.40 -2.80
CA LEU A 76 13.57 -16.65 -2.32
C LEU A 76 13.57 -15.28 -2.98
N MET A 77 13.59 -14.23 -2.17
CA MET A 77 13.64 -12.86 -2.68
C MET A 77 14.78 -12.14 -2.00
N SER A 78 14.94 -10.87 -2.34
CA SER A 78 15.98 -10.05 -1.72
C SER A 78 15.57 -8.59 -1.77
N CYS A 79 15.93 -7.87 -0.72
CA CYS A 79 15.71 -6.43 -0.61
C CYS A 79 17.00 -5.81 -0.12
N PRO A 80 17.19 -4.51 -0.32
CA PRO A 80 18.37 -3.86 0.23
C PRO A 80 18.37 -3.97 1.75
N VAL A 81 19.57 -4.02 2.32
CA VAL A 81 19.69 -4.27 3.75
C VAL A 81 19.00 -3.17 4.53
N GLY A 82 18.40 -3.55 5.66
CA GLY A 82 17.75 -2.59 6.53
C GLY A 82 16.37 -2.13 6.10
N GLU A 83 15.76 -2.78 5.12
CA GLU A 83 14.44 -2.41 4.66
C GLU A 83 13.48 -3.57 4.86
N ALA A 84 12.23 -3.24 5.16
CA ALA A 84 11.22 -4.26 5.41
C ALA A 84 10.90 -4.99 4.12
N PRO A 85 10.80 -6.32 4.14
CA PRO A 85 10.49 -7.05 2.91
C PRO A 85 9.05 -6.89 2.47
N SER A 86 8.82 -6.15 1.39
CA SER A 86 7.50 -5.93 0.85
C SER A 86 7.50 -6.29 -0.62
N PRO A 87 6.33 -6.63 -1.18
CA PRO A 87 6.28 -6.94 -2.62
C PRO A 87 6.64 -5.79 -3.52
N TYR A 88 6.67 -4.55 -3.00
CA TYR A 88 6.93 -3.37 -3.81
C TYR A 88 8.39 -2.94 -3.78
N ASN A 89 9.26 -3.60 -3.03
CA ASN A 89 10.67 -3.23 -3.05
C ASN A 89 11.59 -4.45 -3.04
N SER A 90 11.05 -5.63 -3.31
CA SER A 90 11.80 -6.87 -3.26
C SER A 90 12.03 -7.41 -4.67
N ARG A 91 13.17 -8.04 -4.85
CA ARG A 91 13.55 -8.65 -6.11
C ARG A 91 13.42 -10.16 -6.00
N PHE A 92 12.74 -10.77 -6.96
CA PHE A 92 12.54 -12.22 -6.95
C PHE A 92 13.81 -12.92 -7.40
N GLU A 93 14.18 -13.97 -6.67
CA GLU A 93 15.42 -14.69 -6.95
C GLU A 93 15.17 -16.12 -7.42
N SER A 94 14.43 -16.92 -6.67
CA SER A 94 14.24 -18.32 -7.00
C SER A 94 13.01 -18.83 -6.28
N VAL A 95 12.51 -19.98 -6.72
CA VAL A 95 11.43 -20.70 -6.04
C VAL A 95 12.08 -21.77 -5.18
N ALA A 96 11.93 -21.64 -3.86
CA ALA A 96 12.70 -22.47 -2.96
C ALA A 96 12.07 -22.49 -1.58
N TRP A 97 12.18 -23.63 -0.90
CA TRP A 97 11.95 -23.69 0.54
C TRP A 97 13.24 -23.89 1.31
N SER A 98 14.36 -24.00 0.60
CA SER A 98 15.69 -23.97 1.20
C SER A 98 16.61 -23.29 0.20
N ALA A 99 17.49 -22.40 0.64
CA ALA A 99 18.22 -21.57 -0.32
C ALA A 99 19.53 -21.08 0.28
N SER A 100 20.39 -20.63 -0.62
CA SER A 100 21.60 -19.88 -0.28
C SER A 100 21.98 -19.07 -1.51
N ALA A 101 22.76 -18.01 -1.29
CA ALA A 101 23.11 -17.12 -2.38
C ALA A 101 24.38 -16.37 -2.04
N CYS A 102 25.21 -16.13 -3.04
CA CYS A 102 26.41 -15.32 -2.85
C CYS A 102 26.88 -14.75 -4.18
N HIS A 103 27.77 -13.76 -4.09
CA HIS A 103 28.20 -12.95 -5.21
C HIS A 103 29.69 -13.16 -5.43
N ASP A 104 30.08 -13.48 -6.66
CA ASP A 104 31.47 -13.76 -6.98
C ASP A 104 32.26 -12.54 -7.43
N GLY A 105 31.67 -11.36 -7.38
CA GLY A 105 32.28 -10.16 -7.89
C GLY A 105 31.83 -9.77 -9.27
N ILE A 106 31.09 -10.64 -9.95
CA ILE A 106 30.54 -10.36 -11.28
C ILE A 106 29.02 -10.48 -11.30
N SER A 107 28.49 -11.59 -10.80
CA SER A 107 27.05 -11.82 -10.83
C SER A 107 26.65 -12.61 -9.59
N TRP A 108 25.36 -12.55 -9.28
CA TRP A 108 24.82 -13.27 -8.14
C TRP A 108 24.59 -14.73 -8.47
N LEU A 109 25.02 -15.61 -7.57
CA LEU A 109 24.71 -17.03 -7.67
C LEU A 109 23.63 -17.35 -6.66
N THR A 110 22.56 -17.99 -7.11
CA THR A 110 21.43 -18.33 -6.27
C THR A 110 21.17 -19.82 -6.36
N ILE A 111 21.03 -20.46 -5.20
CA ILE A 111 20.71 -21.87 -5.11
C ILE A 111 19.36 -21.99 -4.42
N GLY A 112 18.43 -22.69 -5.05
CA GLY A 112 17.10 -22.81 -4.49
C GLY A 112 16.55 -24.21 -4.58
N ILE A 113 16.18 -24.79 -3.45
CA ILE A 113 15.73 -26.17 -3.37
C ILE A 113 14.22 -26.18 -3.27
N SER A 114 13.56 -26.94 -4.14
CA SER A 114 12.12 -27.10 -4.13
C SER A 114 11.79 -28.46 -4.70
N GLY A 115 10.59 -28.95 -4.39
CA GLY A 115 10.18 -30.25 -4.83
C GLY A 115 9.74 -31.12 -3.68
N PRO A 116 9.37 -32.35 -3.96
CA PRO A 116 8.93 -33.26 -2.90
C PRO A 116 10.06 -33.60 -1.96
N ASP A 117 9.71 -34.14 -0.80
CA ASP A 117 10.74 -34.48 0.18
C ASP A 117 11.68 -35.56 -0.32
N ASN A 118 11.19 -36.54 -1.07
CA ASN A 118 12.04 -37.61 -1.57
C ASN A 118 12.58 -37.34 -2.97
N GLY A 119 12.35 -36.16 -3.52
CA GLY A 119 12.88 -35.86 -4.83
C GLY A 119 13.28 -34.41 -5.04
N ALA A 120 13.60 -33.69 -3.98
CA ALA A 120 13.86 -32.26 -4.10
C ALA A 120 15.04 -32.01 -5.03
N VAL A 121 14.95 -30.92 -5.79
CA VAL A 121 15.97 -30.55 -6.77
C VAL A 121 16.40 -29.11 -6.50
N ALA A 122 17.71 -28.90 -6.43
CA ALA A 122 18.29 -27.57 -6.28
C ALA A 122 18.52 -26.95 -7.64
N VAL A 123 17.97 -25.77 -7.87
CA VAL A 123 18.08 -25.07 -9.14
C VAL A 123 19.09 -23.94 -8.97
N LEU A 124 20.21 -24.03 -9.69
CA LEU A 124 21.29 -23.05 -9.59
C LEU A 124 21.12 -21.99 -10.66
N LYS A 125 20.90 -20.75 -10.24
CA LYS A 125 20.78 -19.62 -11.13
C LYS A 125 22.02 -18.75 -11.01
N TYR A 126 22.52 -18.29 -12.15
CA TYR A 126 23.66 -17.37 -12.19
C TYR A 126 23.26 -16.20 -13.06
N ASN A 127 23.22 -15.01 -12.46
CA ASN A 127 22.74 -13.80 -13.13
C ASN A 127 21.28 -13.94 -13.57
N GLY A 128 20.49 -14.70 -12.82
CA GLY A 128 19.09 -14.88 -13.13
C GLY A 128 18.78 -15.94 -14.17
N ILE A 129 19.78 -16.68 -14.63
CA ILE A 129 19.61 -17.68 -15.68
C ILE A 129 19.93 -19.04 -15.07
N ILE A 130 19.02 -20.00 -15.25
CA ILE A 130 19.24 -21.34 -14.72
C ILE A 130 20.43 -21.97 -15.42
N THR A 131 21.41 -22.41 -14.64
CA THR A 131 22.65 -22.94 -15.19
C THR A 131 22.91 -24.40 -14.88
N ASP A 132 22.41 -24.91 -13.75
CA ASP A 132 22.66 -26.28 -13.36
C ASP A 132 21.63 -26.67 -12.32
N THR A 133 21.44 -27.97 -12.14
CA THR A 133 20.57 -28.49 -11.10
C THR A 133 21.25 -29.64 -10.38
N ILE A 134 20.96 -29.76 -9.09
CA ILE A 134 21.46 -30.83 -8.24
C ILE A 134 20.25 -31.55 -7.65
N LYS A 135 20.16 -32.86 -7.88
CA LYS A 135 19.04 -33.65 -7.39
C LYS A 135 19.43 -34.39 -6.12
N SER A 136 18.45 -34.60 -5.26
CA SER A 136 18.66 -35.30 -4.01
C SER A 136 19.21 -36.70 -4.27
N TRP A 137 20.28 -37.05 -3.56
CA TRP A 137 20.95 -38.33 -3.76
C TRP A 137 20.62 -39.35 -2.70
N ARG A 138 19.89 -38.94 -1.66
CA ARG A 138 19.42 -39.88 -0.61
C ARG A 138 17.91 -39.80 -0.47
N ASN A 139 17.17 -39.19 -1.40
CA ASN A 139 15.72 -39.17 -1.45
C ASN A 139 15.13 -38.92 -0.06
N ASN A 140 15.82 -38.08 0.70
CA ASN A 140 15.31 -37.54 1.94
C ASN A 140 15.32 -36.03 1.78
N ILE A 141 14.96 -35.31 2.83
CA ILE A 141 14.82 -33.86 2.69
C ILE A 141 16.19 -33.27 2.38
N LEU A 142 16.36 -32.77 1.15
CA LEU A 142 17.58 -32.10 0.73
C LEU A 142 17.54 -30.65 1.21
N ARG A 143 18.64 -30.20 1.79
CA ARG A 143 18.66 -28.89 2.43
C ARG A 143 20.04 -28.27 2.30
N THR A 144 20.08 -26.95 2.43
CA THR A 144 21.31 -26.19 2.21
C THR A 144 21.45 -25.19 3.35
N GLN A 145 22.34 -24.22 3.18
CA GLN A 145 22.88 -23.47 4.31
C GLN A 145 21.85 -22.59 5.00
N GLU A 146 20.99 -21.94 4.23
CA GLU A 146 20.17 -20.80 4.68
C GLU A 146 20.99 -19.56 5.00
N SER A 147 22.24 -19.51 4.55
CA SER A 147 23.07 -18.31 4.66
C SER A 147 23.91 -18.22 3.40
N GLU A 148 24.79 -17.23 3.34
CA GLU A 148 25.54 -17.02 2.11
C GLU A 148 26.56 -18.14 1.91
N CYS A 149 26.74 -18.53 0.67
CA CYS A 149 27.88 -19.31 0.23
C CYS A 149 29.11 -18.43 0.11
N ALA A 150 30.27 -19.06 -0.02
CA ALA A 150 31.54 -18.36 0.00
C ALA A 150 32.28 -18.52 -1.31
N CYS A 151 32.55 -17.40 -1.99
CA CYS A 151 33.51 -17.36 -3.09
C CYS A 151 34.88 -16.87 -2.65
N VAL A 152 35.90 -17.62 -3.04
CA VAL A 152 37.30 -17.20 -3.04
C VAL A 152 37.80 -17.35 -4.46
N ASN A 153 38.27 -16.31 -5.08
CA ASN A 153 38.90 -16.45 -6.41
C ASN A 153 37.88 -16.90 -7.43
N GLY A 154 36.68 -16.36 -7.42
CA GLY A 154 35.72 -16.64 -8.46
C GLY A 154 34.96 -17.94 -8.32
N SER A 155 35.31 -18.77 -7.34
CA SER A 155 34.62 -20.03 -7.10
C SER A 155 33.87 -19.96 -5.79
N CYS A 156 32.55 -20.17 -5.84
CA CYS A 156 31.73 -20.22 -4.63
C CYS A 156 31.56 -21.65 -4.18
N PHE A 157 31.61 -21.84 -2.85
CA PHE A 157 31.55 -23.13 -2.21
C PHE A 157 30.33 -23.20 -1.32
N THR A 158 29.68 -24.35 -1.29
CA THR A 158 28.50 -24.54 -0.46
C THR A 158 28.48 -25.97 0.06
N VAL A 159 27.72 -26.18 1.12
CA VAL A 159 27.57 -27.50 1.76
C VAL A 159 26.09 -27.85 1.80
N MET A 160 25.76 -29.06 1.35
CA MET A 160 24.39 -29.54 1.35
C MET A 160 24.29 -30.85 2.13
N THR A 161 23.09 -31.12 2.65
CA THR A 161 22.83 -32.27 3.48
C THR A 161 21.64 -33.04 2.91
N ASP A 162 21.70 -34.36 3.03
CA ASP A 162 20.61 -35.21 2.56
C ASP A 162 20.59 -36.48 3.40
N GLY A 163 19.53 -36.66 4.18
CA GLY A 163 19.41 -37.84 4.99
C GLY A 163 18.62 -37.58 6.27
N PRO A 164 18.69 -38.52 7.21
CA PRO A 164 17.92 -38.39 8.45
C PRO A 164 18.30 -37.15 9.23
N SER A 165 17.32 -36.60 9.94
CA SER A 165 17.52 -35.45 10.80
C SER A 165 17.81 -35.83 12.24
N ASN A 166 17.78 -37.13 12.57
CA ASN A 166 18.12 -37.60 13.90
C ASN A 166 19.15 -38.70 13.85
N GLY A 167 19.89 -38.79 12.75
CA GLY A 167 20.87 -39.84 12.63
C GLY A 167 21.90 -39.47 11.59
N GLN A 168 22.70 -40.46 11.21
CA GLN A 168 23.75 -40.24 10.23
C GLN A 168 23.15 -39.85 8.89
N ALA A 169 23.73 -38.81 8.28
CA ALA A 169 23.22 -38.31 7.00
C ALA A 169 24.35 -38.30 5.98
N SER A 170 24.12 -37.67 4.83
CA SER A 170 25.13 -37.54 3.80
C SER A 170 25.46 -36.07 3.59
N TYR A 171 26.75 -35.76 3.56
CA TYR A 171 27.22 -34.38 3.55
C TYR A 171 28.09 -34.20 2.33
N LYS A 172 27.80 -33.17 1.54
CA LYS A 172 28.57 -32.92 0.33
C LYS A 172 29.02 -31.47 0.28
N ILE A 173 30.23 -31.26 -0.21
CA ILE A 173 30.78 -29.94 -0.47
C ILE A 173 30.80 -29.74 -1.97
N PHE A 174 30.25 -28.61 -2.42
CA PHE A 174 30.15 -28.31 -3.84
C PHE A 174 31.03 -27.13 -4.18
N LYS A 175 31.76 -27.23 -5.29
CA LYS A 175 32.54 -26.14 -5.85
C LYS A 175 31.87 -25.68 -7.13
N ILE A 176 31.43 -24.43 -7.15
CA ILE A 176 30.60 -23.91 -8.22
C ILE A 176 31.33 -22.73 -8.86
N GLU A 177 31.46 -22.77 -10.19
CA GLU A 177 32.09 -21.70 -10.96
C GLU A 177 31.13 -21.23 -12.04
N LYS A 178 30.59 -20.02 -11.88
CA LYS A 178 29.68 -19.41 -12.85
C LYS A 178 28.44 -20.28 -13.08
N GLY A 179 27.94 -20.88 -12.00
CA GLY A 179 26.72 -21.66 -12.04
C GLY A 179 26.88 -23.13 -12.34
N LYS A 180 28.05 -23.55 -12.85
CA LYS A 180 28.35 -24.95 -13.07
C LYS A 180 29.00 -25.55 -11.84
N VAL A 181 28.53 -26.72 -11.43
CA VAL A 181 29.19 -27.47 -10.38
C VAL A 181 30.38 -28.19 -10.99
N VAL A 182 31.58 -27.71 -10.71
CA VAL A 182 32.79 -28.20 -11.34
C VAL A 182 33.44 -29.31 -10.52
N LYS A 183 33.16 -29.37 -9.22
CA LYS A 183 33.74 -30.40 -8.38
C LYS A 183 32.88 -30.55 -7.13
N SER A 184 32.78 -31.78 -6.65
CA SER A 184 32.05 -32.03 -5.40
C SER A 184 32.62 -33.29 -4.76
N VAL A 185 32.75 -33.26 -3.43
CA VAL A 185 33.16 -34.41 -2.65
C VAL A 185 32.13 -34.64 -1.57
N GLU A 186 32.00 -35.90 -1.17
CA GLU A 186 31.09 -36.29 -0.10
C GLU A 186 31.91 -36.56 1.15
N MET A 187 31.63 -35.81 2.21
CA MET A 187 32.45 -35.86 3.41
C MET A 187 32.30 -37.20 4.11
N ASN A 188 33.43 -37.75 4.52
CA ASN A 188 33.49 -39.00 5.28
C ASN A 188 33.60 -38.59 6.75
N ALA A 189 32.44 -38.34 7.36
CA ALA A 189 32.37 -37.85 8.73
C ALA A 189 31.44 -38.76 9.53
N PRO A 190 31.92 -39.92 9.96
CA PRO A 190 31.08 -40.79 10.78
C PRO A 190 30.88 -40.22 12.18
N ASN A 191 29.68 -40.42 12.71
CA ASN A 191 29.32 -39.97 14.05
C ASN A 191 29.26 -38.45 14.15
N TYR A 192 29.15 -37.76 13.01
CA TYR A 192 29.05 -36.32 12.95
C TYR A 192 27.70 -35.94 12.35
N HIS A 193 27.31 -34.69 12.54
CA HIS A 193 26.10 -34.17 11.92
C HIS A 193 26.32 -32.73 11.51
N TYR A 194 26.02 -32.42 10.25
CA TYR A 194 26.18 -31.07 9.72
C TYR A 194 24.87 -30.62 9.13
N GLU A 195 24.34 -29.51 9.61
CA GLU A 195 23.17 -28.88 9.04
C GLU A 195 23.36 -27.37 9.08
N GLU A 196 22.88 -26.70 8.05
CA GLU A 196 22.75 -25.25 8.04
C GLU A 196 24.07 -24.57 8.40
N CYS A 197 25.09 -24.92 7.64
CA CYS A 197 26.43 -24.38 7.84
C CYS A 197 26.47 -22.90 7.53
N SER A 198 27.32 -22.18 8.24
CA SER A 198 27.58 -20.77 7.98
C SER A 198 29.06 -20.63 7.66
N CYS A 199 29.36 -20.42 6.38
CA CYS A 199 30.72 -20.48 5.86
C CYS A 199 31.26 -19.09 5.58
N TYR A 200 32.56 -18.91 5.82
CA TYR A 200 33.23 -17.66 5.53
C TYR A 200 34.63 -17.98 5.02
N PRO A 201 35.18 -17.15 4.15
CA PRO A 201 36.56 -17.36 3.69
C PRO A 201 37.59 -16.76 4.64
N ASP A 202 38.73 -17.44 4.72
CA ASP A 202 39.79 -17.03 5.63
C ASP A 202 41.13 -17.54 5.09
N ALA A 203 41.98 -16.61 4.65
CA ALA A 203 43.32 -16.92 4.17
C ALA A 203 43.30 -17.89 2.99
N GLY A 204 42.32 -17.72 2.10
CA GLY A 204 42.22 -18.53 0.91
C GLY A 204 41.52 -19.86 1.09
N ASP A 205 41.14 -20.21 2.31
CA ASP A 205 40.40 -21.43 2.60
C ASP A 205 38.99 -21.05 3.05
N ILE A 206 38.14 -22.05 3.19
CA ILE A 206 36.76 -21.86 3.60
C ILE A 206 36.57 -22.52 4.96
N MET A 207 35.81 -21.85 5.83
CA MET A 207 35.56 -22.35 7.17
C MET A 207 34.06 -22.31 7.43
N CYS A 208 33.48 -23.47 7.75
CA CYS A 208 32.05 -23.58 7.98
C CYS A 208 31.79 -24.08 9.39
N VAL A 209 30.90 -23.39 10.12
CA VAL A 209 30.46 -23.81 11.43
C VAL A 209 28.98 -24.13 11.36
N CYS A 210 28.64 -25.40 11.59
CA CYS A 210 27.33 -25.92 11.28
C CYS A 210 26.57 -26.27 12.55
N ARG A 211 25.40 -26.87 12.37
CA ARG A 211 24.49 -27.20 13.47
C ARG A 211 24.37 -28.71 13.59
N ASP A 212 24.63 -29.23 14.78
CA ASP A 212 24.52 -30.66 15.05
C ASP A 212 23.14 -30.93 15.63
N ASN A 213 22.30 -31.57 14.83
CA ASN A 213 20.91 -31.77 15.17
C ASN A 213 20.63 -33.17 15.69
N TRP A 214 21.68 -33.96 15.80
CA TRP A 214 21.58 -35.37 16.20
C TRP A 214 22.07 -35.59 17.61
N HIS A 215 23.31 -35.26 17.92
CA HIS A 215 23.86 -35.63 19.24
C HIS A 215 24.99 -34.72 19.69
N GLY A 216 24.90 -33.44 19.45
CA GLY A 216 25.98 -32.51 19.77
C GLY A 216 25.44 -31.19 20.20
N SER A 217 25.64 -30.83 21.46
CA SER A 217 25.28 -29.51 21.96
C SER A 217 26.36 -28.47 21.75
N ASN A 218 27.50 -28.85 21.20
CA ASN A 218 28.49 -27.91 20.69
C ASN A 218 28.39 -27.90 19.17
N ARG A 219 29.24 -27.12 18.53
CA ARG A 219 29.02 -27.02 17.10
C ARG A 219 30.14 -27.70 16.33
N PRO A 220 29.80 -28.42 15.26
CA PRO A 220 30.81 -28.99 14.38
C PRO A 220 31.29 -27.99 13.34
N TRP A 221 32.50 -28.22 12.86
CA TRP A 221 33.05 -27.35 11.82
C TRP A 221 33.73 -28.21 10.76
N VAL A 222 33.81 -27.64 9.55
CA VAL A 222 34.54 -28.26 8.45
C VAL A 222 35.31 -27.17 7.72
N SER A 223 36.59 -27.42 7.48
CA SER A 223 37.44 -26.48 6.77
C SER A 223 38.03 -27.17 5.56
N PHE A 224 38.07 -26.48 4.43
CA PHE A 224 38.58 -27.08 3.20
C PHE A 224 39.20 -26.00 2.34
N ASN A 225 40.05 -26.42 1.41
CA ASN A 225 40.66 -25.52 0.46
C ASN A 225 39.94 -25.63 -0.86
N GLN A 226 40.49 -25.00 -1.90
CA GLN A 226 39.86 -24.97 -3.21
C GLN A 226 39.90 -26.32 -3.92
N ASN A 227 40.64 -27.29 -3.39
CA ASN A 227 40.66 -28.64 -3.90
C ASN A 227 39.63 -29.52 -3.21
N LEU A 228 38.82 -28.94 -2.32
CA LEU A 228 37.86 -29.67 -1.50
C LEU A 228 38.55 -30.77 -0.70
N GLU A 229 39.66 -30.38 -0.07
CA GLU A 229 40.41 -31.25 0.83
C GLU A 229 40.13 -30.74 2.24
N TYR A 230 39.40 -31.53 3.02
CA TYR A 230 38.67 -31.04 4.18
C TYR A 230 39.25 -31.58 5.49
N GLN A 231 38.90 -30.89 6.57
CA GLN A 231 39.15 -31.34 7.93
C GLN A 231 37.86 -31.15 8.73
N ILE A 232 37.63 -32.03 9.69
CA ILE A 232 36.39 -32.01 10.46
C ILE A 232 36.73 -32.03 11.94
N GLY A 233 35.75 -31.60 12.73
CA GLY A 233 35.92 -31.60 14.17
C GLY A 233 34.78 -30.85 14.83
N TYR A 234 34.93 -30.63 16.13
CA TYR A 234 33.98 -29.85 16.91
C TYR A 234 34.73 -28.74 17.62
N ILE A 235 34.00 -27.70 18.02
CA ILE A 235 34.59 -26.54 18.75
C ILE A 235 34.75 -27.00 20.18
N CYS A 236 35.98 -27.09 20.66
CA CYS A 236 36.29 -27.66 21.98
C CYS A 236 35.73 -26.83 23.13
N SER A 237 35.72 -25.53 23.03
CA SER A 237 35.24 -24.60 24.09
C SER A 237 34.11 -25.13 24.92
N GLY A 238 34.27 -25.12 26.21
CA GLY A 238 33.26 -25.44 27.19
C GLY A 238 32.11 -24.46 27.24
N ILE A 239 32.13 -23.45 26.39
CA ILE A 239 31.03 -22.49 26.28
C ILE A 239 30.24 -22.92 25.07
N PHE A 240 29.22 -23.76 25.30
CA PHE A 240 28.49 -24.37 24.21
C PHE A 240 27.67 -23.33 23.45
N GLY A 241 27.56 -23.53 22.15
CA GLY A 241 26.91 -22.54 21.32
C GLY A 241 25.55 -22.97 20.78
N ASP A 242 25.23 -24.24 20.91
CA ASP A 242 23.99 -24.74 20.33
C ASP A 242 22.82 -24.42 21.27
N ASN A 243 21.61 -24.79 20.86
CA ASN A 243 20.43 -24.53 21.67
C ASN A 243 19.34 -25.53 21.29
N PRO A 244 18.92 -26.41 22.20
CA PRO A 244 19.24 -26.48 23.62
C PRO A 244 20.65 -27.01 23.92
N ARG A 245 21.17 -26.60 25.07
CA ARG A 245 22.53 -26.94 25.48
C ARG A 245 22.53 -27.09 26.99
N PRO A 246 23.51 -27.79 27.55
CA PRO A 246 23.62 -27.86 29.01
C PRO A 246 24.20 -26.58 29.58
N ASN A 247 24.35 -26.51 30.89
CA ASN A 247 25.06 -25.38 31.48
C ASN A 247 26.54 -25.48 31.17
N ASP A 248 27.20 -24.33 31.19
CA ASP A 248 28.62 -24.28 30.86
C ASP A 248 29.42 -25.12 31.85
N GLY A 249 30.33 -25.92 31.30
CA GLY A 249 31.22 -26.73 32.10
C GLY A 249 32.42 -27.15 31.31
N THR A 250 32.95 -28.34 31.56
CA THR A 250 34.07 -28.86 30.80
C THR A 250 33.56 -29.30 29.43
N GLY A 251 34.09 -28.75 28.32
CA GLY A 251 33.63 -29.07 26.95
C GLY A 251 34.35 -30.20 26.22
N SER A 252 34.09 -30.41 24.92
CA SER A 252 34.67 -31.56 24.15
C SER A 252 35.04 -31.21 22.71
N CYS A 253 35.95 -31.98 22.10
CA CYS A 253 36.35 -31.80 20.69
C CYS A 253 35.64 -32.81 19.83
N SER A 254 34.72 -33.57 20.40
CA SER A 254 33.93 -34.62 19.72
C SER A 254 32.49 -34.37 20.14
N PRO A 255 31.46 -34.99 19.57
CA PRO A 255 30.10 -34.60 19.93
C PRO A 255 29.79 -34.58 21.43
N MET A 256 29.14 -33.52 21.93
CA MET A 256 28.72 -33.41 23.35
C MET A 256 27.32 -34.00 23.43
N PRO A 257 27.03 -35.15 24.09
CA PRO A 257 25.73 -35.82 23.96
C PRO A 257 24.64 -35.21 24.82
N SER A 258 25.03 -34.61 25.94
CA SER A 258 24.05 -34.18 26.94
C SER A 258 23.21 -33.04 26.42
N ASN A 259 21.89 -33.25 26.40
CA ASN A 259 20.92 -32.22 26.05
C ASN A 259 21.21 -31.64 24.67
N GLY A 260 21.62 -32.50 23.75
CA GLY A 260 22.13 -32.02 22.48
C GLY A 260 21.37 -32.42 21.23
N ALA A 261 20.30 -33.18 21.37
CA ALA A 261 19.66 -33.77 20.19
C ALA A 261 18.66 -32.86 19.51
N TYR A 262 19.01 -31.59 19.33
CA TYR A 262 18.31 -30.62 18.48
C TYR A 262 19.31 -29.49 18.26
N GLY A 263 18.85 -28.34 17.78
CA GLY A 263 19.76 -27.22 17.68
C GLY A 263 19.11 -26.01 17.04
N VAL A 264 19.96 -25.02 16.80
CA VAL A 264 19.61 -23.82 16.05
C VAL A 264 20.82 -23.41 15.23
N LYS A 265 20.60 -22.88 14.04
CA LYS A 265 21.69 -22.42 13.19
C LYS A 265 22.45 -21.29 13.87
N GLY A 266 23.77 -21.40 13.87
CA GLY A 266 24.61 -20.41 14.51
C GLY A 266 25.90 -20.20 13.77
N PHE A 267 26.89 -19.60 14.42
CA PHE A 267 28.15 -19.29 13.75
C PHE A 267 29.24 -19.16 14.80
N SER A 268 30.47 -18.95 14.33
CA SER A 268 31.63 -18.72 15.16
C SER A 268 32.76 -18.30 14.23
N PHE A 269 33.65 -17.46 14.74
CA PHE A 269 34.81 -17.00 14.00
C PHE A 269 36.06 -17.46 14.71
N LYS A 270 36.98 -18.06 13.96
CA LYS A 270 38.20 -18.61 14.50
C LYS A 270 39.32 -17.59 14.38
N TYR A 271 39.96 -17.27 15.50
CA TYR A 271 41.08 -16.33 15.55
C TYR A 271 42.25 -17.06 16.20
N GLY A 272 43.01 -17.80 15.41
CA GLY A 272 44.07 -18.62 15.95
C GLY A 272 43.51 -19.76 16.78
N ASN A 273 43.71 -19.69 18.10
CA ASN A 273 43.09 -20.64 19.01
C ASN A 273 41.83 -20.11 19.67
N GLY A 274 41.53 -18.82 19.52
CA GLY A 274 40.34 -18.25 20.07
C GLY A 274 39.14 -18.46 19.19
N VAL A 275 37.99 -17.99 19.67
CA VAL A 275 36.76 -18.12 18.92
C VAL A 275 35.78 -17.07 19.42
N TRP A 276 35.03 -16.48 18.49
CA TRP A 276 33.92 -15.59 18.81
C TRP A 276 32.63 -16.38 18.67
N ILE A 277 32.01 -16.71 19.79
CA ILE A 277 30.84 -17.58 19.84
C ILE A 277 29.59 -16.72 19.91
N GLY A 278 28.68 -16.92 18.97
CA GLY A 278 27.40 -16.26 19.01
C GLY A 278 26.29 -17.22 19.39
N ARG A 279 25.64 -16.98 20.53
CA ARG A 279 24.69 -17.95 21.07
C ARG A 279 23.57 -17.21 21.78
N THR A 280 22.45 -17.91 21.95
CA THR A 280 21.32 -17.38 22.69
C THR A 280 21.62 -17.38 24.18
N LYS A 281 20.93 -16.50 24.91
CA LYS A 281 21.19 -16.35 26.33
C LYS A 281 20.57 -17.49 27.15
N SER A 282 19.40 -17.97 26.75
CA SER A 282 18.76 -19.05 27.47
C SER A 282 19.18 -20.40 26.90
N THR A 283 19.37 -21.37 27.78
CA THR A 283 19.84 -22.68 27.38
C THR A 283 18.71 -23.61 26.95
N SER A 284 17.46 -23.17 26.99
CA SER A 284 16.34 -24.06 26.72
C SER A 284 15.47 -23.57 25.57
N SER A 285 15.38 -22.25 25.40
CA SER A 285 14.56 -21.66 24.36
C SER A 285 15.37 -20.59 23.62
N ARG A 286 14.87 -20.21 22.45
CA ARG A 286 15.56 -19.23 21.61
C ARG A 286 15.19 -17.83 22.10
N SER A 287 15.77 -17.45 23.24
CA SER A 287 15.59 -16.13 23.81
C SER A 287 16.96 -15.54 24.13
N GLY A 288 17.18 -14.30 23.70
CA GLY A 288 18.44 -13.63 23.94
C GLY A 288 19.47 -13.90 22.89
N PHE A 289 20.59 -13.21 23.02
CA PHE A 289 21.75 -13.41 22.16
C PHE A 289 22.94 -12.67 22.76
N GLU A 290 24.10 -13.30 22.71
CA GLU A 290 25.33 -12.67 23.19
C GLU A 290 26.47 -13.12 22.31
N MET A 291 27.55 -12.34 22.32
CA MET A 291 28.79 -12.70 21.66
C MET A 291 29.86 -12.94 22.70
N ILE A 292 30.43 -14.14 22.71
CA ILE A 292 31.45 -14.54 23.67
C ILE A 292 32.80 -14.59 22.97
N TRP A 293 33.83 -14.13 23.65
CA TRP A 293 35.20 -14.20 23.15
C TRP A 293 36.01 -15.09 24.07
N ASP A 294 36.26 -16.31 23.64
CA ASP A 294 37.07 -17.25 24.40
C ASP A 294 38.46 -17.29 23.77
N PRO A 295 39.48 -16.73 24.42
CA PRO A 295 40.78 -16.60 23.75
C PRO A 295 41.45 -17.92 23.40
N ASN A 296 41.01 -19.02 23.98
CA ASN A 296 41.55 -20.34 23.70
C ASN A 296 40.46 -21.37 23.49
N GLY A 297 39.31 -20.94 22.95
CA GLY A 297 38.14 -21.79 22.89
C GLY A 297 38.03 -22.65 21.66
N TRP A 298 39.02 -22.62 20.78
CA TRP A 298 38.96 -23.51 19.63
C TRP A 298 39.62 -24.86 19.91
N THR A 299 40.55 -24.91 20.86
CA THR A 299 41.26 -26.14 21.16
C THR A 299 41.24 -26.53 22.63
N GLU A 300 40.89 -25.58 23.48
CA GLU A 300 40.91 -25.88 24.91
C GLU A 300 39.47 -25.95 25.42
N THR A 301 39.17 -26.79 26.40
CA THR A 301 37.81 -27.08 26.87
C THR A 301 37.50 -26.40 28.21
N ASP A 302 38.15 -25.29 28.54
CA ASP A 302 38.13 -24.62 29.87
C ASP A 302 36.78 -24.16 30.44
N SER A 303 35.88 -23.53 29.68
CA SER A 303 34.61 -22.90 30.17
C SER A 303 34.83 -21.46 30.61
N SER A 304 36.04 -20.93 30.50
CA SER A 304 36.40 -19.57 30.94
C SER A 304 36.61 -18.65 29.74
N PHE A 305 35.91 -17.51 29.66
CA PHE A 305 36.00 -16.62 28.52
C PHE A 305 36.63 -15.31 28.97
N SER A 306 36.70 -14.36 28.04
CA SER A 306 37.30 -13.05 28.27
C SER A 306 36.31 -11.91 28.18
N VAL A 307 35.46 -11.88 27.16
CA VAL A 307 34.58 -10.76 26.91
C VAL A 307 33.20 -11.27 26.53
N LYS A 308 32.17 -10.59 27.03
CA LYS A 308 30.79 -10.77 26.59
C LYS A 308 30.31 -9.45 26.01
N GLN A 309 29.50 -9.53 24.95
CA GLN A 309 28.75 -8.39 24.48
C GLN A 309 27.30 -8.80 24.30
N ASP A 310 26.38 -8.02 24.85
CA ASP A 310 24.97 -8.36 24.83
C ASP A 310 24.30 -7.80 23.58
N ILE A 311 23.48 -8.63 22.94
CA ILE A 311 22.80 -8.26 21.71
C ILE A 311 21.29 -8.14 21.90
N VAL A 312 20.68 -9.11 22.58
CA VAL A 312 19.25 -9.12 22.86
C VAL A 312 19.04 -9.61 24.29
N GLU A 313 17.96 -9.29 24.94
CA GLU A 313 17.85 -9.68 26.36
C GLU A 313 17.16 -11.03 26.51
N ILE A 314 17.48 -11.84 27.52
CA ILE A 314 16.93 -13.22 27.65
C ILE A 314 15.41 -13.15 27.70
N THR A 315 14.85 -11.97 27.87
CA THR A 315 13.40 -11.88 27.87
C THR A 315 12.83 -11.62 26.48
N ASP A 316 13.67 -11.50 25.46
CA ASP A 316 13.22 -11.20 24.11
C ASP A 316 13.58 -12.36 23.19
N TRP A 317 12.71 -12.58 22.22
CA TRP A 317 12.85 -13.72 21.32
C TRP A 317 13.99 -13.48 20.35
N SER A 318 14.71 -14.56 20.05
CA SER A 318 15.73 -14.55 19.02
C SER A 318 15.50 -15.82 18.20
N GLY A 319 16.47 -16.17 17.35
CA GLY A 319 16.23 -17.22 16.39
C GLY A 319 17.49 -17.65 15.70
N TYR A 320 17.46 -17.80 14.38
CA TYR A 320 18.66 -18.21 13.67
C TYR A 320 19.68 -17.08 13.67
N SER A 321 20.95 -17.44 13.50
CA SER A 321 21.96 -16.42 13.27
C SER A 321 23.00 -16.99 12.33
N GLY A 322 23.70 -16.12 11.62
CA GLY A 322 24.67 -16.58 10.65
C GLY A 322 25.72 -15.51 10.44
N SER A 323 26.75 -15.87 9.71
CA SER A 323 27.89 -15.01 9.49
C SER A 323 28.02 -14.64 8.03
N PHE A 324 28.34 -13.38 7.79
CA PHE A 324 28.75 -12.94 6.46
C PHE A 324 29.99 -12.09 6.60
N VAL A 325 30.67 -11.87 5.49
CA VAL A 325 31.89 -11.08 5.46
C VAL A 325 31.74 -10.00 4.41
N GLN A 326 32.52 -8.94 4.57
CA GLN A 326 32.60 -7.85 3.60
C GLN A 326 33.99 -7.86 3.01
N HIS A 327 34.09 -8.16 1.72
CA HIS A 327 35.37 -8.37 1.07
C HIS A 327 36.12 -7.06 0.92
N PRO A 328 37.45 -7.10 0.84
CA PRO A 328 38.23 -5.86 0.74
C PRO A 328 37.87 -5.01 -0.47
N GLU A 329 37.32 -5.60 -1.53
CA GLU A 329 36.87 -4.81 -2.67
C GLU A 329 35.61 -4.04 -2.37
N LEU A 330 34.94 -4.32 -1.25
CA LEU A 330 33.78 -3.55 -0.83
C LEU A 330 34.16 -2.50 0.21
N THR A 331 34.81 -2.91 1.29
CA THR A 331 35.19 -2.00 2.36
C THR A 331 36.40 -1.15 2.03
N GLY A 332 37.27 -1.59 1.12
CA GLY A 332 38.49 -0.88 0.84
C GLY A 332 39.63 -1.18 1.79
N LEU A 333 39.35 -1.97 2.80
CA LEU A 333 40.32 -2.37 3.84
C LEU A 333 41.28 -3.40 3.25
N ASP A 334 42.09 -4.06 4.09
CA ASP A 334 43.07 -5.07 3.64
C ASP A 334 42.83 -6.38 4.36
N CYS A 335 41.68 -6.53 4.99
CA CYS A 335 41.36 -7.71 5.78
C CYS A 335 39.95 -8.09 5.44
N MET A 336 39.52 -9.30 5.71
CA MET A 336 38.11 -9.63 5.48
C MET A 336 37.35 -9.31 6.75
N ARG A 337 36.37 -8.40 6.69
CA ARG A 337 35.63 -7.93 7.87
C ARG A 337 34.60 -8.94 8.23
N PRO A 338 34.58 -9.46 9.47
CA PRO A 338 33.51 -10.36 9.90
C PRO A 338 32.28 -9.62 10.40
N CYS A 339 31.13 -10.07 9.93
CA CYS A 339 29.85 -9.53 10.35
C CYS A 339 28.92 -10.70 10.67
N PHE A 340 27.76 -10.41 11.24
CA PHE A 340 26.78 -11.45 11.50
C PHE A 340 25.39 -10.83 11.56
N TRP A 341 24.38 -11.68 11.40
CA TRP A 341 22.99 -11.29 11.47
C TRP A 341 22.26 -12.21 12.44
N VAL A 342 21.17 -11.70 13.01
CA VAL A 342 20.33 -12.49 13.91
C VAL A 342 18.89 -12.37 13.44
N GLU A 343 18.17 -13.49 13.51
CA GLU A 343 16.76 -13.55 13.16
C GLU A 343 15.93 -13.57 14.44
N LEU A 344 14.94 -12.69 14.51
CA LEU A 344 14.11 -12.53 15.69
C LEU A 344 12.72 -13.06 15.38
N ILE A 345 12.46 -14.30 15.78
CA ILE A 345 11.23 -15.01 15.40
C ILE A 345 10.10 -14.56 16.31
N ARG A 346 9.01 -14.12 15.72
CA ARG A 346 7.78 -13.78 16.42
C ARG A 346 6.65 -14.61 15.85
N GLY A 347 5.77 -15.11 16.65
CA GLY A 347 4.70 -15.96 16.16
C GLY A 347 4.83 -17.36 16.67
N ARG A 348 4.01 -18.25 16.16
CA ARG A 348 4.05 -19.67 16.56
C ARG A 348 5.45 -20.20 16.30
N PRO A 349 6.05 -21.05 17.13
CA PRO A 349 5.47 -22.11 17.93
C PRO A 349 5.14 -21.68 19.37
N LYS A 350 5.54 -20.49 19.83
CA LYS A 350 5.47 -20.07 21.25
C LYS A 350 4.56 -18.89 21.54
N GLU A 351 4.03 -18.23 20.53
CA GLU A 351 3.06 -17.16 20.74
C GLU A 351 1.71 -17.67 20.25
N ASN A 352 0.63 -17.02 20.66
CA ASN A 352 -0.72 -17.50 20.35
C ASN A 352 -1.23 -16.79 19.11
N THR A 353 -0.59 -17.05 17.99
CA THR A 353 -0.97 -16.43 16.73
C THR A 353 -1.26 -17.55 15.74
N ILE A 354 -1.58 -17.18 14.51
CA ILE A 354 -1.76 -18.15 13.43
C ILE A 354 -0.54 -18.22 12.52
N TRP A 355 0.40 -17.30 12.66
CA TRP A 355 1.52 -17.12 11.76
C TRP A 355 2.83 -17.17 12.55
N THR A 356 3.93 -17.38 11.83
CA THR A 356 5.25 -17.13 12.37
C THR A 356 6.04 -16.35 11.33
N SER A 357 6.82 -15.40 11.80
CA SER A 357 7.65 -14.56 10.93
C SER A 357 8.87 -14.14 11.73
N GLY A 358 9.78 -13.44 11.07
CA GLY A 358 10.96 -12.98 11.75
C GLY A 358 11.55 -11.76 11.08
N SER A 359 11.93 -10.79 11.88
CA SER A 359 12.72 -9.66 11.42
C SER A 359 14.19 -9.97 11.70
N SER A 360 15.07 -9.02 11.39
CA SER A 360 16.48 -9.28 11.52
C SER A 360 17.22 -8.04 12.00
N ILE A 361 18.35 -8.27 12.66
CA ILE A 361 19.33 -7.25 13.00
C ILE A 361 20.68 -7.78 12.57
N SER A 362 21.64 -6.87 12.34
CA SER A 362 22.94 -7.31 11.88
C SER A 362 24.02 -6.40 12.45
N PHE A 363 25.17 -7.01 12.75
CA PHE A 363 26.28 -6.33 13.39
C PHE A 363 27.55 -6.59 12.60
N CYS A 364 28.48 -5.64 12.64
CA CYS A 364 29.77 -5.80 11.99
C CYS A 364 30.89 -5.51 12.97
N GLY A 365 31.94 -6.34 12.90
CA GLY A 365 33.02 -6.25 13.89
C GLY A 365 33.97 -5.11 13.58
N VAL A 366 34.28 -4.34 14.63
CA VAL A 366 35.13 -3.16 14.55
C VAL A 366 36.22 -3.27 15.61
N ASN A 367 37.30 -2.53 15.41
CA ASN A 367 38.39 -2.46 16.36
C ASN A 367 38.30 -1.29 17.32
N SER A 368 37.22 -0.51 17.27
CA SER A 368 37.06 0.65 18.13
C SER A 368 36.07 0.32 19.25
N ASP A 369 35.69 1.33 20.03
CA ASP A 369 34.81 1.13 21.17
C ASP A 369 33.37 0.86 20.75
N THR A 370 32.74 -0.07 21.47
CA THR A 370 31.36 -0.46 21.20
C THR A 370 30.64 -0.65 22.52
N VAL A 371 29.34 -0.89 22.45
CA VAL A 371 28.50 -1.03 23.64
C VAL A 371 27.54 -2.18 23.42
N GLY A 372 27.14 -2.81 24.52
CA GLY A 372 26.14 -3.87 24.50
C GLY A 372 24.80 -3.34 24.98
N TRP A 373 23.76 -3.71 24.26
CA TRP A 373 22.41 -3.25 24.55
C TRP A 373 21.45 -4.39 24.20
N SER A 374 20.18 -4.06 24.01
CA SER A 374 19.21 -5.01 23.50
C SER A 374 18.44 -4.35 22.38
N TRP A 375 18.49 -4.95 21.19
CA TRP A 375 17.75 -4.49 20.02
C TRP A 375 16.74 -5.57 19.68
N PRO A 376 15.59 -5.58 20.35
CA PRO A 376 14.63 -6.67 20.16
C PRO A 376 13.75 -6.46 18.94
N ASP A 377 12.80 -7.35 18.75
CA ASP A 377 11.90 -7.23 17.60
C ASP A 377 10.94 -6.08 17.77
N GLY A 378 10.33 -5.95 18.94
CA GLY A 378 9.49 -4.82 19.26
C GLY A 378 8.07 -4.91 18.79
N ALA A 379 7.65 -6.03 18.21
CA ALA A 379 6.29 -6.16 17.72
C ALA A 379 5.33 -6.47 18.86
N GLU A 380 4.12 -5.91 18.81
CA GLU A 380 3.07 -6.10 19.85
C GLU A 380 2.05 -7.09 19.36
N LEU A 381 2.09 -8.30 19.89
CA LEU A 381 1.24 -9.40 19.47
C LEU A 381 0.16 -9.69 20.49
N PRO A 382 -0.97 -10.28 20.06
CA PRO A 382 -1.29 -10.72 18.70
C PRO A 382 -1.78 -9.61 17.78
N PHE A 383 -1.86 -9.90 16.49
CA PHE A 383 -2.29 -8.93 15.49
C PHE A 383 -3.81 -8.96 15.35
N THR A 384 -4.31 -8.26 14.34
CA THR A 384 -5.74 -8.21 14.10
C THR A 384 -6.26 -9.54 13.54
N ILE A 385 -5.46 -10.20 12.72
CA ILE A 385 -5.91 -11.42 12.06
C ILE A 385 -6.04 -12.57 13.05
N ASP A 386 -5.40 -12.45 14.21
CA ASP A 386 -5.47 -13.48 15.23
C ASP A 386 -6.71 -13.39 16.09
N LYS A 387 -7.50 -12.34 15.94
CA LYS A 387 -8.64 -12.10 16.80
C LYS A 387 -9.93 -12.65 16.18
N VAL B 1 35.08 14.21 -7.13
CA VAL B 1 35.93 15.27 -6.48
C VAL B 1 35.14 15.87 -5.33
N THR B 2 35.81 16.17 -4.21
CA THR B 2 35.14 16.68 -2.99
C THR B 2 34.69 18.15 -3.11
N LEU B 3 33.81 18.65 -2.19
CA LEU B 3 33.25 20.05 -2.27
C LEU B 3 34.20 21.04 -1.58
N ALA B 4 34.71 22.06 -2.30
CA ALA B 4 35.74 23.00 -1.78
C ALA B 4 35.36 23.89 -0.60
N GLY B 5 34.20 24.53 -0.57
CA GLY B 5 33.85 25.33 0.59
C GLY B 5 34.45 26.71 0.61
N ASN B 6 35.29 27.09 -0.35
CA ASN B 6 35.95 28.41 -0.34
C ASN B 6 34.97 29.58 -0.61
N SER B 7 33.71 29.29 -1.02
CA SER B 7 32.74 30.35 -1.39
C SER B 7 31.92 30.89 -0.22
N SER B 8 31.49 32.13 -0.34
CA SER B 8 30.71 32.79 0.71
C SER B 8 29.22 32.57 0.46
N LEU B 9 28.38 32.80 1.46
CA LEU B 9 26.93 32.59 1.32
C LEU B 9 26.44 33.61 0.31
N CYS B 10 25.48 33.27 -0.53
CA CYS B 10 25.01 34.13 -1.63
C CYS B 10 24.22 35.28 -1.08
N PRO B 11 24.11 36.42 -1.77
CA PRO B 11 23.22 37.50 -1.32
C PRO B 11 21.74 37.09 -1.42
N ILE B 12 20.92 37.37 -0.41
CA ILE B 12 19.48 36.96 -0.41
C ILE B 12 18.63 38.19 -0.09
N SER B 13 17.32 38.12 -0.27
CA SER B 13 16.37 39.21 0.02
C SER B 13 15.19 38.52 0.66
N GLY B 14 14.99 37.25 0.37
CA GLY B 14 13.81 36.54 0.81
C GLY B 14 13.99 35.07 0.55
N TRP B 15 12.95 34.32 0.89
CA TRP B 15 12.97 32.87 0.83
C TRP B 15 11.81 32.36 0.01
N ALA B 16 12.10 31.48 -0.95
CA ALA B 16 11.10 30.88 -1.83
C ALA B 16 10.91 29.43 -1.46
N ILE B 17 9.65 28.99 -1.38
CA ILE B 17 9.36 27.66 -0.89
C ILE B 17 9.93 26.61 -1.84
N TYR B 18 10.60 25.63 -1.28
CA TYR B 18 11.28 24.59 -2.02
C TYR B 18 10.54 23.26 -2.03
N SER B 19 10.06 22.79 -0.88
CA SER B 19 9.43 21.48 -0.83
C SER B 19 8.37 21.44 0.25
N LYS B 20 7.52 20.43 0.17
CA LYS B 20 6.49 20.15 1.14
C LYS B 20 6.00 18.72 0.92
N ASP B 21 6.07 17.87 1.95
CA ASP B 21 5.84 16.45 1.74
C ASP B 21 4.43 15.99 2.05
N ASN B 22 3.69 16.71 2.90
CA ASN B 22 2.33 16.35 3.28
C ASN B 22 2.29 14.92 3.85
N GLY B 23 3.23 14.65 4.75
CA GLY B 23 3.39 13.30 5.25
C GLY B 23 2.22 12.82 6.08
N ILE B 24 1.68 13.68 6.93
CA ILE B 24 0.63 13.24 7.85
C ILE B 24 -0.73 13.24 7.17
N ARG B 25 -0.96 14.15 6.22
CA ARG B 25 -2.17 14.09 5.43
C ARG B 25 -2.23 12.83 4.59
N ILE B 26 -1.09 12.43 4.01
CA ILE B 26 -1.05 11.21 3.22
C ILE B 26 -1.06 9.98 4.13
N GLY B 27 -0.40 10.06 5.28
CA GLY B 27 -0.28 8.93 6.18
C GLY B 27 -1.56 8.52 6.86
N SER B 28 -2.64 9.29 6.69
CA SER B 28 -3.92 8.87 7.23
C SER B 28 -4.40 7.58 6.59
N LYS B 29 -4.23 7.45 5.27
CA LYS B 29 -4.59 6.23 4.55
C LYS B 29 -3.38 5.45 4.07
N GLY B 30 -2.35 6.11 3.57
CA GLY B 30 -1.18 5.44 3.07
C GLY B 30 -0.29 4.91 4.18
N ASP B 31 0.70 4.13 3.79
CA ASP B 31 1.65 3.53 4.71
C ASP B 31 2.85 4.46 4.84
N VAL B 32 2.78 5.38 5.79
CA VAL B 32 3.79 6.41 5.98
C VAL B 32 4.37 6.28 7.38
N PHE B 33 5.69 6.42 7.50
CA PHE B 33 6.38 6.25 8.76
C PHE B 33 5.92 7.28 9.79
N VAL B 34 5.99 6.91 11.06
CA VAL B 34 5.97 7.86 12.16
C VAL B 34 7.40 8.33 12.35
N ILE B 35 7.71 9.52 11.84
CA ILE B 35 9.06 10.06 11.87
C ILE B 35 9.07 11.19 12.89
N ARG B 36 10.23 11.80 13.13
CA ARG B 36 10.40 13.11 13.79
C ARG B 36 11.81 13.57 13.40
N GLU B 37 12.20 14.79 13.73
CA GLU B 37 13.53 15.36 13.43
C GLU B 37 13.94 15.16 11.99
N PRO B 38 13.17 15.52 10.93
CA PRO B 38 13.69 15.43 9.57
C PRO B 38 14.77 16.48 9.37
N PHE B 39 15.62 16.23 8.38
CA PHE B 39 16.52 17.27 7.92
C PHE B 39 16.89 16.99 6.49
N ILE B 40 17.32 18.04 5.80
CA ILE B 40 17.62 17.97 4.38
C ILE B 40 19.11 18.18 4.20
N SER B 41 19.74 17.27 3.46
CA SER B 41 21.14 17.38 3.11
C SER B 41 21.26 17.14 1.62
N CYS B 42 22.07 17.96 0.96
CA CYS B 42 22.18 17.92 -0.49
C CYS B 42 23.53 17.34 -0.89
N SER B 43 23.52 16.49 -1.90
CA SER B 43 24.74 16.00 -2.50
C SER B 43 25.10 16.92 -3.66
N HIS B 44 26.00 16.48 -4.53
CA HIS B 44 26.33 17.24 -5.73
C HIS B 44 25.42 16.90 -6.90
N LEU B 45 24.40 16.06 -6.68
CA LEU B 45 23.47 15.68 -7.73
C LEU B 45 22.01 15.83 -7.31
N GLU B 46 21.72 15.71 -6.02
CA GLU B 46 20.35 15.71 -5.55
C GLU B 46 20.33 16.21 -4.12
N CYS B 47 19.12 16.35 -3.57
CA CYS B 47 18.90 16.65 -2.17
C CYS B 47 17.98 15.60 -1.59
N ARG B 48 18.29 15.14 -0.38
CA ARG B 48 17.52 14.09 0.28
C ARG B 48 17.05 14.58 1.63
N THR B 49 15.93 14.02 2.09
CA THR B 49 15.39 14.28 3.40
C THR B 49 15.70 13.10 4.31
N PHE B 50 16.43 13.34 5.38
CA PHE B 50 16.76 12.33 6.37
C PHE B 50 15.83 12.49 7.57
N PHE B 51 15.36 11.36 8.08
CA PHE B 51 14.41 11.39 9.19
C PHE B 51 14.70 10.22 10.12
N LEU B 52 14.23 10.36 11.35
CA LEU B 52 14.40 9.33 12.37
C LEU B 52 13.05 8.67 12.61
N THR B 53 12.85 7.49 12.05
CA THR B 53 11.59 6.78 12.21
C THR B 53 11.46 6.27 13.63
N GLN B 54 10.23 5.99 14.04
CA GLN B 54 9.96 5.37 15.32
C GLN B 54 9.86 3.85 15.20
N GLY B 55 10.11 3.31 14.01
CA GLY B 55 9.97 1.89 13.78
C GLY B 55 8.55 1.43 13.47
N ALA B 56 7.62 2.37 13.33
CA ALA B 56 6.22 2.03 13.14
C ALA B 56 5.62 2.95 12.10
N LEU B 57 4.50 2.52 11.52
CA LEU B 57 3.77 3.30 10.54
C LEU B 57 2.73 4.17 11.22
N LEU B 58 2.27 5.18 10.49
CA LEU B 58 1.32 6.14 11.03
C LEU B 58 -0.09 5.58 10.96
N ASN B 59 -0.88 5.89 11.99
CA ASN B 59 -2.24 5.36 12.13
C ASN B 59 -2.21 3.84 12.32
N ASP B 60 -1.33 3.38 13.20
CA ASP B 60 -1.14 1.98 13.50
C ASP B 60 -1.01 1.85 15.02
N LYS B 61 -1.27 0.65 15.54
CA LYS B 61 -1.21 0.43 16.98
C LYS B 61 0.22 0.46 17.52
N HIS B 62 1.23 0.31 16.66
CA HIS B 62 2.61 0.39 17.12
C HIS B 62 3.11 1.82 17.23
N SER B 63 2.31 2.79 16.79
CA SER B 63 2.63 4.20 16.99
C SER B 63 2.19 4.69 18.37
N ASN B 64 1.64 3.86 19.21
CA ASN B 64 1.19 4.25 20.55
C ASN B 64 2.41 4.58 21.37
N GLY B 65 2.40 5.73 21.98
CA GLY B 65 3.48 6.24 22.80
C GLY B 65 4.77 6.49 22.07
N THR B 66 4.70 7.12 20.90
CA THR B 66 5.87 7.50 20.14
C THR B 66 6.33 8.91 20.44
N VAL B 67 5.95 9.45 21.60
CA VAL B 67 6.50 10.73 22.06
C VAL B 67 7.93 10.55 22.54
N LYS B 68 8.32 9.31 22.80
CA LYS B 68 9.64 9.04 23.35
C LYS B 68 10.70 9.05 22.26
N ASP B 69 11.84 9.64 22.60
CA ASP B 69 12.92 9.89 21.67
C ASP B 69 13.94 8.76 21.57
N ARG B 70 14.16 8.00 22.63
CA ARG B 70 15.18 6.96 22.64
C ARG B 70 14.53 5.60 22.80
N SER B 71 14.61 4.79 21.76
CA SER B 71 14.14 3.41 21.78
C SER B 71 15.03 2.59 20.85
N PRO B 72 15.11 1.28 21.07
CA PRO B 72 15.95 0.45 20.19
C PRO B 72 15.37 0.22 18.80
N TYR B 73 14.21 0.80 18.50
CA TYR B 73 13.55 0.60 17.22
C TYR B 73 13.72 1.75 16.26
N ARG B 74 14.24 2.89 16.71
CA ARG B 74 14.43 4.03 15.84
C ARG B 74 15.57 3.79 14.87
N THR B 75 15.37 4.20 13.63
CA THR B 75 16.36 4.07 12.58
C THR B 75 16.41 5.37 11.80
N LEU B 76 17.55 5.64 11.19
CA LEU B 76 17.72 6.78 10.31
C LEU B 76 17.53 6.31 8.87
N MET B 77 16.62 6.96 8.15
CA MET B 77 16.37 6.64 6.76
C MET B 77 16.43 7.92 5.95
N SER B 78 16.21 7.81 4.64
CA SER B 78 16.21 8.96 3.77
C SER B 78 15.33 8.69 2.58
N CYS B 79 14.64 9.73 2.13
CA CYS B 79 13.81 9.70 0.94
C CYS B 79 14.13 10.94 0.12
N PRO B 80 13.83 10.93 -1.18
CA PRO B 80 14.02 12.15 -1.97
C PRO B 80 13.17 13.29 -1.42
N VAL B 81 13.68 14.51 -1.57
CA VAL B 81 13.03 15.65 -0.95
C VAL B 81 11.62 15.81 -1.50
N GLY B 82 10.70 16.25 -0.65
CA GLY B 82 9.34 16.48 -1.04
C GLY B 82 8.46 15.26 -1.17
N GLU B 83 8.89 14.11 -0.68
CA GLU B 83 8.10 12.89 -0.74
C GLU B 83 7.83 12.38 0.65
N ALA B 84 6.65 11.80 0.83
CA ALA B 84 6.26 11.30 2.13
C ALA B 84 7.11 10.09 2.51
N PRO B 85 7.60 10.01 3.75
CA PRO B 85 8.43 8.87 4.14
C PRO B 85 7.63 7.59 4.30
N SER B 86 7.80 6.65 3.39
CA SER B 86 7.12 5.38 3.43
C SER B 86 8.14 4.26 3.32
N PRO B 87 7.82 3.06 3.81
CA PRO B 87 8.77 1.95 3.69
C PRO B 87 9.05 1.54 2.26
N TYR B 88 8.24 1.97 1.29
CA TYR B 88 8.39 1.56 -0.09
C TYR B 88 9.18 2.56 -0.94
N ASN B 89 9.61 3.68 -0.37
CA ASN B 89 10.43 4.61 -1.15
C ASN B 89 11.57 5.19 -0.32
N SER B 90 11.87 4.60 0.83
CA SER B 90 12.89 5.12 1.73
C SER B 90 14.10 4.21 1.73
N ARG B 91 15.27 4.81 1.90
CA ARG B 91 16.54 4.10 1.96
C ARG B 91 17.02 4.06 3.40
N PHE B 92 17.39 2.88 3.87
CA PHE B 92 17.87 2.72 5.23
C PHE B 92 19.30 3.20 5.35
N GLU B 93 19.57 3.97 6.40
CA GLU B 93 20.89 4.58 6.58
C GLU B 93 21.60 4.03 7.81
N SER B 94 21.00 4.09 8.99
CA SER B 94 21.67 3.67 10.21
C SER B 94 20.62 3.39 11.27
N VAL B 95 21.03 2.70 12.32
CA VAL B 95 20.20 2.48 13.51
C VAL B 95 20.59 3.53 14.53
N ALA B 96 19.65 4.43 14.86
CA ALA B 96 20.00 5.60 15.63
C ALA B 96 18.76 6.20 16.26
N TRP B 97 18.93 6.77 17.46
CA TRP B 97 17.95 7.69 18.02
C TRP B 97 18.46 9.12 18.03
N SER B 98 19.69 9.33 17.57
CA SER B 98 20.23 10.66 17.31
C SER B 98 21.17 10.53 16.12
N ALA B 99 21.12 11.47 15.17
CA ALA B 99 21.83 11.25 13.93
C ALA B 99 22.16 12.57 13.26
N SER B 100 23.10 12.48 12.31
CA SER B 100 23.39 13.55 11.36
C SER B 100 24.03 12.90 10.15
N ALA B 101 23.99 13.59 9.01
CA ALA B 101 24.48 13.04 7.77
C ALA B 101 24.84 14.14 6.81
N CYS B 102 25.90 13.94 6.03
CA CYS B 102 26.25 14.90 4.99
C CYS B 102 27.12 14.23 3.94
N HIS B 103 27.25 14.90 2.80
CA HIS B 103 27.85 14.38 1.59
C HIS B 103 29.10 15.19 1.25
N ASP B 104 30.22 14.51 1.07
CA ASP B 104 31.49 15.19 0.80
C ASP B 104 31.76 15.40 -0.68
N GLY B 105 30.82 15.07 -1.55
CA GLY B 105 31.04 15.13 -2.98
C GLY B 105 31.38 13.80 -3.59
N ILE B 106 31.64 12.77 -2.80
CA ILE B 106 31.93 11.43 -3.27
C ILE B 106 30.96 10.40 -2.71
N SER B 107 30.78 10.40 -1.39
CA SER B 107 29.90 9.42 -0.75
C SER B 107 29.24 10.07 0.45
N TRP B 108 28.15 9.45 0.90
CA TRP B 108 27.41 9.94 2.05
C TRP B 108 28.09 9.50 3.34
N LEU B 109 28.21 10.43 4.28
CA LEU B 109 28.66 10.13 5.62
C LEU B 109 27.46 10.16 6.54
N THR B 110 27.29 9.10 7.31
CA THR B 110 26.16 8.98 8.22
C THR B 110 26.67 8.71 9.63
N ILE B 111 26.17 9.47 10.59
CA ILE B 111 26.49 9.30 12.00
C ILE B 111 25.22 8.91 12.73
N GLY B 112 25.25 7.81 13.45
CA GLY B 112 24.07 7.35 14.13
C GLY B 112 24.35 6.88 15.54
N ILE B 113 23.67 7.48 16.52
CA ILE B 113 23.90 7.21 17.93
C ILE B 113 22.80 6.29 18.43
N SER B 114 23.21 5.18 19.07
CA SER B 114 22.27 4.24 19.65
C SER B 114 22.98 3.56 20.81
N GLY B 115 22.18 2.99 21.71
CA GLY B 115 22.72 2.34 22.88
C GLY B 115 22.11 2.91 24.14
N PRO B 116 22.55 2.42 25.30
CA PRO B 116 22.00 2.90 26.56
C PRO B 116 22.38 4.35 26.80
N ASP B 117 21.68 4.97 27.75
CA ASP B 117 21.95 6.38 28.03
C ASP B 117 23.35 6.61 28.56
N ASN B 118 23.88 5.70 29.38
CA ASN B 118 25.20 5.87 29.94
C ASN B 118 26.29 5.18 29.11
N GLY B 119 25.95 4.63 27.95
CA GLY B 119 26.97 4.02 27.12
C GLY B 119 26.74 4.15 25.63
N ALA B 120 26.03 5.18 25.19
CA ALA B 120 25.66 5.30 23.79
C ALA B 120 26.91 5.39 22.92
N VAL B 121 26.84 4.77 21.73
CA VAL B 121 27.94 4.72 20.79
C VAL B 121 27.47 5.24 19.45
N ALA B 122 28.24 6.16 18.86
CA ALA B 122 27.97 6.69 17.54
C ALA B 122 28.67 5.83 16.50
N VAL B 123 27.92 5.33 15.53
CA VAL B 123 28.45 4.47 14.48
C VAL B 123 28.56 5.29 13.21
N LEU B 124 29.78 5.48 12.73
CA LEU B 124 30.04 6.29 11.55
C LEU B 124 30.10 5.40 10.32
N LYS B 125 29.18 5.60 9.40
CA LYS B 125 29.13 4.88 8.13
C LYS B 125 29.54 5.80 7.01
N TYR B 126 30.37 5.30 6.10
CA TYR B 126 30.76 6.04 4.92
C TYR B 126 30.51 5.16 3.71
N ASN B 127 29.61 5.60 2.83
CA ASN B 127 29.16 4.81 1.68
C ASN B 127 28.48 3.52 2.12
N GLY B 128 27.83 3.53 3.28
CA GLY B 128 27.14 2.36 3.78
C GLY B 128 27.98 1.36 4.52
N ILE B 129 29.26 1.66 4.75
CA ILE B 129 30.19 0.74 5.39
C ILE B 129 30.63 1.37 6.71
N ILE B 130 30.54 0.61 7.80
CA ILE B 130 30.95 1.13 9.10
C ILE B 130 32.44 1.38 9.09
N THR B 131 32.84 2.60 9.42
CA THR B 131 34.24 3.01 9.35
C THR B 131 34.85 3.37 10.69
N ASP B 132 34.06 3.88 11.63
CA ASP B 132 34.59 4.30 12.92
C ASP B 132 33.44 4.40 13.89
N THR B 133 33.77 4.38 15.18
CA THR B 133 32.77 4.57 16.23
C THR B 133 33.30 5.54 17.27
N ILE B 134 32.38 6.31 17.86
CA ILE B 134 32.69 7.24 18.93
C ILE B 134 31.83 6.87 20.12
N LYS B 135 32.45 6.61 21.26
CA LYS B 135 31.74 6.22 22.47
C LYS B 135 31.58 7.41 23.40
N SER B 136 30.48 7.41 24.14
CA SER B 136 30.19 8.48 25.09
C SER B 136 31.32 8.61 26.10
N TRP B 137 31.78 9.83 26.31
CA TRP B 137 32.91 10.10 27.19
C TRP B 137 32.49 10.66 28.54
N ARG B 138 31.21 10.95 28.73
CA ARG B 138 30.70 11.36 30.04
C ARG B 138 29.64 10.41 30.57
N ASN B 139 29.31 9.36 29.83
CA ASN B 139 28.33 8.36 30.25
C ASN B 139 27.00 9.02 30.63
N ASN B 140 26.66 10.06 29.88
CA ASN B 140 25.35 10.66 29.92
C ASN B 140 24.80 10.58 28.50
N ILE B 141 23.61 11.15 28.27
CA ILE B 141 23.00 10.99 26.96
C ILE B 141 23.86 11.67 25.91
N LEU B 142 24.48 10.87 25.05
CA LEU B 142 25.28 11.38 23.94
C LEU B 142 24.35 11.74 22.79
N ARG B 143 24.56 12.92 22.21
CA ARG B 143 23.64 13.43 21.21
C ARG B 143 24.40 14.25 20.19
N THR B 144 23.79 14.41 19.02
CA THR B 144 24.42 15.08 17.90
C THR B 144 23.41 16.05 17.29
N GLN B 145 23.72 16.54 16.08
CA GLN B 145 23.10 17.76 15.58
C GLN B 145 21.61 17.61 15.31
N GLU B 146 21.19 16.47 14.75
CA GLU B 146 19.88 16.30 14.12
C GLU B 146 19.73 17.11 12.83
N SER B 147 20.82 17.60 12.25
CA SER B 147 20.80 18.26 10.96
C SER B 147 22.10 17.87 10.25
N GLU B 148 22.31 18.43 9.05
CA GLU B 148 23.45 18.01 8.28
C GLU B 148 24.75 18.51 8.91
N CYS B 149 25.77 17.69 8.84
CA CYS B 149 27.14 18.09 9.07
C CYS B 149 27.68 18.84 7.85
N ALA B 150 28.82 19.50 8.03
CA ALA B 150 29.38 20.37 7.01
C ALA B 150 30.73 19.87 6.53
N CYS B 151 30.83 19.56 5.24
CA CYS B 151 32.12 19.38 4.57
C CYS B 151 32.58 20.63 3.85
N VAL B 152 33.84 20.98 4.09
CA VAL B 152 34.61 21.92 3.29
C VAL B 152 35.87 21.19 2.84
N ASN B 153 36.08 20.94 1.56
CA ASN B 153 37.38 20.41 1.07
C ASN B 153 37.52 18.95 1.43
N GLY B 154 36.41 18.25 1.40
CA GLY B 154 36.51 16.82 1.64
C GLY B 154 36.45 16.40 3.09
N SER B 155 36.47 17.35 4.03
CA SER B 155 36.40 17.05 5.45
C SER B 155 35.07 17.54 6.02
N CYS B 156 34.29 16.62 6.59
CA CYS B 156 33.04 16.97 7.25
C CYS B 156 33.26 17.18 8.73
N PHE B 157 32.61 18.20 9.28
CA PHE B 157 32.74 18.62 10.66
C PHE B 157 31.39 18.47 11.36
N THR B 158 31.43 18.03 12.62
CA THR B 158 30.21 17.88 13.39
C THR B 158 30.51 18.21 14.84
N VAL B 159 29.45 18.51 15.59
CA VAL B 159 29.54 18.86 17.00
C VAL B 159 28.65 17.91 17.79
N MET B 160 29.20 17.33 18.86
CA MET B 160 28.47 16.40 19.71
C MET B 160 28.50 16.90 21.15
N THR B 161 27.50 16.48 21.92
CA THR B 161 27.33 16.91 23.30
C THR B 161 27.18 15.68 24.19
N ASP B 162 27.70 15.78 25.41
CA ASP B 162 27.60 14.68 26.36
C ASP B 162 27.63 15.27 27.76
N GLY B 163 26.53 15.16 28.49
CA GLY B 163 26.47 15.66 29.83
C GLY B 163 25.07 16.09 30.22
N PRO B 164 24.97 16.83 31.33
CA PRO B 164 23.65 17.25 31.82
C PRO B 164 22.91 18.11 30.81
N SER B 165 21.59 18.01 30.84
CA SER B 165 20.73 18.81 29.98
C SER B 165 20.23 20.07 30.68
N ASN B 166 20.58 20.28 31.95
CA ASN B 166 20.21 21.48 32.67
C ASN B 166 21.43 22.10 33.34
N GLY B 167 22.62 21.77 32.86
CA GLY B 167 23.82 22.29 33.46
C GLY B 167 24.98 22.20 32.51
N GLN B 168 26.17 22.43 33.04
CA GLN B 168 27.37 22.40 32.22
C GLN B 168 27.58 21.01 31.65
N ALA B 169 27.89 20.95 30.36
CA ALA B 169 28.09 19.68 29.68
C ALA B 169 29.47 19.65 29.02
N SER B 170 29.72 18.65 28.18
CA SER B 170 30.96 18.55 27.44
C SER B 170 30.67 18.65 25.95
N TYR B 171 31.44 19.48 25.27
CA TYR B 171 31.18 19.82 23.88
C TYR B 171 32.42 19.48 23.06
N LYS B 172 32.25 18.73 21.99
CA LYS B 172 33.39 18.32 21.18
C LYS B 172 33.09 18.62 19.71
N ILE B 173 34.13 19.06 19.01
CA ILE B 173 34.09 19.25 17.57
C ILE B 173 34.90 18.15 16.94
N PHE B 174 34.32 17.47 15.95
CA PHE B 174 34.95 16.35 15.28
C PHE B 174 35.25 16.70 13.83
N LYS B 175 36.46 16.35 13.38
CA LYS B 175 36.84 16.47 11.99
C LYS B 175 36.95 15.08 11.39
N ILE B 176 36.12 14.80 10.40
CA ILE B 176 35.97 13.46 9.85
C ILE B 176 36.34 13.48 8.38
N GLU B 177 37.23 12.58 7.98
CA GLU B 177 37.65 12.44 6.59
C GLU B 177 37.44 11.00 6.13
N LYS B 178 36.45 10.80 5.26
CA LYS B 178 36.15 9.48 4.70
C LYS B 178 35.81 8.48 5.80
N GLY B 179 35.08 8.94 6.81
CA GLY B 179 34.61 8.08 7.88
C GLY B 179 35.53 7.93 9.07
N LYS B 180 36.79 8.32 8.95
CA LYS B 180 37.74 8.31 10.05
C LYS B 180 37.72 9.65 10.75
N VAL B 181 37.66 9.62 12.08
CA VAL B 181 37.81 10.84 12.87
C VAL B 181 39.29 11.14 12.97
N VAL B 182 39.73 12.17 12.24
CA VAL B 182 41.14 12.48 12.13
C VAL B 182 41.58 13.50 13.19
N LYS B 183 40.65 14.27 13.71
CA LYS B 183 40.98 15.28 14.71
C LYS B 183 39.72 15.64 15.48
N SER B 184 39.89 15.91 16.77
CA SER B 184 38.78 16.35 17.59
C SER B 184 39.32 17.19 18.73
N VAL B 185 38.60 18.26 19.07
CA VAL B 185 38.92 19.09 20.22
C VAL B 185 37.68 19.22 21.08
N GLU B 186 37.89 19.41 22.37
CA GLU B 186 36.81 19.60 23.31
C GLU B 186 36.74 21.07 23.69
N MET B 187 35.61 21.69 23.41
CA MET B 187 35.48 23.13 23.55
C MET B 187 35.54 23.53 25.02
N ASN B 188 36.31 24.58 25.30
CA ASN B 188 36.43 25.16 26.63
C ASN B 188 35.46 26.34 26.67
N ALA B 189 34.20 26.04 26.98
CA ALA B 189 33.13 27.03 26.98
C ALA B 189 32.41 26.99 28.31
N PRO B 190 32.98 27.61 29.35
CA PRO B 190 32.30 27.65 30.64
C PRO B 190 31.09 28.58 30.59
N ASN B 191 30.03 28.18 31.30
CA ASN B 191 28.80 28.95 31.41
C ASN B 191 28.05 29.02 30.08
N TYR B 192 28.36 28.12 29.16
CA TYR B 192 27.71 28.03 27.86
C TYR B 192 26.98 26.70 27.76
N HIS B 193 26.06 26.61 26.80
CA HIS B 193 25.38 25.36 26.52
C HIS B 193 25.16 25.23 25.03
N TYR B 194 25.56 24.10 24.46
CA TYR B 194 25.41 23.83 23.04
C TYR B 194 24.67 22.52 22.87
N GLU B 195 23.54 22.57 22.16
CA GLU B 195 22.82 21.37 21.78
C GLU B 195 22.27 21.56 20.38
N GLU B 196 22.27 20.48 19.60
CA GLU B 196 21.56 20.43 18.33
C GLU B 196 21.96 21.58 17.42
N CYS B 197 23.27 21.69 17.20
CA CYS B 197 23.83 22.73 16.37
C CYS B 197 23.41 22.56 14.92
N SER B 198 23.26 23.67 14.22
CA SER B 198 22.99 23.68 12.79
C SER B 198 24.14 24.42 12.11
N CYS B 199 24.99 23.67 11.44
CA CYS B 199 26.26 24.17 10.93
C CYS B 199 26.20 24.34 9.42
N TYR B 200 26.87 25.40 8.93
CA TYR B 200 26.97 25.65 7.51
C TYR B 200 28.36 26.18 7.21
N PRO B 201 28.90 25.91 6.03
CA PRO B 201 30.20 26.48 5.65
C PRO B 201 30.10 27.88 5.09
N ASP B 202 31.11 28.69 5.38
CA ASP B 202 31.13 30.08 4.94
C ASP B 202 32.58 30.54 4.83
N ALA B 203 33.02 30.79 3.61
CA ALA B 203 34.36 31.32 3.33
C ALA B 203 35.45 30.40 3.86
N GLY B 204 35.23 29.09 3.74
CA GLY B 204 36.22 28.12 4.14
C GLY B 204 36.20 27.75 5.62
N ASP B 205 35.38 28.41 6.42
CA ASP B 205 35.21 28.10 7.83
C ASP B 205 33.83 27.52 8.05
N ILE B 206 33.59 27.04 9.27
CA ILE B 206 32.32 26.44 9.65
C ILE B 206 31.66 27.32 10.69
N MET B 207 30.35 27.49 10.58
CA MET B 207 29.59 28.31 11.51
C MET B 207 28.40 27.52 12.01
N CYS B 208 28.30 27.36 13.34
CA CYS B 208 27.24 26.57 13.95
C CYS B 208 26.45 27.44 14.90
N VAL B 209 25.12 27.41 14.77
CA VAL B 209 24.22 28.11 15.68
C VAL B 209 23.38 27.06 16.40
N CYS B 210 23.55 26.99 17.71
CA CYS B 210 23.07 25.87 18.51
C CYS B 210 21.95 26.32 19.44
N ARG B 211 21.50 25.39 20.29
CA ARG B 211 20.37 25.61 21.18
C ARG B 211 20.87 25.58 22.62
N ASP B 212 20.57 26.64 23.37
CA ASP B 212 20.95 26.74 24.77
C ASP B 212 19.78 26.24 25.61
N ASN B 213 19.95 25.08 26.21
CA ASN B 213 18.87 24.40 26.92
C ASN B 213 18.99 24.59 28.43
N TRP B 214 19.89 25.44 28.89
CA TRP B 214 20.17 25.57 30.31
C TRP B 214 19.77 26.93 30.88
N HIS B 215 20.37 28.02 30.42
CA HIS B 215 20.06 29.32 30.99
C HIS B 215 20.10 30.42 29.94
N GLY B 216 19.67 30.14 28.73
CA GLY B 216 19.77 31.11 27.64
C GLY B 216 18.56 31.08 26.74
N SER B 217 18.00 32.28 26.49
CA SER B 217 16.89 32.44 25.57
C SER B 217 17.31 33.02 24.23
N ASN B 218 18.58 33.36 24.05
CA ASN B 218 19.15 33.64 22.75
C ASN B 218 19.99 32.44 22.32
N ARG B 219 20.61 32.55 21.16
CA ARG B 219 21.26 31.33 20.71
C ARG B 219 22.78 31.46 20.76
N PRO B 220 23.48 30.43 21.18
CA PRO B 220 24.94 30.42 21.13
C PRO B 220 25.44 29.98 19.77
N TRP B 221 26.65 30.42 19.45
CA TRP B 221 27.28 30.03 18.20
C TRP B 221 28.73 29.65 18.44
N VAL B 222 29.26 28.82 17.55
CA VAL B 222 30.68 28.47 17.56
C VAL B 222 31.16 28.45 16.12
N SER B 223 32.29 29.12 15.87
CA SER B 223 32.88 29.16 14.55
C SER B 223 34.31 28.64 14.63
N PHE B 224 34.70 27.83 13.66
CA PHE B 224 36.02 27.23 13.68
C PHE B 224 36.50 27.02 12.25
N ASN B 225 37.81 26.88 12.10
CA ASN B 225 38.41 26.59 10.81
C ASN B 225 38.74 25.11 10.73
N GLN B 226 39.47 24.72 9.69
CA GLN B 226 39.79 23.32 9.46
C GLN B 226 40.81 22.78 10.46
N ASN B 227 41.42 23.65 11.26
CA ASN B 227 42.32 23.24 12.33
C ASN B 227 41.58 23.07 13.65
N LEU B 228 40.26 23.21 13.65
CA LEU B 228 39.42 23.17 14.83
C LEU B 228 39.89 24.21 15.86
N GLU B 229 40.12 25.42 15.35
CA GLU B 229 40.46 26.57 16.17
C GLU B 229 39.23 27.46 16.21
N TYR B 230 38.61 27.54 17.39
CA TYR B 230 37.22 27.93 17.52
C TYR B 230 37.06 29.28 18.22
N GLN B 231 35.89 29.88 18.03
CA GLN B 231 35.45 31.06 18.76
C GLN B 231 34.03 30.81 19.22
N ILE B 232 33.67 31.36 20.37
CA ILE B 232 32.36 31.11 20.97
C ILE B 232 31.72 32.45 21.33
N GLY B 233 30.41 32.41 21.48
CA GLY B 233 29.67 33.60 21.86
C GLY B 233 28.18 33.34 21.73
N TYR B 234 27.41 34.43 21.86
CA TYR B 234 25.98 34.41 21.68
C TYR B 234 25.59 35.46 20.66
N ILE B 235 24.37 35.35 20.12
CA ILE B 235 23.85 36.35 19.13
C ILE B 235 23.33 37.51 19.95
N CYS B 236 23.82 38.72 19.72
CA CYS B 236 23.52 39.89 20.57
C CYS B 236 22.24 40.59 20.18
N SER B 237 21.58 40.11 19.16
CA SER B 237 20.32 40.75 18.70
C SER B 237 19.25 40.57 19.73
N GLY B 238 18.66 41.67 20.09
CA GLY B 238 17.52 41.72 20.98
C GLY B 238 16.29 41.02 20.47
N ILE B 239 16.36 40.44 19.29
CA ILE B 239 15.27 39.64 18.73
C ILE B 239 15.63 38.19 19.01
N PHE B 240 15.16 37.68 20.14
CA PHE B 240 15.56 36.36 20.60
C PHE B 240 15.01 35.28 19.69
N GLY B 241 15.78 34.22 19.51
CA GLY B 241 15.41 33.18 18.57
C GLY B 241 14.98 31.89 19.20
N ASP B 242 15.22 31.73 20.50
CA ASP B 242 14.93 30.46 21.16
C ASP B 242 13.45 30.41 21.52
N ASN B 243 13.02 29.29 22.09
CA ASN B 243 11.62 29.12 22.47
C ASN B 243 11.52 28.09 23.59
N PRO B 244 11.07 28.48 24.79
CA PRO B 244 10.49 29.76 25.18
C PRO B 244 11.49 30.89 25.31
N ARG B 245 11.00 32.11 25.12
CA ARG B 245 11.82 33.32 25.14
C ARG B 245 11.00 34.45 25.73
N PRO B 246 11.64 35.50 26.22
CA PRO B 246 10.88 36.66 26.67
C PRO B 246 10.40 37.50 25.51
N ASN B 247 9.70 38.59 25.80
CA ASN B 247 9.35 39.52 24.74
C ASN B 247 10.59 40.26 24.27
N ASP B 248 10.54 40.75 23.04
CA ASP B 248 11.68 41.44 22.46
C ASP B 248 12.01 42.69 23.27
N GLY B 249 13.29 42.86 23.55
CA GLY B 249 13.76 44.03 24.25
C GLY B 249 15.25 44.22 24.02
N THR B 250 15.96 44.75 25.01
CA THR B 250 17.41 44.90 24.90
C THR B 250 18.04 43.53 25.05
N GLY B 251 18.74 43.09 24.00
CA GLY B 251 19.37 41.79 24.00
C GLY B 251 20.74 41.82 24.64
N SER B 252 21.43 40.66 24.63
CA SER B 252 22.80 40.54 25.25
C SER B 252 23.70 39.49 24.60
N CYS B 253 25.02 39.68 24.63
CA CYS B 253 26.01 38.76 24.01
C CYS B 253 26.44 37.64 24.95
N SER B 254 26.02 37.65 26.20
CA SER B 254 26.27 36.56 27.18
C SER B 254 24.95 35.82 27.24
N PRO B 255 24.76 34.72 27.96
CA PRO B 255 23.43 34.15 27.96
C PRO B 255 22.33 35.09 28.50
N MET B 256 21.12 35.06 27.93
CA MET B 256 19.94 35.80 28.46
C MET B 256 19.25 34.86 29.42
N PRO B 257 19.25 35.07 30.75
CA PRO B 257 18.72 34.10 31.72
C PRO B 257 17.21 34.04 31.77
N SER B 258 16.55 35.15 31.43
CA SER B 258 15.12 35.26 31.65
C SER B 258 14.35 34.33 30.72
N ASN B 259 13.56 33.44 31.31
CA ASN B 259 12.66 32.56 30.57
C ASN B 259 13.42 31.73 29.55
N GLY B 260 14.62 31.29 29.92
CA GLY B 260 15.50 30.69 28.96
C GLY B 260 15.89 29.25 29.17
N ALA B 261 15.40 28.62 30.24
CA ALA B 261 15.92 27.31 30.62
C ALA B 261 15.25 26.15 29.89
N TYR B 262 15.04 26.27 28.59
CA TYR B 262 14.66 25.20 27.66
C TYR B 262 14.99 25.72 26.27
N GLY B 263 14.46 25.08 25.23
CA GLY B 263 14.67 25.62 23.92
C GLY B 263 14.10 24.75 22.83
N VAL B 264 14.38 25.15 21.60
CA VAL B 264 14.07 24.38 20.40
C VAL B 264 15.21 24.59 19.42
N LYS B 265 15.53 23.54 18.65
CA LYS B 265 16.59 23.65 17.65
C LYS B 265 16.23 24.68 16.60
N GLY B 266 17.17 25.56 16.29
CA GLY B 266 16.94 26.61 15.33
C GLY B 266 18.17 26.91 14.51
N PHE B 267 18.21 28.07 13.87
CA PHE B 267 19.33 28.41 12.99
C PHE B 267 19.40 29.93 12.86
N SER B 268 20.43 30.38 12.16
CA SER B 268 20.64 31.78 11.83
C SER B 268 21.78 31.84 10.83
N PHE B 269 21.72 32.83 9.94
CA PHE B 269 22.75 33.06 8.95
C PHE B 269 23.40 34.41 9.20
N LYS B 270 24.71 34.43 9.23
CA LYS B 270 25.48 35.64 9.52
C LYS B 270 25.87 36.31 8.20
N TYR B 271 25.50 37.58 8.06
CA TYR B 271 25.84 38.38 6.88
C TYR B 271 26.57 39.62 7.37
N GLY B 272 27.87 39.52 7.56
CA GLY B 272 28.63 40.61 8.14
C GLY B 272 28.24 40.83 9.59
N ASN B 273 27.58 41.95 9.87
CA ASN B 273 27.02 42.20 11.19
C ASN B 273 25.55 41.87 11.29
N GLY B 274 24.88 41.59 10.16
CA GLY B 274 23.49 41.24 10.18
C GLY B 274 23.28 39.78 10.48
N VAL B 275 22.02 39.38 10.55
CA VAL B 275 21.66 38.01 10.83
C VAL B 275 20.25 37.76 10.33
N TRP B 276 20.04 36.57 9.75
CA TRP B 276 18.71 36.10 9.38
C TRP B 276 18.24 35.13 10.46
N ILE B 277 17.30 35.56 11.28
CA ILE B 277 16.84 34.79 12.44
C ILE B 277 15.58 34.03 12.06
N GLY B 278 15.60 32.72 12.25
CA GLY B 278 14.41 31.92 12.05
C GLY B 278 13.85 31.46 13.38
N ARG B 279 12.62 31.88 13.71
CA ARG B 279 12.07 31.64 15.03
C ARG B 279 10.56 31.45 14.93
N THR B 280 10.00 30.81 15.95
CA THR B 280 8.56 30.64 16.04
C THR B 280 7.88 31.95 16.39
N LYS B 281 6.60 32.06 16.03
CA LYS B 281 5.88 33.31 16.24
C LYS B 281 5.47 33.48 17.70
N SER B 282 5.10 32.40 18.37
CA SER B 282 4.70 32.49 19.76
C SER B 282 5.90 32.31 20.68
N THR B 283 5.93 33.07 21.76
CA THR B 283 7.05 33.05 22.68
C THR B 283 6.93 31.96 23.75
N SER B 284 5.86 31.18 23.73
CA SER B 284 5.63 30.22 24.81
C SER B 284 5.51 28.79 24.29
N SER B 285 4.98 28.63 23.07
CA SER B 285 4.79 27.32 22.48
C SER B 285 5.32 27.32 21.06
N ARG B 286 5.51 26.13 20.51
CA ARG B 286 6.05 25.98 19.16
C ARG B 286 4.91 26.13 18.15
N SER B 287 4.47 27.38 17.98
CA SER B 287 3.44 27.72 17.00
C SER B 287 3.95 28.87 16.15
N GLY B 288 3.82 28.72 14.83
CA GLY B 288 4.24 29.75 13.92
C GLY B 288 5.69 29.64 13.52
N PHE B 289 6.08 30.50 12.58
CA PHE B 289 7.47 30.61 12.15
C PHE B 289 7.61 31.86 11.31
N GLU B 290 8.71 32.58 11.50
CA GLU B 290 8.99 33.77 10.71
C GLU B 290 10.49 33.85 10.49
N MET B 291 10.88 34.59 9.46
CA MET B 291 12.28 34.90 9.21
C MET B 291 12.50 36.40 9.39
N ILE B 292 13.39 36.74 10.31
CA ILE B 292 13.69 38.13 10.65
C ILE B 292 15.05 38.49 10.06
N TRP B 293 15.16 39.71 9.54
CA TRP B 293 16.41 40.23 9.02
C TRP B 293 16.81 41.44 9.86
N ASP B 294 17.76 41.26 10.76
CA ASP B 294 18.27 42.34 11.58
C ASP B 294 19.60 42.79 11.00
N PRO B 295 19.68 43.96 10.38
CA PRO B 295 20.91 44.33 9.65
C PRO B 295 22.13 44.48 10.54
N ASN B 296 21.96 44.59 11.85
CA ASN B 296 23.07 44.71 12.78
C ASN B 296 22.88 43.80 13.99
N GLY B 297 22.23 42.65 13.79
CA GLY B 297 21.83 41.82 14.90
C GLY B 297 22.86 40.80 15.35
N TRP B 298 24.04 40.80 14.76
CA TRP B 298 25.06 39.88 15.23
C TRP B 298 25.92 40.49 16.32
N THR B 299 26.02 41.82 16.38
CA THR B 299 26.85 42.48 17.36
C THR B 299 26.13 43.57 18.15
N GLU B 300 24.99 44.05 17.67
CA GLU B 300 24.24 45.10 18.39
C GLU B 300 23.08 44.50 19.17
N THR B 301 22.70 45.11 20.28
CA THR B 301 21.69 44.53 21.19
C THR B 301 20.36 45.23 21.02
N ASP B 302 20.17 45.92 19.91
CA ASP B 302 18.88 46.56 19.67
C ASP B 302 17.83 45.49 19.42
N SER B 303 16.57 45.93 19.38
CA SER B 303 15.45 45.04 19.09
C SER B 303 14.73 45.45 17.81
N SER B 304 15.39 46.26 16.99
CA SER B 304 14.81 46.80 15.77
C SER B 304 15.36 46.04 14.58
N PHE B 305 14.47 45.50 13.75
CA PHE B 305 14.83 44.73 12.58
C PHE B 305 14.44 45.51 11.33
N SER B 306 14.64 44.89 10.17
CA SER B 306 14.34 45.49 8.87
C SER B 306 13.22 44.79 8.12
N VAL B 307 13.24 43.47 8.05
CA VAL B 307 12.30 42.72 7.23
C VAL B 307 11.80 41.51 8.01
N LYS B 308 10.51 41.22 7.86
CA LYS B 308 9.91 39.97 8.30
C LYS B 308 9.35 39.24 7.10
N GLN B 309 9.46 37.92 7.11
CA GLN B 309 8.73 37.09 6.16
C GLN B 309 8.04 35.99 6.92
N ASP B 310 6.74 35.80 6.66
CA ASP B 310 5.93 34.85 7.40
C ASP B 310 5.98 33.50 6.73
N ILE B 311 6.14 32.45 7.54
CA ILE B 311 6.24 31.08 7.05
C ILE B 311 5.05 30.24 7.47
N VAL B 312 4.64 30.25 8.72
CA VAL B 312 3.46 29.51 9.26
C VAL B 312 2.77 30.56 10.12
N GLU B 313 1.60 30.32 10.67
CA GLU B 313 0.81 31.34 11.40
C GLU B 313 0.77 31.02 12.89
N ILE B 314 0.50 31.99 13.75
CA ILE B 314 0.66 31.76 15.21
C ILE B 314 -0.31 30.68 15.63
N THR B 315 -1.22 30.30 14.76
CA THR B 315 -2.29 29.34 15.11
C THR B 315 -1.92 27.94 14.65
N ASP B 316 -0.82 27.79 13.91
CA ASP B 316 -0.46 26.48 13.38
C ASP B 316 0.83 26.01 14.02
N TRP B 317 0.90 24.69 14.22
CA TRP B 317 2.01 24.09 14.93
C TRP B 317 3.27 24.11 14.08
N SER B 318 4.39 24.35 14.73
CA SER B 318 5.70 24.25 14.11
C SER B 318 6.57 23.46 15.08
N GLY B 319 7.88 23.45 14.84
CA GLY B 319 8.74 22.54 15.58
C GLY B 319 10.20 22.86 15.37
N TYR B 320 11.01 21.85 15.13
CA TYR B 320 12.44 22.09 14.92
C TYR B 320 12.64 22.80 13.59
N SER B 321 13.76 23.49 13.46
CA SER B 321 14.15 24.02 12.16
C SER B 321 15.67 23.99 12.09
N GLY B 322 16.19 23.94 10.86
CA GLY B 322 17.62 23.84 10.69
C GLY B 322 18.00 24.40 9.34
N SER B 323 19.30 24.52 9.13
CA SER B 323 19.83 25.15 7.94
C SER B 323 20.64 24.15 7.13
N PHE B 324 20.46 24.19 5.81
CA PHE B 324 21.33 23.48 4.90
C PHE B 324 21.73 24.44 3.79
N VAL B 325 22.77 24.05 3.05
CA VAL B 325 23.28 24.85 1.96
C VAL B 325 23.33 23.98 0.71
N GLN B 326 23.31 24.65 -0.44
CA GLN B 326 23.48 24.00 -1.74
C GLN B 326 24.78 24.47 -2.34
N HIS B 327 25.74 23.56 -2.47
CA HIS B 327 27.08 23.92 -2.87
C HIS B 327 27.12 24.34 -4.34
N PRO B 328 28.11 25.15 -4.73
CA PRO B 328 28.17 25.61 -6.12
C PRO B 328 28.27 24.49 -7.14
N GLU B 329 28.78 23.32 -6.75
CA GLU B 329 28.80 22.19 -7.67
C GLU B 329 27.42 21.60 -7.90
N LEU B 330 26.43 21.99 -7.09
CA LEU B 330 25.06 21.55 -7.31
C LEU B 330 24.25 22.60 -8.07
N THR B 331 24.25 23.84 -7.57
CA THR B 331 23.48 24.90 -8.19
C THR B 331 24.14 25.48 -9.43
N GLY B 332 25.45 25.37 -9.57
CA GLY B 332 26.15 25.98 -10.67
C GLY B 332 26.50 27.44 -10.47
N LEU B 333 26.14 28.02 -9.34
CA LEU B 333 26.45 29.41 -9.06
C LEU B 333 27.90 29.56 -8.63
N ASP B 334 28.22 30.75 -8.16
CA ASP B 334 29.59 31.06 -7.71
C ASP B 334 29.56 31.29 -6.22
N CYS B 335 28.54 30.79 -5.54
CA CYS B 335 28.38 31.06 -4.10
C CYS B 335 27.55 29.96 -3.46
N MET B 336 27.59 29.88 -2.15
CA MET B 336 26.88 28.81 -1.45
C MET B 336 25.50 29.34 -1.15
N ARG B 337 24.46 28.60 -1.46
CA ARG B 337 23.08 29.11 -1.33
C ARG B 337 22.56 28.74 0.02
N PRO B 338 22.04 29.68 0.85
CA PRO B 338 21.46 29.27 2.13
C PRO B 338 20.00 28.85 1.99
N CYS B 339 19.68 27.72 2.62
CA CYS B 339 18.32 27.20 2.63
C CYS B 339 18.00 26.80 4.07
N PHE B 340 16.74 26.47 4.34
CA PHE B 340 16.36 25.99 5.66
C PHE B 340 15.11 25.13 5.56
N TRP B 341 14.89 24.33 6.58
CA TRP B 341 13.72 23.46 6.67
C TRP B 341 13.05 23.70 8.01
N VAL B 342 11.76 23.40 8.07
CA VAL B 342 10.99 23.51 9.30
C VAL B 342 10.22 22.20 9.51
N GLU B 343 10.17 21.75 10.75
CA GLU B 343 9.43 20.56 11.14
C GLU B 343 8.12 20.97 11.79
N LEU B 344 7.02 20.39 11.32
CA LEU B 344 5.69 20.74 11.79
C LEU B 344 5.16 19.56 12.60
N ILE B 345 5.27 19.66 13.92
CA ILE B 345 4.95 18.55 14.82
C ILE B 345 3.45 18.50 15.04
N ARG B 346 2.87 17.33 14.80
CA ARG B 346 1.47 17.05 15.08
C ARG B 346 1.38 15.86 16.02
N GLY B 347 0.49 15.95 16.99
CA GLY B 347 0.29 14.88 17.97
C GLY B 347 0.63 15.33 19.35
N ARG B 348 0.95 14.42 20.24
CA ARG B 348 1.34 14.73 21.62
C ARG B 348 2.63 15.51 21.55
N PRO B 349 3.05 16.30 22.54
CA PRO B 349 2.51 16.62 23.87
C PRO B 349 1.17 17.38 23.86
N LYS B 350 0.97 18.35 23.00
CA LYS B 350 -0.21 19.23 22.88
C LYS B 350 -1.56 18.63 22.46
N GLU B 351 -1.61 17.67 21.56
CA GLU B 351 -2.90 17.16 21.04
C GLU B 351 -3.23 15.81 21.64
N ASN B 352 -4.51 15.46 21.66
CA ASN B 352 -5.01 14.27 22.35
C ASN B 352 -4.99 13.10 21.39
N THR B 353 -3.78 12.62 21.09
CA THR B 353 -3.57 11.45 20.26
C THR B 353 -2.69 10.49 21.07
N ILE B 354 -2.35 9.35 20.47
CA ILE B 354 -1.42 8.41 21.07
C ILE B 354 -0.02 8.52 20.49
N TRP B 355 0.15 9.28 19.41
CA TRP B 355 1.37 9.35 18.64
C TRP B 355 1.82 10.80 18.52
N THR B 356 3.08 10.99 18.15
CA THR B 356 3.56 12.27 17.68
C THR B 356 4.39 12.05 16.43
N SER B 357 4.23 12.93 15.46
CA SER B 357 4.95 12.84 14.19
C SER B 357 5.14 14.25 13.69
N GLY B 358 5.84 14.38 12.56
CA GLY B 358 6.06 15.69 11.98
C GLY B 358 6.33 15.58 10.50
N SER B 359 5.71 16.46 9.74
CA SER B 359 6.04 16.67 8.34
C SER B 359 7.00 17.85 8.26
N SER B 360 7.39 18.21 7.05
CA SER B 360 8.39 19.25 6.88
C SER B 360 8.08 20.11 5.67
N ILE B 361 8.56 21.36 5.73
CA ILE B 361 8.60 22.27 4.60
C ILE B 361 10.00 22.84 4.53
N SER B 362 10.39 23.32 3.36
CA SER B 362 11.74 23.83 3.22
C SER B 362 11.76 24.99 2.24
N PHE B 363 12.63 25.96 2.51
CA PHE B 363 12.72 27.20 1.75
C PHE B 363 14.18 27.43 1.36
N CYS B 364 14.37 28.11 0.23
CA CYS B 364 15.71 28.46 -0.22
C CYS B 364 15.78 29.94 -0.53
N GLY B 365 16.88 30.57 -0.13
CA GLY B 365 17.00 32.02 -0.25
C GLY B 365 17.35 32.46 -1.66
N VAL B 366 16.61 33.46 -2.14
CA VAL B 366 16.74 33.98 -3.48
C VAL B 366 16.90 35.50 -3.41
N ASN B 367 17.44 36.08 -4.47
CA ASN B 367 17.59 37.52 -4.58
C ASN B 367 16.46 38.20 -5.33
N SER B 368 15.42 37.47 -5.72
CA SER B 368 14.30 38.03 -6.45
C SER B 368 13.10 38.21 -5.52
N ASP B 369 11.95 38.54 -6.09
CA ASP B 369 10.76 38.84 -5.29
C ASP B 369 10.14 37.56 -4.73
N THR B 370 9.68 37.65 -3.48
CA THR B 370 9.07 36.53 -2.79
C THR B 370 7.88 37.05 -2.00
N VAL B 371 7.12 36.12 -1.40
CA VAL B 371 5.92 36.46 -0.66
C VAL B 371 5.88 35.63 0.60
N GLY B 372 5.23 36.18 1.63
CA GLY B 372 5.02 35.48 2.89
C GLY B 372 3.58 34.98 2.96
N TRP B 373 3.44 33.73 3.41
CA TRP B 373 2.15 33.07 3.49
C TRP B 373 2.21 32.14 4.70
N SER B 374 1.30 31.17 4.74
CA SER B 374 1.35 30.12 5.75
C SER B 374 1.19 28.79 5.06
N TRP B 375 2.19 27.92 5.22
CA TRP B 375 2.18 26.56 4.69
C TRP B 375 2.15 25.61 5.88
N PRO B 376 0.97 25.35 6.44
CA PRO B 376 0.91 24.55 7.67
C PRO B 376 0.93 23.06 7.39
N ASP B 377 0.77 22.26 8.42
CA ASP B 377 0.79 20.81 8.26
C ASP B 377 -0.47 20.33 7.55
N GLY B 378 -1.63 20.81 7.98
CA GLY B 378 -2.87 20.52 7.31
C GLY B 378 -3.53 19.21 7.68
N ALA B 379 -3.00 18.48 8.66
CA ALA B 379 -3.58 17.21 9.04
C ALA B 379 -4.78 17.43 9.96
N GLU B 380 -5.86 16.65 9.84
CA GLU B 380 -7.05 16.86 10.65
C GLU B 380 -7.08 15.74 11.66
N LEU B 381 -6.82 16.01 12.92
CA LEU B 381 -6.67 15.11 14.05
C LEU B 381 -7.91 15.15 14.95
N PRO B 382 -8.17 14.08 15.70
CA PRO B 382 -7.39 12.84 15.79
C PRO B 382 -7.67 11.83 14.67
N PHE B 383 -6.82 10.82 14.56
CA PHE B 383 -6.95 9.81 13.53
C PHE B 383 -7.88 8.70 13.98
N THR B 384 -7.94 7.62 13.19
CA THR B 384 -8.80 6.49 13.53
C THR B 384 -8.25 5.71 14.71
N ILE B 385 -6.92 5.61 14.82
CA ILE B 385 -6.33 4.78 15.86
C ILE B 385 -6.52 5.42 17.23
N ASP B 386 -6.82 6.72 17.28
CA ASP B 386 -7.02 7.41 18.54
C ASP B 386 -8.42 7.23 19.09
N LYS B 387 -9.32 6.62 18.34
CA LYS B 387 -10.72 6.51 18.73
C LYS B 387 -10.98 5.19 19.44
N VAL C 1 20.25 16.58 -25.57
CA VAL C 1 20.43 17.26 -26.89
C VAL C 1 19.24 18.21 -27.12
N THR C 2 19.50 19.51 -27.17
CA THR C 2 18.37 20.48 -27.25
C THR C 2 17.59 20.21 -28.52
N LEU C 3 16.27 20.42 -28.48
CA LEU C 3 15.41 20.20 -29.66
C LEU C 3 15.43 21.45 -30.52
N ALA C 4 16.01 21.37 -31.73
CA ALA C 4 16.10 22.53 -32.65
C ALA C 4 14.71 23.01 -33.07
N GLY C 5 13.77 22.10 -33.26
CA GLY C 5 12.39 22.52 -33.55
C GLY C 5 12.27 23.37 -34.78
N ASN C 6 13.04 23.09 -35.82
CA ASN C 6 12.84 23.77 -37.11
C ASN C 6 11.80 22.95 -37.87
N SER C 7 11.31 21.85 -37.29
CA SER C 7 10.36 20.95 -37.97
C SER C 7 8.89 21.36 -37.85
N SER C 8 8.12 20.99 -38.88
CA SER C 8 6.67 21.28 -38.95
C SER C 8 5.88 20.07 -38.51
N LEU C 9 4.59 20.25 -38.24
CA LEU C 9 3.76 19.16 -37.69
C LEU C 9 3.63 18.05 -38.72
N CYS C 10 3.63 16.80 -38.26
CA CYS C 10 3.62 15.62 -39.14
C CYS C 10 2.28 15.55 -39.81
N PRO C 11 2.13 15.04 -41.05
CA PRO C 11 0.80 14.85 -41.64
C PRO C 11 0.00 13.74 -40.92
N ILE C 12 -1.29 13.93 -40.65
CA ILE C 12 -2.06 12.94 -39.85
C ILE C 12 -3.45 12.75 -40.44
N SER C 13 -4.13 11.64 -40.13
CA SER C 13 -5.51 11.41 -40.51
C SER C 13 -6.39 11.00 -39.34
N GLY C 14 -5.81 10.70 -38.19
CA GLY C 14 -6.58 10.24 -37.05
C GLY C 14 -5.69 10.13 -35.84
N TRP C 15 -6.28 9.69 -34.74
CA TRP C 15 -5.61 9.63 -33.46
C TRP C 15 -5.72 8.23 -32.88
N ALA C 16 -4.57 7.70 -32.45
CA ALA C 16 -4.49 6.37 -31.86
C ALA C 16 -4.22 6.50 -30.37
N ILE C 17 -4.94 5.72 -29.58
CA ILE C 17 -4.87 5.87 -28.13
C ILE C 17 -3.48 5.51 -27.64
N TYR C 18 -2.93 6.36 -26.79
CA TYR C 18 -1.58 6.23 -26.27
C TYR C 18 -1.51 5.71 -24.85
N SER C 19 -2.33 6.24 -23.94
CA SER C 19 -2.23 5.85 -22.54
C SER C 19 -3.58 5.96 -21.87
N LYS C 20 -3.68 5.33 -20.71
CA LYS C 20 -4.86 5.36 -19.86
C LYS C 20 -4.46 4.86 -18.48
N ASP C 21 -4.66 5.66 -17.44
CA ASP C 21 -4.09 5.33 -16.13
C ASP C 21 -5.04 4.62 -15.19
N ASN C 22 -6.35 4.78 -15.37
CA ASN C 22 -7.36 4.16 -14.51
C ASN C 22 -7.12 4.54 -13.04
N GLY C 23 -6.91 5.83 -12.82
CA GLY C 23 -6.51 6.29 -11.50
C GLY C 23 -7.59 6.13 -10.45
N ILE C 24 -8.84 6.43 -10.83
CA ILE C 24 -9.92 6.43 -9.84
C ILE C 24 -10.45 5.02 -9.62
N ARG C 25 -10.43 4.17 -10.65
CA ARG C 25 -10.76 2.77 -10.45
C ARG C 25 -9.77 2.09 -9.53
N ILE C 26 -8.48 2.38 -9.69
CA ILE C 26 -7.46 1.81 -8.83
C ILE C 26 -7.50 2.45 -7.45
N GLY C 27 -7.75 3.75 -7.39
CA GLY C 27 -7.71 4.49 -6.15
C GLY C 27 -8.83 4.15 -5.18
N SER C 28 -9.79 3.34 -5.59
CA SER C 28 -10.82 2.87 -4.66
C SER C 28 -10.22 2.06 -3.53
N LYS C 29 -9.27 1.17 -3.84
CA LYS C 29 -8.56 0.37 -2.85
C LYS C 29 -7.13 0.80 -2.64
N GLY C 30 -6.40 1.11 -3.71
CA GLY C 30 -5.02 1.50 -3.61
C GLY C 30 -4.85 2.91 -3.09
N ASP C 31 -3.60 3.25 -2.80
CA ASP C 31 -3.25 4.56 -2.27
C ASP C 31 -2.89 5.47 -3.45
N VAL C 32 -3.90 6.16 -3.98
CA VAL C 32 -3.74 6.99 -5.18
C VAL C 32 -4.12 8.42 -4.82
N PHE C 33 -3.35 9.37 -5.32
CA PHE C 33 -3.55 10.78 -5.01
C PHE C 33 -4.92 11.27 -5.51
N VAL C 34 -5.45 12.26 -4.81
CA VAL C 34 -6.52 13.09 -5.35
C VAL C 34 -5.85 14.19 -6.16
N ILE C 35 -5.85 14.02 -7.48
CA ILE C 35 -5.18 14.95 -8.38
C ILE C 35 -6.25 15.74 -9.12
N ARG C 36 -5.78 16.74 -9.85
CA ARG C 36 -6.57 17.34 -10.92
C ARG C 36 -5.63 18.11 -11.84
N GLU C 37 -6.09 18.33 -13.06
CA GLU C 37 -5.34 19.03 -14.10
C GLU C 37 -4.04 18.30 -14.44
N PRO C 38 -4.11 17.05 -14.87
CA PRO C 38 -2.91 16.37 -15.34
C PRO C 38 -2.49 16.94 -16.67
N PHE C 39 -1.22 16.76 -17.00
CA PHE C 39 -0.78 17.03 -18.36
C PHE C 39 0.44 16.19 -18.63
N ILE C 40 0.70 15.98 -19.91
CA ILE C 40 1.78 15.10 -20.36
C ILE C 40 2.82 15.96 -21.07
N SER C 41 4.07 15.80 -20.65
CA SER C 41 5.19 16.47 -21.29
C SER C 41 6.26 15.43 -21.54
N CYS C 42 6.86 15.48 -22.72
CA CYS C 42 7.82 14.46 -23.15
C CYS C 42 9.22 15.04 -23.15
N SER C 43 10.17 14.26 -22.67
CA SER C 43 11.57 14.60 -22.77
C SER C 43 12.12 13.98 -24.06
N HIS C 44 13.44 13.91 -24.20
CA HIS C 44 14.05 13.24 -25.33
C HIS C 44 14.26 11.76 -25.08
N LEU C 45 13.79 11.24 -23.95
CA LEU C 45 13.94 9.83 -23.62
C LEU C 45 12.63 9.19 -23.20
N GLU C 46 11.72 9.96 -22.61
CA GLU C 46 10.49 9.41 -22.05
C GLU C 46 9.41 10.49 -22.08
N CYS C 47 8.20 10.09 -21.68
CA CYS C 47 7.09 11.01 -21.48
C CYS C 47 6.56 10.82 -20.06
N ARG C 48 6.26 11.92 -19.39
CA ARG C 48 5.79 11.89 -18.02
C ARG C 48 4.45 12.60 -17.91
N THR C 49 3.66 12.20 -16.93
CA THR C 49 2.39 12.84 -16.62
C THR C 49 2.56 13.70 -15.37
N PHE C 50 2.33 15.00 -15.52
CA PHE C 50 2.40 15.93 -14.42
C PHE C 50 1.00 16.23 -13.92
N PHE C 51 0.84 16.28 -12.60
CA PHE C 51 -0.48 16.49 -12.01
C PHE C 51 -0.34 17.36 -10.79
N LEU C 52 -1.44 17.98 -10.39
CA LEU C 52 -1.50 18.84 -9.21
C LEU C 52 -2.29 18.11 -8.14
N THR C 53 -1.59 17.54 -7.17
CA THR C 53 -2.25 16.81 -6.10
C THR C 53 -2.96 17.79 -5.17
N GLN C 54 -3.93 17.27 -4.42
CA GLN C 54 -4.60 18.05 -3.40
C GLN C 54 -3.97 17.87 -2.04
N GLY C 55 -2.87 17.13 -1.96
CA GLY C 55 -2.22 16.84 -0.70
C GLY C 55 -2.81 15.68 0.05
N ALA C 56 -3.76 14.96 -0.54
CA ALA C 56 -4.47 13.89 0.13
C ALA C 56 -4.66 12.72 -0.81
N LEU C 57 -4.89 11.54 -0.25
CA LEU C 57 -5.14 10.34 -1.02
C LEU C 57 -6.63 10.18 -1.28
N LEU C 58 -6.94 9.35 -2.27
CA LEU C 58 -8.31 9.15 -2.69
C LEU C 58 -9.00 8.15 -1.77
N ASN C 59 -10.29 8.40 -1.50
CA ASN C 59 -11.07 7.61 -0.57
C ASN C 59 -10.53 7.74 0.85
N ASP C 60 -10.24 8.98 1.25
CA ASP C 60 -9.70 9.30 2.57
C ASP C 60 -10.46 10.53 3.07
N LYS C 61 -10.43 10.72 4.39
CA LYS C 61 -11.15 11.85 4.99
C LYS C 61 -10.51 13.19 4.69
N HIS C 62 -9.25 13.21 4.26
CA HIS C 62 -8.59 14.46 3.89
C HIS C 62 -8.93 14.90 2.48
N SER C 63 -9.63 14.07 1.72
CA SER C 63 -10.13 14.45 0.41
C SER C 63 -11.45 15.19 0.49
N ASN C 64 -11.92 15.50 1.68
CA ASN C 64 -13.15 16.27 1.87
C ASN C 64 -12.94 17.65 1.31
N GLY C 65 -13.88 18.08 0.54
CA GLY C 65 -13.85 19.41 -0.02
C GLY C 65 -12.63 19.72 -0.86
N THR C 66 -12.26 18.80 -1.74
CA THR C 66 -11.16 19.01 -2.67
C THR C 66 -11.64 19.56 -4.00
N VAL C 67 -12.81 20.20 -4.03
CA VAL C 67 -13.24 20.93 -5.23
C VAL C 67 -12.47 22.22 -5.36
N LYS C 68 -11.82 22.66 -4.29
CA LYS C 68 -11.14 23.93 -4.28
C LYS C 68 -9.77 23.81 -4.94
N ASP C 69 -9.44 24.83 -5.72
CA ASP C 69 -8.25 24.85 -6.56
C ASP C 69 -7.02 25.42 -5.88
N ARG C 70 -7.17 26.37 -4.95
CA ARG C 70 -6.03 27.02 -4.32
C ARG C 70 -6.01 26.69 -2.84
N SER C 71 -4.99 25.94 -2.43
CA SER C 71 -4.74 25.63 -1.03
C SER C 71 -3.24 25.50 -0.83
N PRO C 72 -2.74 25.69 0.38
CA PRO C 72 -1.31 25.57 0.63
C PRO C 72 -0.78 24.15 0.61
N TYR C 73 -1.64 23.16 0.36
CA TYR C 73 -1.25 21.76 0.37
C TYR C 73 -1.05 21.18 -1.02
N ARG C 74 -1.45 21.88 -2.07
CA ARG C 74 -1.29 21.37 -3.42
C ARG C 74 0.18 21.39 -3.83
N THR C 75 0.59 20.33 -4.50
CA THR C 75 1.95 20.20 -5.00
C THR C 75 1.90 19.66 -6.41
N LEU C 76 2.93 19.97 -7.19
CA LEU C 76 3.09 19.44 -8.54
C LEU C 76 4.00 18.22 -8.47
N MET C 77 3.53 17.09 -8.99
CA MET C 77 4.32 15.88 -9.02
C MET C 77 4.30 15.33 -10.44
N SER C 78 4.97 14.20 -10.65
CA SER C 78 4.99 13.56 -11.95
C SER C 78 5.21 12.08 -11.78
N CYS C 79 4.57 11.30 -12.64
CA CYS C 79 4.71 9.86 -12.70
C CYS C 79 4.90 9.48 -14.17
N PRO C 80 5.45 8.30 -14.44
CA PRO C 80 5.54 7.87 -15.84
C PRO C 80 4.16 7.73 -16.45
N VAL C 81 4.08 7.98 -17.75
CA VAL C 81 2.77 8.03 -18.41
C VAL C 81 2.07 6.69 -18.28
N GLY C 82 0.75 6.74 -18.13
CA GLY C 82 -0.05 5.54 -18.05
C GLY C 82 -0.07 4.85 -16.71
N GLU C 83 0.43 5.49 -15.65
CA GLU C 83 0.45 4.89 -14.33
C GLU C 83 -0.35 5.75 -13.37
N ALA C 84 -1.01 5.10 -12.43
CA ALA C 84 -1.85 5.81 -11.47
C ALA C 84 -0.98 6.64 -10.54
N PRO C 85 -1.35 7.88 -10.26
CA PRO C 85 -0.52 8.70 -9.37
C PRO C 85 -0.62 8.28 -7.91
N SER C 86 0.44 7.68 -7.38
CA SER C 86 0.48 7.24 -6.00
C SER C 86 1.72 7.82 -5.34
N PRO C 87 1.72 7.95 -4.02
CA PRO C 87 2.91 8.46 -3.33
C PRO C 87 4.13 7.58 -3.46
N TYR C 88 3.96 6.32 -3.88
CA TYR C 88 5.05 5.36 -3.97
C TYR C 88 5.67 5.28 -5.35
N ASN C 89 5.16 6.01 -6.35
CA ASN C 89 5.79 5.98 -7.67
C ASN C 89 5.83 7.37 -8.30
N SER C 90 5.60 8.41 -7.53
CA SER C 90 5.55 9.77 -8.04
C SER C 90 6.77 10.55 -7.58
N ARG C 91 7.21 11.46 -8.44
CA ARG C 91 8.35 12.33 -8.17
C ARG C 91 7.84 13.73 -7.87
N PHE C 92 8.32 14.31 -6.78
CA PHE C 92 7.91 15.64 -6.38
C PHE C 92 8.62 16.69 -7.23
N GLU C 93 7.86 17.67 -7.70
CA GLU C 93 8.39 18.69 -8.59
C GLU C 93 8.39 20.07 -7.97
N SER C 94 7.25 20.55 -7.48
CA SER C 94 7.16 21.91 -6.97
C SER C 94 5.93 22.00 -6.07
N VAL C 95 5.89 23.06 -5.27
CA VAL C 95 4.71 23.39 -4.47
C VAL C 95 3.93 24.44 -5.24
N ALA C 96 2.71 24.08 -5.67
CA ALA C 96 1.99 24.92 -6.62
C ALA C 96 0.52 24.58 -6.59
N TRP C 97 -0.32 25.61 -6.81
CA TRP C 97 -1.71 25.38 -7.17
C TRP C 97 -1.98 25.76 -8.63
N SER C 98 -0.95 26.22 -9.33
CA SER C 98 -0.98 26.41 -10.78
C SER C 98 0.42 26.13 -11.30
N ALA C 99 0.55 25.42 -12.40
CA ALA C 99 1.86 24.94 -12.78
C ALA C 99 1.93 24.69 -14.28
N SER C 100 3.16 24.59 -14.77
CA SER C 100 3.48 24.08 -16.10
C SER C 100 4.91 23.58 -16.07
N ALA C 101 5.25 22.72 -17.02
CA ALA C 101 6.57 22.10 -17.01
C ALA C 101 6.91 21.63 -18.42
N CYS C 102 8.19 21.74 -18.79
CA CYS C 102 8.63 21.21 -20.06
C CYS C 102 10.14 20.97 -20.03
N HIS C 103 10.61 20.22 -21.02
CA HIS C 103 11.97 19.70 -21.07
C HIS C 103 12.67 20.29 -22.29
N ASP C 104 13.85 20.87 -22.09
CA ASP C 104 14.59 21.52 -23.16
C ASP C 104 15.56 20.59 -23.87
N GLY C 105 15.57 19.31 -23.53
CA GLY C 105 16.54 18.38 -24.07
C GLY C 105 17.71 18.12 -23.15
N ILE C 106 17.84 18.89 -22.07
CA ILE C 106 18.90 18.69 -21.08
C ILE C 106 18.33 18.46 -19.69
N SER C 107 17.42 19.32 -19.25
CA SER C 107 16.86 19.22 -17.91
C SER C 107 15.42 19.69 -17.93
N TRP C 108 14.67 19.29 -16.91
CA TRP C 108 13.28 19.68 -16.79
C TRP C 108 13.15 21.08 -16.22
N LEU C 109 12.30 21.89 -16.83
CA LEU C 109 11.94 23.20 -16.31
C LEU C 109 10.55 23.10 -15.69
N THR C 110 10.42 23.54 -14.45
CA THR C 110 9.17 23.47 -13.72
C THR C 110 8.81 24.86 -13.23
N ILE C 111 7.56 25.26 -13.49
CA ILE C 111 7.03 26.53 -13.02
C ILE C 111 5.88 26.23 -12.07
N GLY C 112 5.94 26.78 -10.87
CA GLY C 112 4.92 26.51 -9.88
C GLY C 112 4.48 27.74 -9.14
N ILE C 113 3.18 28.03 -9.19
CA ILE C 113 2.63 29.24 -8.60
C ILE C 113 1.96 28.88 -7.28
N SER C 114 2.33 29.60 -6.22
CA SER C 114 1.75 29.41 -4.91
C SER C 114 1.83 30.73 -4.16
N GLY C 115 0.99 30.88 -3.15
CA GLY C 115 0.94 32.10 -2.39
C GLY C 115 -0.46 32.66 -2.33
N PRO C 116 -0.63 33.81 -1.69
CA PRO C 116 -1.97 34.41 -1.59
C PRO C 116 -2.46 34.85 -2.96
N ASP C 117 -3.77 35.12 -3.03
CA ASP C 117 -4.35 35.53 -4.30
C ASP C 117 -3.80 36.85 -4.79
N ASN C 118 -3.53 37.80 -3.89
CA ASN C 118 -3.03 39.10 -4.29
C ASN C 118 -1.50 39.18 -4.24
N GLY C 119 -0.82 38.08 -3.97
CA GLY C 119 0.63 38.11 -3.98
C GLY C 119 1.30 36.85 -4.46
N ALA C 120 0.63 36.06 -5.30
CA ALA C 120 1.18 34.77 -5.70
C ALA C 120 2.50 34.94 -6.42
N VAL C 121 3.41 33.99 -6.19
CA VAL C 121 4.75 34.01 -6.76
C VAL C 121 5.00 32.71 -7.48
N ALA C 122 5.49 32.79 -8.72
CA ALA C 122 5.86 31.62 -9.50
C ALA C 122 7.32 31.29 -9.25
N VAL C 123 7.59 30.05 -8.84
CA VAL C 123 8.94 29.61 -8.52
C VAL C 123 9.43 28.73 -9.66
N LEU C 124 10.46 29.18 -10.36
CA LEU C 124 11.00 28.48 -11.52
C LEU C 124 12.15 27.59 -11.10
N LYS C 125 11.97 26.28 -11.26
CA LYS C 125 13.00 25.29 -10.96
C LYS C 125 13.55 24.74 -12.25
N TYR C 126 14.87 24.59 -12.31
CA TYR C 126 15.53 23.98 -13.45
C TYR C 126 16.45 22.88 -12.92
N ASN C 127 16.17 21.63 -13.31
CA ASN C 127 16.87 20.47 -12.79
C ASN C 127 16.69 20.33 -11.27
N GLY C 128 15.56 20.77 -10.76
CA GLY C 128 15.27 20.67 -9.34
C GLY C 128 15.84 21.75 -8.48
N ILE C 129 16.45 22.78 -9.07
CA ILE C 129 17.10 23.87 -8.33
C ILE C 129 16.36 25.16 -8.66
N ILE C 130 15.97 25.89 -7.63
CA ILE C 130 15.26 27.15 -7.84
C ILE C 130 16.18 28.13 -8.53
N THR C 131 15.74 28.67 -9.67
CA THR C 131 16.58 29.54 -10.48
C THR C 131 16.04 30.96 -10.61
N ASP C 132 14.73 31.16 -10.55
CA ASP C 132 14.15 32.48 -10.72
C ASP C 132 12.74 32.45 -10.16
N THR C 133 12.21 33.63 -9.88
CA THR C 133 10.83 33.77 -9.44
C THR C 133 10.16 34.92 -10.17
N ILE C 134 8.87 34.76 -10.42
CA ILE C 134 8.04 35.79 -11.04
C ILE C 134 6.90 36.11 -10.09
N LYS C 135 6.76 37.38 -9.72
CA LYS C 135 5.73 37.80 -8.80
C LYS C 135 4.57 38.42 -9.55
N SER C 136 3.37 38.25 -9.00
CA SER C 136 2.16 38.79 -9.59
C SER C 136 2.27 40.30 -9.77
N TRP C 137 1.95 40.78 -10.97
CA TRP C 137 2.09 42.19 -11.31
C TRP C 137 0.76 42.94 -11.28
N ARG C 138 -0.36 42.25 -11.10
CA ARG C 138 -1.65 42.90 -10.92
C ARG C 138 -2.29 42.57 -9.58
N ASN C 139 -1.63 41.79 -8.74
CA ASN C 139 -2.13 41.43 -7.41
C ASN C 139 -3.54 40.86 -7.49
N ASN C 140 -3.77 40.09 -8.55
CA ASN C 140 -4.96 39.26 -8.68
C ASN C 140 -4.45 37.83 -8.85
N ILE C 141 -5.37 36.89 -9.07
CA ILE C 141 -4.95 35.50 -9.11
C ILE C 141 -4.03 35.30 -10.30
N LEU C 142 -2.75 35.03 -10.02
CA LEU C 142 -1.76 34.73 -11.04
C LEU C 142 -1.86 33.27 -11.42
N ARG C 143 -1.88 33.00 -12.73
CA ARG C 143 -2.14 31.64 -13.19
C ARG C 143 -1.36 31.40 -14.47
N THR C 144 -1.15 30.11 -14.78
CA THR C 144 -0.33 29.70 -15.91
C THR C 144 -1.08 28.59 -16.65
N GLN C 145 -0.37 27.90 -17.53
CA GLN C 145 -1.01 27.13 -18.59
C GLN C 145 -1.80 25.94 -18.08
N GLU C 146 -1.27 25.22 -17.08
CA GLU C 146 -1.72 23.88 -16.71
C GLU C 146 -1.41 22.83 -17.77
N SER C 147 -0.54 23.14 -18.71
CA SER C 147 -0.06 22.16 -19.68
C SER C 147 1.41 22.46 -19.94
N GLU C 148 2.03 21.72 -20.85
CA GLU C 148 3.45 21.89 -21.06
C GLU C 148 3.76 23.22 -21.73
N CYS C 149 4.85 23.83 -21.31
CA CYS C 149 5.48 24.92 -22.04
C CYS C 149 6.25 24.37 -23.23
N ALA C 150 6.65 25.27 -24.13
CA ALA C 150 7.26 24.88 -25.39
C ALA C 150 8.69 25.41 -25.49
N CYS C 151 9.66 24.50 -25.63
CA CYS C 151 11.02 24.85 -26.05
C CYS C 151 11.22 24.62 -27.53
N VAL C 152 11.79 25.65 -28.18
CA VAL C 152 12.40 25.57 -29.50
C VAL C 152 13.83 26.05 -29.35
N ASN C 153 14.82 25.19 -29.61
CA ASN C 153 16.24 25.63 -29.66
C ASN C 153 16.75 26.00 -28.28
N GLY C 154 16.31 25.27 -27.27
CA GLY C 154 16.83 25.49 -25.94
C GLY C 154 16.11 26.55 -25.12
N SER C 155 15.17 27.27 -25.71
CA SER C 155 14.41 28.28 -25.00
C SER C 155 12.96 27.85 -24.87
N CYS C 156 12.47 27.74 -23.63
CA CYS C 156 11.07 27.42 -23.37
C CYS C 156 10.26 28.69 -23.21
N PHE C 157 9.06 28.68 -23.76
CA PHE C 157 8.15 29.81 -23.78
C PHE C 157 6.88 29.45 -23.03
N THR C 158 6.34 30.41 -22.28
CA THR C 158 5.12 30.18 -21.53
C THR C 158 4.32 31.48 -21.51
N VAL C 159 3.02 31.35 -21.23
CA VAL C 159 2.10 32.47 -21.15
C VAL C 159 1.42 32.47 -19.79
N MET C 160 1.42 33.62 -19.13
CA MET C 160 0.80 33.75 -17.82
C MET C 160 -0.24 34.87 -17.85
N THR C 161 -1.21 34.78 -16.94
CA THR C 161 -2.32 35.71 -16.87
C THR C 161 -2.42 36.25 -15.46
N ASP C 162 -2.83 37.52 -15.35
CA ASP C 162 -3.00 38.14 -14.04
C ASP C 162 -4.06 39.23 -14.18
N GLY C 163 -5.20 39.04 -13.53
CA GLY C 163 -6.25 40.02 -13.57
C GLY C 163 -7.62 39.40 -13.42
N PRO C 164 -8.66 40.18 -13.73
CA PRO C 164 -10.03 39.69 -13.56
C PRO C 164 -10.30 38.46 -14.41
N SER C 165 -11.18 37.60 -13.90
CA SER C 165 -11.61 36.40 -14.61
C SER C 165 -12.89 36.61 -15.41
N ASN C 166 -13.49 37.81 -15.31
CA ASN C 166 -14.68 38.13 -16.10
C ASN C 166 -14.51 39.45 -16.84
N GLY C 167 -13.27 39.87 -17.04
CA GLY C 167 -13.03 41.12 -17.71
C GLY C 167 -11.62 41.16 -18.26
N GLN C 168 -11.22 42.36 -18.68
CA GLN C 168 -9.90 42.54 -19.26
C GLN C 168 -8.83 42.22 -18.23
N ALA C 169 -7.83 41.46 -18.64
CA ALA C 169 -6.75 41.06 -17.76
C ALA C 169 -5.41 41.46 -18.35
N SER C 170 -4.32 40.98 -17.77
CA SER C 170 -2.98 41.25 -18.28
C SER C 170 -2.34 39.95 -18.71
N TYR C 171 -1.76 39.94 -19.90
CA TYR C 171 -1.25 38.73 -20.53
C TYR C 171 0.22 38.94 -20.84
N LYS C 172 1.06 38.01 -20.41
CA LYS C 172 2.49 38.13 -20.64
C LYS C 172 3.03 36.86 -21.25
N ILE C 173 3.97 37.01 -22.17
CA ILE C 173 4.71 35.91 -22.76
C ILE C 173 6.12 35.94 -22.19
N PHE C 174 6.59 34.81 -21.68
CA PHE C 174 7.90 34.71 -21.05
C PHE C 174 8.81 33.83 -21.89
N LYS C 175 10.05 34.27 -22.07
CA LYS C 175 11.08 33.49 -22.71
C LYS C 175 12.10 33.09 -21.66
N ILE C 176 12.24 31.78 -21.43
CA ILE C 176 13.03 31.25 -20.33
C ILE C 176 14.15 30.39 -20.90
N GLU C 177 15.38 30.66 -20.47
CA GLU C 177 16.55 29.89 -20.88
C GLU C 177 17.28 29.38 -19.65
N LYS C 178 17.20 28.07 -19.41
CA LYS C 178 17.89 27.43 -18.29
C LYS C 178 17.43 28.01 -16.96
N GLY C 179 16.14 28.30 -16.85
CA GLY C 179 15.54 28.77 -15.62
C GLY C 179 15.54 30.27 -15.42
N LYS C 180 16.32 31.02 -16.20
CA LYS C 180 16.30 32.47 -16.17
C LYS C 180 15.30 33.02 -17.16
N VAL C 181 14.49 33.96 -16.72
CA VAL C 181 13.62 34.69 -17.64
C VAL C 181 14.44 35.74 -18.35
N VAL C 182 14.74 35.50 -19.63
CA VAL C 182 15.64 36.36 -20.38
C VAL C 182 14.89 37.45 -21.13
N LYS C 183 13.61 37.25 -21.39
CA LYS C 183 12.82 38.23 -22.11
C LYS C 183 11.34 37.99 -21.83
N SER C 184 10.58 39.07 -21.74
CA SER C 184 9.14 38.97 -21.56
C SER C 184 8.49 40.20 -22.16
N VAL C 185 7.34 40.00 -22.80
CA VAL C 185 6.53 41.08 -23.33
C VAL C 185 5.12 40.90 -22.81
N GLU C 186 4.42 42.02 -22.67
CA GLU C 186 3.03 42.02 -22.23
C GLU C 186 2.14 42.28 -23.43
N MET C 187 1.26 41.33 -23.73
CA MET C 187 0.47 41.39 -24.95
C MET C 187 -0.53 42.53 -24.90
N ASN C 188 -0.60 43.27 -26.01
CA ASN C 188 -1.56 44.36 -26.18
C ASN C 188 -2.73 43.77 -26.93
N ALA C 189 -3.66 43.17 -26.19
CA ALA C 189 -4.81 42.47 -26.76
C ALA C 189 -6.09 43.00 -26.12
N PRO C 190 -6.56 44.17 -26.55
CA PRO C 190 -7.81 44.69 -25.99
C PRO C 190 -9.00 43.87 -26.47
N ASN C 191 -9.97 43.70 -25.58
CA ASN C 191 -11.21 42.98 -25.87
C ASN C 191 -10.97 41.49 -26.10
N TYR C 192 -9.83 40.98 -25.64
CA TYR C 192 -9.47 39.58 -25.73
C TYR C 192 -9.35 39.00 -24.33
N HIS C 193 -9.38 37.67 -24.24
CA HIS C 193 -9.14 37.00 -22.99
C HIS C 193 -8.35 35.72 -23.23
N TYR C 194 -7.26 35.54 -22.50
CA TYR C 194 -6.41 34.37 -22.63
C TYR C 194 -6.26 33.73 -21.26
N GLU C 195 -6.63 32.46 -21.16
CA GLU C 195 -6.41 31.67 -19.97
C GLU C 195 -6.03 30.26 -20.39
N GLU C 196 -5.11 29.66 -19.64
CA GLU C 196 -4.83 28.23 -19.74
C GLU C 196 -4.49 27.84 -21.17
N CYS C 197 -3.51 28.53 -21.72
CA CYS C 197 -3.08 28.29 -23.09
C CYS C 197 -2.43 26.92 -23.23
N SER C 198 -2.61 26.32 -24.39
CA SER C 198 -1.94 25.06 -24.74
C SER C 198 -1.07 25.33 -25.95
N CYS C 199 0.25 25.38 -25.74
CA CYS C 199 1.20 25.84 -26.73
C CYS C 199 1.97 24.67 -27.31
N TYR C 200 2.28 24.76 -28.60
CA TYR C 200 3.09 23.76 -29.28
C TYR C 200 3.99 24.47 -30.28
N PRO C 201 5.17 23.93 -30.56
CA PRO C 201 6.04 24.52 -31.57
C PRO C 201 5.70 24.05 -32.98
N ASP C 202 5.90 24.95 -33.93
CA ASP C 202 5.57 24.66 -35.33
C ASP C 202 6.43 25.53 -36.21
N ALA C 203 7.36 24.91 -36.95
CA ALA C 203 8.22 25.60 -37.92
C ALA C 203 9.04 26.69 -37.26
N GLY C 204 9.52 26.44 -36.04
CA GLY C 204 10.36 27.38 -35.35
C GLY C 204 9.64 28.47 -34.58
N ASP C 205 8.32 28.54 -34.69
CA ASP C 205 7.50 29.49 -33.95
C ASP C 205 6.66 28.73 -32.94
N ILE C 206 5.98 29.47 -32.07
CA ILE C 206 5.15 28.91 -31.03
C ILE C 206 3.71 29.28 -31.32
N MET C 207 2.80 28.33 -31.10
CA MET C 207 1.38 28.55 -31.34
C MET C 207 0.60 28.13 -30.10
N CYS C 208 -0.17 29.05 -29.54
CA CYS C 208 -0.93 28.79 -28.33
C CYS C 208 -2.42 29.00 -28.60
N VAL C 209 -3.23 28.02 -28.20
CA VAL C 209 -4.68 28.12 -28.28
C VAL C 209 -5.24 28.11 -26.86
N CYS C 210 -5.87 29.20 -26.47
CA CYS C 210 -6.19 29.46 -25.08
C CYS C 210 -7.70 29.42 -24.87
N ARG C 211 -8.12 29.75 -23.64
CA ARG C 211 -9.52 29.69 -23.23
C ARG C 211 -10.01 31.09 -22.94
N ASP C 212 -11.12 31.47 -23.58
CA ASP C 212 -11.72 32.78 -23.38
C ASP C 212 -12.82 32.63 -22.33
N ASN C 213 -12.56 33.17 -21.15
CA ASN C 213 -13.44 32.98 -20.01
C ASN C 213 -14.33 34.19 -19.76
N TRP C 214 -14.35 35.15 -20.68
CA TRP C 214 -15.05 36.41 -20.47
C TRP C 214 -16.23 36.60 -21.40
N HIS C 215 -16.01 36.66 -22.72
CA HIS C 215 -17.11 36.90 -23.64
C HIS C 215 -16.93 36.17 -24.95
N GLY C 216 -16.39 34.96 -24.92
CA GLY C 216 -16.09 34.23 -26.14
C GLY C 216 -16.37 32.75 -26.02
N SER C 217 -17.11 32.22 -26.98
CA SER C 217 -17.39 30.79 -27.06
C SER C 217 -16.56 30.07 -28.11
N ASN C 218 -15.73 30.79 -28.86
CA ASN C 218 -14.69 30.19 -29.67
C ASN C 218 -13.36 30.40 -28.96
N ARG C 219 -12.29 29.94 -29.58
CA ARG C 219 -11.06 30.01 -28.82
C ARG C 219 -10.10 31.04 -29.40
N PRO C 220 -9.44 31.81 -28.55
CA PRO C 220 -8.41 32.74 -29.02
C PRO C 220 -7.05 32.04 -29.17
N TRP C 221 -6.22 32.61 -30.03
CA TRP C 221 -4.90 32.07 -30.23
C TRP C 221 -3.88 33.21 -30.26
N VAL C 222 -2.64 32.88 -29.95
CA VAL C 222 -1.53 33.81 -30.05
C VAL C 222 -0.34 33.04 -30.61
N SER C 223 0.31 33.62 -31.62
CA SER C 223 1.48 33.02 -32.24
C SER C 223 2.62 34.01 -32.17
N PHE C 224 3.82 33.53 -31.85
CA PHE C 224 4.97 34.40 -31.71
C PHE C 224 6.23 33.63 -32.07
N ASN C 225 7.27 34.38 -32.40
CA ASN C 225 8.57 33.81 -32.70
C ASN C 225 9.47 33.94 -31.48
N GLN C 226 10.75 33.63 -31.65
CA GLN C 226 11.70 33.64 -30.55
C GLN C 226 12.04 35.07 -30.09
N ASN C 227 11.62 36.08 -30.83
CA ASN C 227 11.77 37.47 -30.43
C ASN C 227 10.56 37.97 -29.65
N LEU C 228 9.59 37.09 -29.39
CA LEU C 228 8.33 37.43 -28.74
C LEU C 228 7.60 38.53 -29.53
N GLU C 229 7.55 38.33 -30.85
CA GLU C 229 6.81 39.19 -31.75
C GLU C 229 5.56 38.43 -32.16
N TYR C 230 4.41 38.90 -31.70
CA TYR C 230 3.20 38.09 -31.60
C TYR C 230 2.12 38.54 -32.57
N GLN C 231 1.18 37.62 -32.80
CA GLN C 231 -0.06 37.90 -33.52
C GLN C 231 -1.21 37.29 -32.72
N ILE C 232 -2.36 37.94 -32.77
CA ILE C 232 -3.51 37.52 -31.97
C ILE C 232 -4.73 37.40 -32.88
N GLY C 233 -5.71 36.65 -32.39
CA GLY C 233 -6.94 36.46 -33.13
C GLY C 233 -7.77 35.38 -32.48
N TYR C 234 -8.83 35.00 -33.19
CA TYR C 234 -9.70 33.91 -32.77
C TYR C 234 -9.81 32.91 -33.91
N ILE C 235 -10.37 31.72 -33.59
CA ILE C 235 -10.59 30.66 -34.62
C ILE C 235 -11.90 31.00 -35.32
N CYS C 236 -11.96 30.96 -36.64
CA CYS C 236 -13.14 31.46 -37.36
C CYS C 236 -14.14 30.37 -37.71
N SER C 237 -13.92 29.12 -37.30
CA SER C 237 -14.80 28.01 -37.69
C SER C 237 -16.14 28.21 -37.04
N GLY C 238 -17.21 27.73 -37.64
CA GLY C 238 -18.50 27.78 -36.97
C GLY C 238 -18.57 26.53 -36.16
N ILE C 239 -17.43 25.87 -35.97
CA ILE C 239 -17.52 24.72 -35.08
C ILE C 239 -16.82 25.14 -33.79
N PHE C 240 -17.59 25.67 -32.86
CA PHE C 240 -17.03 26.25 -31.65
C PHE C 240 -16.42 25.19 -30.77
N GLY C 241 -15.33 25.54 -30.10
CA GLY C 241 -14.58 24.57 -29.32
C GLY C 241 -14.71 24.74 -27.83
N ASP C 242 -15.24 25.87 -27.38
CA ASP C 242 -15.30 26.16 -25.96
C ASP C 242 -16.49 25.45 -25.34
N ASN C 243 -16.67 25.57 -24.04
CA ASN C 243 -17.77 24.93 -23.34
C ASN C 243 -18.06 25.69 -22.05
N PRO C 244 -19.24 26.30 -21.91
CA PRO C 244 -20.42 26.23 -22.78
C PRO C 244 -20.29 27.01 -24.08
N ARG C 245 -21.03 26.57 -25.09
CA ARG C 245 -20.99 27.15 -26.42
C ARG C 245 -22.37 27.06 -27.02
N PRO C 246 -22.67 27.89 -28.03
CA PRO C 246 -23.96 27.74 -28.72
C PRO C 246 -23.96 26.56 -29.66
N ASN C 247 -25.07 26.33 -30.36
CA ASN C 247 -25.07 25.32 -31.40
C ASN C 247 -24.26 25.80 -32.59
N ASP C 248 -23.78 24.84 -33.37
CA ASP C 248 -22.95 25.18 -34.51
C ASP C 248 -23.72 26.02 -35.51
N GLY C 249 -23.09 27.09 -35.98
CA GLY C 249 -23.67 27.95 -36.98
C GLY C 249 -22.60 28.76 -37.68
N THR C 250 -22.92 29.99 -38.08
CA THR C 250 -21.93 30.85 -38.71
C THR C 250 -21.00 31.36 -37.62
N GLY C 251 -19.69 31.18 -37.72
CA GLY C 251 -18.78 31.58 -36.63
C GLY C 251 -18.08 32.90 -36.86
N SER C 252 -17.20 33.33 -35.96
CA SER C 252 -16.53 34.66 -36.07
C SER C 252 -15.04 34.62 -35.76
N CYS C 253 -14.27 35.57 -36.27
CA CYS C 253 -12.82 35.67 -35.98
C CYS C 253 -12.57 36.70 -34.88
N SER C 254 -13.61 37.11 -34.18
CA SER C 254 -13.53 38.07 -33.06
C SER C 254 -14.37 37.36 -32.03
N PRO C 255 -14.47 37.78 -30.77
CA PRO C 255 -15.19 36.95 -29.83
C PRO C 255 -16.64 36.61 -30.19
N MET C 256 -17.07 35.36 -30.02
CA MET C 256 -18.50 34.97 -30.20
C MET C 256 -19.20 35.22 -28.87
N PRO C 257 -19.96 36.29 -28.66
CA PRO C 257 -20.48 36.66 -27.34
C PRO C 257 -21.52 35.69 -26.80
N SER C 258 -22.25 35.03 -27.70
CA SER C 258 -23.41 34.24 -27.30
C SER C 258 -22.99 33.02 -26.49
N ASN C 259 -23.51 32.93 -25.27
CA ASN C 259 -23.32 31.77 -24.40
C ASN C 259 -21.83 31.49 -24.19
N GLY C 260 -21.05 32.55 -24.05
CA GLY C 260 -19.61 32.39 -24.06
C GLY C 260 -18.86 32.80 -22.81
N ALA C 261 -19.56 33.26 -21.78
CA ALA C 261 -18.88 33.86 -20.64
C ALA C 261 -18.41 32.85 -19.61
N TYR C 262 -17.83 31.74 -20.03
CA TYR C 262 -17.10 30.77 -19.21
C TYR C 262 -16.27 29.96 -20.18
N GLY C 263 -15.75 28.82 -19.74
CA GLY C 263 -15.06 27.97 -20.69
C GLY C 263 -14.43 26.76 -20.03
N VAL C 264 -13.68 26.03 -20.85
CA VAL C 264 -12.85 24.91 -20.40
C VAL C 264 -11.59 24.93 -21.24
N LYS C 265 -10.46 24.55 -20.61
CA LYS C 265 -9.19 24.50 -21.31
C LYS C 265 -9.26 23.49 -22.45
N GLY C 266 -8.80 23.89 -23.63
CA GLY C 266 -8.83 23.03 -24.79
C GLY C 266 -7.63 23.25 -25.68
N PHE C 267 -7.71 22.80 -26.93
CA PHE C 267 -6.57 22.90 -27.83
C PHE C 267 -7.08 22.87 -29.27
N SER C 268 -6.16 23.02 -30.19
CA SER C 268 -6.41 22.94 -31.62
C SER C 268 -5.07 22.94 -32.33
N PHE C 269 -5.00 22.26 -33.46
CA PHE C 269 -3.80 22.19 -34.27
C PHE C 269 -4.08 22.83 -35.62
N LYS C 270 -3.21 23.73 -36.04
CA LYS C 270 -3.37 24.45 -37.29
C LYS C 270 -2.60 23.75 -38.40
N TYR C 271 -3.30 23.42 -39.49
CA TYR C 271 -2.71 22.78 -40.65
C TYR C 271 -3.04 23.64 -41.85
N GLY C 272 -2.21 24.65 -42.11
CA GLY C 272 -2.50 25.60 -43.16
C GLY C 272 -3.72 26.43 -42.82
N ASN C 273 -4.81 26.22 -43.55
CA ASN C 273 -6.08 26.85 -43.23
C ASN C 273 -7.01 25.94 -42.43
N GLY C 274 -6.68 24.66 -42.31
CA GLY C 274 -7.50 23.75 -41.55
C GLY C 274 -7.19 23.81 -40.07
N VAL C 275 -7.94 23.01 -39.31
CA VAL C 275 -7.76 22.98 -37.87
C VAL C 275 -8.32 21.66 -37.36
N TRP C 276 -7.63 21.07 -36.40
CA TRP C 276 -8.12 19.90 -35.66
C TRP C 276 -8.65 20.39 -34.32
N ILE C 277 -9.98 20.38 -34.17
CA ILE C 277 -10.65 20.95 -33.01
C ILE C 277 -10.98 19.81 -32.04
N GLY C 278 -10.52 19.95 -30.81
CA GLY C 278 -10.88 19.00 -29.77
C GLY C 278 -11.85 19.62 -28.79
N ARG C 279 -13.05 19.06 -28.70
CA ARG C 279 -14.12 19.67 -27.93
C ARG C 279 -15.01 18.61 -27.32
N THR C 280 -15.73 19.00 -26.27
CA THR C 280 -16.70 18.12 -25.64
C THR C 280 -17.93 17.94 -26.53
N LYS C 281 -18.64 16.83 -26.33
CA LYS C 281 -19.79 16.54 -27.18
C LYS C 281 -21.01 17.37 -26.79
N SER C 282 -21.20 17.61 -25.50
CA SER C 282 -22.34 18.39 -25.05
C SER C 282 -21.98 19.86 -24.99
N THR C 283 -22.93 20.72 -25.37
CA THR C 283 -22.69 22.15 -25.42
C THR C 283 -22.94 22.85 -24.10
N SER C 284 -23.34 22.12 -23.05
CA SER C 284 -23.72 22.76 -21.81
C SER C 284 -22.89 22.26 -20.63
N SER C 285 -22.47 21.00 -20.67
CA SER C 285 -21.69 20.40 -19.60
C SER C 285 -20.48 19.68 -20.18
N ARG C 286 -19.52 19.37 -19.32
CA ARG C 286 -18.29 18.71 -19.74
C ARG C 286 -18.55 17.21 -19.82
N SER C 287 -19.27 16.81 -20.87
CA SER C 287 -19.54 15.41 -21.15
C SER C 287 -19.18 15.12 -22.59
N GLY C 288 -18.43 14.04 -22.80
CA GLY C 288 -18.02 13.65 -24.14
C GLY C 288 -16.75 14.31 -24.59
N PHE C 289 -16.29 13.88 -25.77
CA PHE C 289 -15.14 14.48 -26.41
C PHE C 289 -15.07 13.95 -27.84
N GLU C 290 -14.74 14.84 -28.78
CA GLU C 290 -14.58 14.44 -30.16
C GLU C 290 -13.46 15.27 -30.76
N MET C 291 -12.90 14.77 -31.86
CA MET C 291 -11.91 15.51 -32.64
C MET C 291 -12.51 15.82 -34.01
N ILE C 292 -12.58 17.10 -34.33
CA ILE C 292 -13.16 17.58 -35.59
C ILE C 292 -12.04 18.04 -36.49
N TRP C 293 -12.17 17.73 -37.79
CA TRP C 293 -11.22 18.19 -38.80
C TRP C 293 -11.97 19.10 -39.77
N ASP C 294 -11.77 20.40 -39.63
CA ASP C 294 -12.36 21.37 -40.53
C ASP C 294 -11.30 21.83 -41.51
N PRO C 295 -11.37 21.43 -42.79
CA PRO C 295 -10.26 21.69 -43.71
C PRO C 295 -10.00 23.18 -43.96
N ASN C 296 -10.94 24.05 -43.63
CA ASN C 296 -10.80 25.49 -43.81
C ASN C 296 -11.25 26.25 -42.58
N GLY C 297 -11.08 25.66 -41.39
CA GLY C 297 -11.67 26.21 -40.18
C GLY C 297 -10.80 27.20 -39.45
N TRP C 298 -9.63 27.54 -39.99
CA TRP C 298 -8.83 28.56 -39.33
C TRP C 298 -9.15 29.95 -39.83
N THR C 299 -9.71 30.03 -41.03
CA THR C 299 -9.96 31.33 -41.66
C THR C 299 -11.39 31.46 -42.21
N GLU C 300 -12.21 30.40 -42.20
CA GLU C 300 -13.55 30.50 -42.82
C GLU C 300 -14.64 30.17 -41.82
N THR C 301 -15.69 31.01 -41.77
CA THR C 301 -16.77 30.92 -40.76
C THR C 301 -17.71 29.71 -40.91
N ASP C 302 -17.83 29.13 -42.08
CA ASP C 302 -18.66 27.91 -42.30
C ASP C 302 -18.64 26.96 -41.11
N SER C 303 -19.67 26.17 -40.98
CA SER C 303 -19.89 25.20 -39.92
C SER C 303 -19.80 23.77 -40.45
N SER C 304 -19.20 23.61 -41.62
CA SER C 304 -19.11 22.31 -42.28
C SER C 304 -17.70 21.77 -42.12
N PHE C 305 -17.60 20.56 -41.60
CA PHE C 305 -16.32 19.89 -41.36
C PHE C 305 -16.19 18.71 -42.30
N SER C 306 -15.10 17.96 -42.13
CA SER C 306 -14.79 16.80 -42.96
C SER C 306 -14.81 15.49 -42.21
N VAL C 307 -14.20 15.42 -41.03
CA VAL C 307 -14.04 14.17 -40.30
C VAL C 307 -14.34 14.40 -38.83
N LYS C 308 -15.00 13.44 -38.21
CA LYS C 308 -15.15 13.36 -36.77
C LYS C 308 -14.51 12.07 -36.28
N GLN C 309 -13.88 12.12 -35.13
CA GLN C 309 -13.47 10.92 -34.42
C GLN C 309 -13.93 11.01 -32.98
N ASP C 310 -14.58 9.95 -32.50
CA ASP C 310 -15.17 9.96 -31.18
C ASP C 310 -14.16 9.46 -30.15
N ILE C 311 -14.09 10.16 -29.02
CA ILE C 311 -13.15 9.84 -27.96
C ILE C 311 -13.86 9.35 -26.70
N VAL C 312 -14.89 10.09 -26.27
CA VAL C 312 -15.70 9.71 -25.08
C VAL C 312 -17.12 10.03 -25.55
N GLU C 313 -18.14 9.34 -25.05
CA GLU C 313 -19.55 9.49 -25.48
C GLU C 313 -20.24 10.57 -24.66
N ILE C 314 -21.36 11.11 -25.13
CA ILE C 314 -22.01 12.27 -24.49
C ILE C 314 -22.59 11.88 -23.14
N THR C 315 -22.50 10.62 -22.77
CA THR C 315 -23.01 10.20 -21.48
C THR C 315 -21.92 10.03 -20.44
N ASP C 316 -20.66 10.27 -20.80
CA ASP C 316 -19.55 10.09 -19.88
C ASP C 316 -18.85 11.42 -19.65
N TRP C 317 -18.35 11.57 -18.44
CA TRP C 317 -17.76 12.84 -18.02
C TRP C 317 -16.40 13.03 -18.68
N SER C 318 -16.11 14.27 -19.05
CA SER C 318 -14.81 14.66 -19.54
C SER C 318 -14.46 15.96 -18.81
N GLY C 319 -13.41 16.64 -19.27
CA GLY C 319 -12.88 17.74 -18.50
C GLY C 319 -11.89 18.56 -19.30
N TYR C 320 -10.75 18.89 -18.71
CA TYR C 320 -9.76 19.68 -19.43
C TYR C 320 -9.12 18.82 -20.51
N SER C 321 -8.58 19.48 -21.53
CA SER C 321 -7.76 18.78 -22.50
C SER C 321 -6.67 19.72 -22.97
N GLY C 322 -5.57 19.14 -23.43
CA GLY C 322 -4.45 19.95 -23.84
C GLY C 322 -3.62 19.20 -24.86
N SER C 323 -2.65 19.91 -25.44
CA SER C 323 -1.85 19.37 -26.50
C SER C 323 -0.39 19.27 -26.08
N PHE C 324 0.24 18.17 -26.45
CA PHE C 324 1.68 18.05 -26.35
C PHE C 324 2.21 17.49 -27.66
N VAL C 325 3.52 17.61 -27.85
CA VAL C 325 4.17 17.14 -29.05
C VAL C 325 5.32 16.22 -28.65
N GLN C 326 5.70 15.35 -29.57
CA GLN C 326 6.86 14.49 -29.41
C GLN C 326 7.91 14.91 -30.43
N HIS C 327 9.03 15.41 -29.92
CA HIS C 327 10.04 16.01 -30.79
C HIS C 327 10.76 14.95 -31.60
N PRO C 328 11.31 15.31 -32.75
CA PRO C 328 11.99 14.31 -33.60
C PRO C 328 13.14 13.60 -32.91
N GLU C 329 13.76 14.20 -31.90
CA GLU C 329 14.79 13.51 -31.15
C GLU C 329 14.22 12.42 -30.25
N LEU C 330 12.90 12.38 -30.07
CA LEU C 330 12.29 11.30 -29.31
C LEU C 330 11.73 10.22 -30.23
N THR C 331 10.91 10.60 -31.20
CA THR C 331 10.30 9.65 -32.11
C THR C 331 11.23 9.17 -33.20
N GLY C 332 12.27 9.93 -33.54
CA GLY C 332 13.14 9.57 -34.63
C GLY C 332 12.65 9.98 -36.00
N LEU C 333 11.49 10.61 -36.09
CA LEU C 333 10.94 11.04 -37.36
C LEU C 333 11.62 12.33 -37.81
N ASP C 334 11.06 12.87 -38.89
CA ASP C 334 11.62 14.12 -39.45
C ASP C 334 10.63 15.23 -39.17
N CYS C 335 9.64 14.96 -38.33
CA CYS C 335 8.59 15.98 -38.12
C CYS C 335 8.10 15.98 -36.68
N MET C 336 7.36 17.02 -36.31
CA MET C 336 6.83 17.17 -34.94
C MET C 336 5.48 16.45 -34.85
N ARG C 337 5.37 15.43 -34.03
CA ARG C 337 4.14 14.65 -33.91
C ARG C 337 3.17 15.31 -32.95
N PRO C 338 1.94 15.59 -33.35
CA PRO C 338 0.96 16.15 -32.43
C PRO C 338 0.22 15.08 -31.64
N CYS C 339 0.11 15.31 -30.35
CA CYS C 339 -0.62 14.43 -29.45
C CYS C 339 -1.52 15.29 -28.57
N PHE C 340 -2.40 14.64 -27.80
CA PHE C 340 -3.24 15.38 -26.87
C PHE C 340 -3.67 14.46 -25.74
N TRP C 341 -4.09 15.07 -24.63
CA TRP C 341 -4.58 14.36 -23.47
C TRP C 341 -5.93 14.92 -23.08
N VAL C 342 -6.72 14.10 -22.40
CA VAL C 342 -8.03 14.53 -21.89
C VAL C 342 -8.12 14.15 -20.43
N GLU C 343 -8.70 15.04 -19.64
CA GLU C 343 -8.93 14.82 -18.22
C GLU C 343 -10.39 14.46 -18.00
N LEU C 344 -10.62 13.38 -17.27
CA LEU C 344 -11.96 12.85 -17.03
C LEU C 344 -12.30 13.10 -15.57
N ILE C 345 -13.05 14.15 -15.31
CA ILE C 345 -13.32 14.60 -13.95
C ILE C 345 -14.46 13.78 -13.37
N ARG C 346 -14.23 13.18 -12.20
CA ARG C 346 -15.24 12.47 -11.45
C ARG C 346 -15.34 13.09 -10.06
N GLY C 347 -16.56 13.19 -9.54
CA GLY C 347 -16.80 13.80 -8.26
C GLY C 347 -17.53 15.12 -8.40
N ARG C 348 -17.55 15.96 -7.39
CA ARG C 348 -18.22 17.28 -7.43
C ARG C 348 -17.55 18.19 -8.46
N PRO C 349 -18.24 19.06 -9.17
CA PRO C 349 -19.47 19.81 -8.85
C PRO C 349 -20.76 19.07 -9.26
N LYS C 350 -20.70 18.01 -10.07
CA LYS C 350 -21.87 17.32 -10.65
C LYS C 350 -22.12 15.91 -10.12
N GLU C 351 -21.50 15.47 -9.04
CA GLU C 351 -21.84 14.17 -8.46
C GLU C 351 -21.90 14.34 -6.96
N ASN C 352 -22.55 13.45 -6.24
CA ASN C 352 -22.80 13.61 -4.80
C ASN C 352 -21.72 12.88 -4.02
N THR C 353 -20.52 13.44 -4.06
CA THR C 353 -19.38 12.95 -3.30
C THR C 353 -18.86 14.11 -2.46
N ILE C 354 -17.78 13.86 -1.72
CA ILE C 354 -17.10 14.91 -0.97
C ILE C 354 -15.84 15.41 -1.68
N TRP C 355 -15.42 14.72 -2.73
CA TRP C 355 -14.14 14.95 -3.40
C TRP C 355 -14.38 15.18 -4.88
N THR C 356 -13.37 15.74 -5.55
CA THR C 356 -13.32 15.73 -7.00
C THR C 356 -11.90 15.32 -7.41
N SER C 357 -11.82 14.50 -8.44
CA SER C 357 -10.54 14.04 -8.96
C SER C 357 -10.70 13.79 -10.45
N GLY C 358 -9.62 13.43 -11.11
CA GLY C 358 -9.68 13.15 -12.52
C GLY C 358 -8.57 12.22 -12.94
N SER C 359 -8.92 11.25 -13.77
CA SER C 359 -7.95 10.42 -14.47
C SER C 359 -7.74 11.01 -15.85
N SER C 360 -6.91 10.36 -16.65
CA SER C 360 -6.56 10.91 -17.95
C SER C 360 -6.43 9.82 -19.00
N ILE C 361 -6.66 10.20 -20.24
CA ILE C 361 -6.36 9.39 -21.42
C ILE C 361 -5.60 10.28 -22.38
N SER C 362 -4.84 9.67 -23.27
CA SER C 362 -4.05 10.46 -24.20
C SER C 362 -3.94 9.76 -25.54
N PHE C 363 -3.92 10.55 -26.61
CA PHE C 363 -3.93 10.06 -27.98
C PHE C 363 -2.81 10.74 -28.75
N CYS C 364 -2.28 10.03 -29.75
CA CYS C 364 -1.24 10.57 -30.62
C CYS C 364 -1.65 10.41 -32.07
N GLY C 365 -1.40 11.45 -32.87
CA GLY C 365 -1.86 11.47 -34.24
C GLY C 365 -0.97 10.64 -35.16
N VAL C 366 -1.62 9.81 -35.98
CA VAL C 366 -0.95 8.90 -36.88
C VAL C 366 -1.53 9.08 -38.29
N ASN C 367 -0.77 8.65 -39.28
CA ASN C 367 -1.22 8.70 -40.67
C ASN C 367 -1.83 7.40 -41.16
N SER C 368 -2.02 6.42 -40.29
CA SER C 368 -2.58 5.13 -40.67
C SER C 368 -4.03 5.05 -40.19
N ASP C 369 -4.64 3.86 -40.31
CA ASP C 369 -6.04 3.69 -39.97
C ASP C 369 -6.26 3.67 -38.46
N THR C 370 -7.34 4.31 -38.03
CA THR C 370 -7.70 4.41 -36.63
C THR C 370 -9.21 4.22 -36.50
N VAL C 371 -9.68 4.16 -35.25
CA VAL C 371 -11.09 3.92 -34.97
C VAL C 371 -11.52 4.84 -33.84
N GLY C 372 -12.81 5.19 -33.84
CA GLY C 372 -13.40 5.98 -32.78
C GLY C 372 -14.20 5.07 -31.85
N TRP C 373 -14.04 5.30 -30.56
CA TRP C 373 -14.69 4.50 -29.52
C TRP C 373 -14.98 5.42 -28.35
N SER C 374 -15.21 4.85 -27.18
CA SER C 374 -15.33 5.62 -25.96
C SER C 374 -14.46 4.97 -24.90
N TRP C 375 -13.50 5.75 -24.38
CA TRP C 375 -12.63 5.30 -23.30
C TRP C 375 -12.95 6.16 -22.08
N PRO C 376 -13.98 5.80 -21.33
CA PRO C 376 -14.41 6.66 -20.23
C PRO C 376 -13.60 6.44 -18.96
N ASP C 377 -13.98 7.10 -17.88
CA ASP C 377 -13.25 6.96 -16.62
C ASP C 377 -13.49 5.60 -16.00
N GLY C 378 -14.74 5.16 -15.96
CA GLY C 378 -15.08 3.83 -15.51
C GLY C 378 -15.20 3.66 -14.01
N ALA C 379 -15.10 4.73 -13.23
CA ALA C 379 -15.19 4.61 -11.79
C ALA C 379 -16.65 4.51 -11.35
N GLU C 380 -16.98 3.70 -10.33
CA GLU C 380 -18.36 3.44 -9.83
C GLU C 380 -18.58 4.20 -8.52
N LEU C 381 -19.20 5.36 -8.57
CA LEU C 381 -19.39 6.28 -7.47
C LEU C 381 -20.78 6.16 -6.88
N PRO C 382 -20.94 6.53 -5.60
CA PRO C 382 -19.94 7.08 -4.68
C PRO C 382 -19.04 6.05 -4.03
N PHE C 383 -17.97 6.51 -3.39
CA PHE C 383 -17.01 5.63 -2.74
C PHE C 383 -17.46 5.32 -1.31
N THR C 384 -16.57 4.69 -0.56
CA THR C 384 -16.88 4.35 0.83
C THR C 384 -16.87 5.59 1.72
N ILE C 385 -15.99 6.53 1.44
CA ILE C 385 -15.85 7.70 2.31
C ILE C 385 -17.05 8.61 2.18
N ASP C 386 -17.83 8.47 1.11
CA ASP C 386 -19.02 9.30 0.91
C ASP C 386 -20.23 8.79 1.67
N LYS C 387 -20.15 7.62 2.28
CA LYS C 387 -21.29 7.00 2.92
C LYS C 387 -21.32 7.32 4.41
N VAL D 1 22.22 -6.56 -29.93
CA VAL D 1 21.80 -5.94 -31.21
C VAL D 1 20.75 -6.85 -31.85
N THR D 2 21.08 -7.49 -32.97
CA THR D 2 20.17 -8.48 -33.59
C THR D 2 20.19 -9.72 -32.71
N LEU D 3 19.25 -10.62 -32.89
CA LEU D 3 19.18 -11.78 -31.96
C LEU D 3 19.05 -13.09 -32.73
N ALA D 4 19.69 -14.17 -32.26
CA ALA D 4 19.50 -15.53 -32.84
C ALA D 4 19.84 -15.61 -34.34
N GLY D 5 19.11 -16.48 -35.05
CA GLY D 5 19.31 -16.52 -36.50
C GLY D 5 19.91 -17.80 -37.01
N ASN D 6 20.42 -18.65 -36.16
CA ASN D 6 20.96 -19.88 -36.75
C ASN D 6 20.83 -20.91 -35.65
N SER D 7 20.92 -20.44 -34.43
CA SER D 7 20.75 -21.32 -33.26
C SER D 7 19.50 -22.19 -33.19
N SER D 8 19.72 -23.50 -33.21
CA SER D 8 18.63 -24.47 -33.10
C SER D 8 18.31 -24.62 -31.64
N LEU D 9 17.34 -25.44 -31.28
CA LEU D 9 16.92 -25.50 -29.88
C LEU D 9 17.93 -26.33 -29.13
N CYS D 10 17.99 -26.23 -27.83
CA CYS D 10 18.99 -26.92 -27.00
C CYS D 10 18.55 -28.34 -26.75
N PRO D 11 19.46 -29.33 -26.59
CA PRO D 11 19.04 -30.65 -26.23
C PRO D 11 18.51 -30.59 -24.78
N ILE D 12 17.37 -31.18 -24.45
CA ILE D 12 16.76 -31.03 -23.10
C ILE D 12 16.29 -32.40 -22.62
N SER D 13 15.94 -32.57 -21.34
CA SER D 13 15.47 -33.83 -20.76
C SER D 13 14.32 -33.57 -19.79
N GLY D 14 14.13 -32.36 -19.30
CA GLY D 14 13.12 -32.03 -18.32
C GLY D 14 13.06 -30.54 -18.14
N TRP D 15 12.20 -30.11 -17.22
CA TRP D 15 11.92 -28.70 -17.00
C TRP D 15 12.10 -28.36 -15.54
N ALA D 16 12.86 -27.31 -15.28
CA ALA D 16 13.14 -26.83 -13.93
C ALA D 16 12.38 -25.54 -13.69
N ILE D 17 11.75 -25.42 -12.52
CA ILE D 17 10.88 -24.29 -12.26
C ILE D 17 11.70 -23.01 -12.21
N TYR D 18 11.21 -21.99 -12.90
CA TYR D 18 11.88 -20.71 -13.05
C TYR D 18 11.30 -19.62 -12.17
N SER D 19 9.98 -19.46 -12.14
CA SER D 19 9.39 -18.35 -11.41
C SER D 19 8.02 -18.74 -10.89
N LYS D 20 7.54 -17.94 -9.94
CA LYS D 20 6.21 -18.08 -9.36
C LYS D 20 5.88 -16.80 -8.62
N ASP D 21 4.79 -16.12 -8.98
CA ASP D 21 4.55 -14.78 -8.47
C ASP D 21 3.63 -14.72 -7.26
N ASN D 22 2.78 -15.72 -7.05
CA ASN D 22 1.85 -15.74 -5.92
C ASN D 22 0.98 -14.48 -5.90
N GLY D 23 0.45 -14.15 -7.08
CA GLY D 23 -0.26 -12.88 -7.22
C GLY D 23 -1.54 -12.82 -6.43
N ILE D 24 -2.31 -13.91 -6.43
CA ILE D 24 -3.63 -13.89 -5.80
C ILE D 24 -3.52 -14.09 -4.30
N ARG D 25 -2.54 -14.88 -3.84
CA ARG D 25 -2.29 -14.99 -2.41
C ARG D 25 -1.86 -13.64 -1.83
N ILE D 26 -1.02 -12.92 -2.55
CA ILE D 26 -0.57 -11.60 -2.09
C ILE D 26 -1.69 -10.58 -2.25
N GLY D 27 -2.46 -10.68 -3.33
CA GLY D 27 -3.49 -9.70 -3.64
C GLY D 27 -4.67 -9.71 -2.71
N SER D 28 -4.74 -10.68 -1.79
CA SER D 28 -5.80 -10.67 -0.79
C SER D 28 -5.70 -9.44 0.10
N LYS D 29 -4.50 -9.07 0.51
CA LYS D 29 -4.27 -7.87 1.31
C LYS D 29 -3.58 -6.75 0.54
N GLY D 30 -2.59 -7.07 -0.28
CA GLY D 30 -1.87 -6.08 -1.02
C GLY D 30 -2.67 -5.54 -2.20
N ASP D 31 -2.12 -4.50 -2.81
CA ASP D 31 -2.74 -3.84 -3.95
C ASP D 31 -2.20 -4.47 -5.21
N VAL D 32 -2.86 -5.52 -5.69
CA VAL D 32 -2.41 -6.30 -6.83
C VAL D 32 -3.49 -6.25 -7.91
N PHE D 33 -3.07 -6.10 -9.16
CA PHE D 33 -3.98 -5.98 -10.28
C PHE D 33 -4.82 -7.24 -10.44
N VAL D 34 -6.03 -7.05 -10.97
CA VAL D 34 -6.81 -8.15 -11.55
C VAL D 34 -6.33 -8.29 -12.99
N ILE D 35 -5.47 -9.28 -13.23
CA ILE D 35 -4.88 -9.49 -14.54
C ILE D 35 -5.51 -10.74 -15.15
N ARG D 36 -5.19 -10.96 -16.42
CA ARG D 36 -5.35 -12.27 -17.03
C ARG D 36 -4.50 -12.33 -18.28
N GLU D 37 -4.19 -13.54 -18.70
CA GLU D 37 -3.35 -13.81 -19.87
C GLU D 37 -1.94 -13.23 -19.72
N PRO D 38 -1.21 -13.61 -18.68
CA PRO D 38 0.19 -13.19 -18.58
C PRO D 38 1.02 -13.91 -19.63
N PHE D 39 2.16 -13.32 -19.95
CA PHE D 39 3.14 -14.03 -20.73
C PHE D 39 4.51 -13.45 -20.42
N ILE D 40 5.53 -14.25 -20.69
CA ILE D 40 6.90 -13.88 -20.36
C ILE D 40 7.68 -13.71 -21.66
N SER D 41 8.34 -12.57 -21.79
CA SER D 41 9.21 -12.30 -22.92
C SER D 41 10.54 -11.81 -22.38
N CYS D 42 11.62 -12.29 -22.96
CA CYS D 42 12.96 -12.01 -22.46
C CYS D 42 13.68 -11.07 -23.42
N SER D 43 14.37 -10.09 -22.85
CA SER D 43 15.25 -9.23 -23.64
C SER D 43 16.65 -9.85 -23.62
N HIS D 44 17.66 -9.08 -24.01
CA HIS D 44 19.03 -9.54 -23.93
C HIS D 44 19.66 -9.25 -22.57
N LEU D 45 18.89 -8.72 -21.62
CA LEU D 45 19.40 -8.41 -20.29
C LEU D 45 18.52 -8.96 -19.18
N GLU D 46 17.23 -9.11 -19.44
CA GLU D 46 16.29 -9.52 -18.39
C GLU D 46 15.11 -10.23 -19.04
N CYS D 47 14.22 -10.73 -18.20
CA CYS D 47 12.95 -11.29 -18.62
C CYS D 47 11.83 -10.59 -17.88
N ARG D 48 10.75 -10.26 -18.58
CA ARG D 48 9.63 -9.55 -18.00
C ARG D 48 8.35 -10.34 -18.20
N THR D 49 7.39 -10.13 -17.30
CA THR D 49 6.07 -10.72 -17.40
C THR D 49 5.09 -9.66 -17.86
N PHE D 50 4.47 -9.89 -19.01
CA PHE D 50 3.46 -8.99 -19.55
C PHE D 50 2.07 -9.54 -19.23
N PHE D 51 1.17 -8.66 -18.85
CA PHE D 51 -0.17 -9.08 -18.45
C PHE D 51 -1.17 -8.05 -18.93
N LEU D 52 -2.43 -8.48 -19.03
CA LEU D 52 -3.52 -7.61 -19.45
C LEU D 52 -4.39 -7.34 -18.23
N THR D 53 -4.24 -6.16 -17.64
CA THR D 53 -5.01 -5.80 -16.46
C THR D 53 -6.47 -5.56 -16.86
N GLN D 54 -7.35 -5.65 -15.87
CA GLN D 54 -8.75 -5.32 -16.05
C GLN D 54 -9.04 -3.87 -15.69
N GLY D 55 -8.02 -3.10 -15.34
CA GLY D 55 -8.21 -1.74 -14.90
C GLY D 55 -8.56 -1.59 -13.43
N ALA D 56 -8.55 -2.68 -12.68
CA ALA D 56 -8.97 -2.66 -11.29
C ALA D 56 -8.04 -3.52 -10.46
N LEU D 57 -8.05 -3.27 -9.16
CA LEU D 57 -7.25 -4.04 -8.21
C LEU D 57 -8.04 -5.23 -7.69
N LEU D 58 -7.31 -6.18 -7.13
CA LEU D 58 -7.92 -7.41 -6.66
C LEU D 58 -8.51 -7.20 -5.27
N ASN D 59 -9.66 -7.84 -5.02
CA ASN D 59 -10.41 -7.67 -3.78
C ASN D 59 -10.94 -6.25 -3.65
N ASP D 60 -11.50 -5.73 -4.74
CA ASP D 60 -12.04 -4.39 -4.82
C ASP D 60 -13.38 -4.48 -5.54
N LYS D 61 -14.24 -3.47 -5.34
CA LYS D 61 -15.55 -3.46 -5.95
C LYS D 61 -15.51 -3.24 -7.46
N HIS D 62 -14.40 -2.73 -7.99
CA HIS D 62 -14.27 -2.56 -9.43
C HIS D 62 -13.84 -3.82 -10.14
N SER D 63 -13.52 -4.87 -9.40
CA SER D 63 -13.26 -6.18 -9.98
C SER D 63 -14.53 -6.97 -10.22
N ASN D 64 -15.70 -6.40 -9.99
CA ASN D 64 -17.01 -7.04 -10.24
C ASN D 64 -17.15 -7.26 -11.72
N GLY D 65 -17.45 -8.49 -12.06
CA GLY D 65 -17.67 -8.86 -13.44
C GLY D 65 -16.47 -8.68 -14.34
N THR D 66 -15.30 -9.11 -13.89
CA THR D 66 -14.09 -9.08 -14.68
C THR D 66 -13.85 -10.39 -15.44
N VAL D 67 -14.91 -11.16 -15.66
CA VAL D 67 -14.81 -12.33 -16.53
C VAL D 67 -14.76 -11.90 -17.98
N LYS D 68 -15.13 -10.66 -18.27
CA LYS D 68 -15.22 -10.18 -19.63
C LYS D 68 -13.83 -9.76 -20.14
N ASP D 69 -13.58 -10.12 -21.39
CA ASP D 69 -12.29 -9.96 -22.02
C ASP D 69 -12.09 -8.62 -22.72
N ARG D 70 -13.14 -8.01 -23.24
CA ARG D 70 -13.01 -6.77 -24.01
C ARG D 70 -13.73 -5.65 -23.27
N SER D 71 -12.95 -4.69 -22.79
CA SER D 71 -13.47 -3.48 -22.18
C SER D 71 -12.51 -2.35 -22.46
N PRO D 72 -12.98 -1.09 -22.42
CA PRO D 72 -12.08 0.04 -22.68
C PRO D 72 -11.11 0.34 -21.57
N TYR D 73 -11.12 -0.44 -20.49
CA TYR D 73 -10.26 -0.20 -19.34
C TYR D 73 -9.06 -1.12 -19.27
N ARG D 74 -9.02 -2.16 -20.10
CA ARG D 74 -7.89 -3.07 -20.08
C ARG D 74 -6.65 -2.41 -20.68
N THR D 75 -5.51 -2.67 -20.04
CA THR D 75 -4.24 -2.14 -20.49
C THR D 75 -3.20 -3.25 -20.40
N LEU D 76 -2.17 -3.14 -21.23
CA LEU D 76 -1.04 -4.06 -21.19
C LEU D 76 0.07 -3.43 -20.35
N MET D 77 0.53 -4.16 -19.34
CA MET D 77 1.61 -3.68 -18.49
C MET D 77 2.67 -4.77 -18.41
N SER D 78 3.72 -4.50 -17.66
CA SER D 78 4.77 -5.48 -17.47
C SER D 78 5.47 -5.24 -16.15
N CYS D 79 5.87 -6.32 -15.50
CA CYS D 79 6.62 -6.30 -14.26
C CYS D 79 7.77 -7.28 -14.41
N PRO D 80 8.82 -7.15 -13.60
CA PRO D 80 9.89 -8.15 -13.63
C PRO D 80 9.35 -9.52 -13.27
N VAL D 81 9.96 -10.56 -13.86
CA VAL D 81 9.44 -11.90 -13.70
C VAL D 81 9.45 -12.29 -12.23
N GLY D 82 8.45 -13.06 -11.82
CA GLY D 82 8.35 -13.55 -10.46
C GLY D 82 7.85 -12.57 -9.44
N GLU D 83 7.30 -11.44 -9.86
CA GLU D 83 6.77 -10.45 -8.93
C GLU D 83 5.29 -10.23 -9.19
N ALA D 84 4.55 -9.97 -8.11
CA ALA D 84 3.12 -9.80 -8.21
C ALA D 84 2.81 -8.51 -8.95
N PRO D 85 1.86 -8.51 -9.88
CA PRO D 85 1.55 -7.28 -10.62
C PRO D 85 0.80 -6.26 -9.78
N SER D 86 1.46 -5.18 -9.40
CA SER D 86 0.87 -4.12 -8.62
C SER D 86 1.08 -2.80 -9.32
N PRO D 87 0.23 -1.80 -9.05
CA PRO D 87 0.43 -0.49 -9.68
C PRO D 87 1.73 0.19 -9.29
N TYR D 88 2.39 -0.25 -8.22
CA TYR D 88 3.59 0.38 -7.72
C TYR D 88 4.88 -0.25 -8.24
N ASN D 89 4.80 -1.31 -9.05
CA ASN D 89 6.02 -1.89 -9.60
C ASN D 89 5.84 -2.31 -11.05
N SER D 90 4.78 -1.86 -11.69
CA SER D 90 4.47 -2.25 -13.07
C SER D 90 4.71 -1.09 -14.01
N ARG D 91 5.13 -1.42 -15.23
CA ARG D 91 5.37 -0.46 -16.27
C ARG D 91 4.25 -0.54 -17.30
N PHE D 92 3.69 0.62 -17.64
CA PHE D 92 2.60 0.66 -18.61
C PHE D 92 3.14 0.52 -20.02
N GLU D 93 2.48 -0.32 -20.82
CA GLU D 93 2.95 -0.61 -22.16
C GLU D 93 1.99 -0.12 -23.24
N SER D 94 0.72 -0.50 -23.17
CA SER D 94 -0.24 -0.14 -24.22
C SER D 94 -1.64 -0.28 -23.66
N VAL D 95 -2.60 0.31 -24.37
CA VAL D 95 -4.02 0.14 -24.07
C VAL D 95 -4.55 -0.95 -25.00
N ALA D 96 -4.97 -2.06 -24.44
CA ALA D 96 -5.26 -3.23 -25.25
C ALA D 96 -6.14 -4.20 -24.48
N TRP D 97 -7.03 -4.90 -25.21
CA TRP D 97 -7.66 -6.10 -24.69
C TRP D 97 -7.14 -7.35 -25.38
N SER D 98 -6.23 -7.19 -26.33
CA SER D 98 -5.48 -8.29 -26.92
C SER D 98 -4.09 -7.77 -27.24
N ALA D 99 -3.04 -8.52 -26.95
CA ALA D 99 -1.71 -7.95 -27.05
C ALA D 99 -0.67 -9.03 -27.28
N SER D 100 0.50 -8.58 -27.71
CA SER D 100 1.72 -9.38 -27.75
C SER D 100 2.89 -8.42 -27.72
N ALA D 101 4.06 -8.93 -27.33
CA ALA D 101 5.23 -8.07 -27.17
C ALA D 101 6.49 -8.91 -27.27
N CYS D 102 7.52 -8.34 -27.87
CA CYS D 102 8.82 -9.00 -27.91
C CYS D 102 9.93 -7.99 -28.15
N HIS D 103 11.16 -8.44 -27.90
CA HIS D 103 12.34 -7.59 -27.87
C HIS D 103 13.30 -8.04 -28.98
N ASP D 104 13.73 -7.08 -29.81
CA ASP D 104 14.59 -7.40 -30.94
C ASP D 104 16.07 -7.31 -30.60
N GLY D 105 16.43 -7.07 -29.35
CA GLY D 105 17.80 -6.85 -28.96
C GLY D 105 18.17 -5.39 -28.82
N ILE D 106 17.30 -4.47 -29.23
CA ILE D 106 17.52 -3.04 -29.08
C ILE D 106 16.41 -2.38 -28.29
N SER D 107 15.15 -2.62 -28.67
CA SER D 107 14.02 -2.00 -28.00
C SER D 107 12.85 -2.95 -27.99
N TRP D 108 11.90 -2.69 -27.10
CA TRP D 108 10.71 -3.52 -26.98
C TRP D 108 9.70 -3.14 -28.05
N LEU D 109 9.13 -4.15 -28.69
CA LEU D 109 8.01 -3.96 -29.60
C LEU D 109 6.75 -4.42 -28.91
N THR D 110 5.73 -3.57 -28.91
CA THR D 110 4.47 -3.85 -28.24
C THR D 110 3.34 -3.70 -29.25
N ILE D 111 2.47 -4.71 -29.30
CA ILE D 111 1.29 -4.67 -30.15
C ILE D 111 0.08 -4.73 -29.24
N GLY D 112 -0.84 -3.77 -29.40
CA GLY D 112 -1.99 -3.72 -28.55
C GLY D 112 -3.27 -3.43 -29.31
N ILE D 113 -4.25 -4.31 -29.19
CA ILE D 113 -5.50 -4.21 -29.95
C ILE D 113 -6.58 -3.68 -29.02
N SER D 114 -7.25 -2.62 -29.46
CA SER D 114 -8.35 -2.02 -28.74
C SER D 114 -9.30 -1.40 -29.74
N GLY D 115 -10.53 -1.17 -29.30
CA GLY D 115 -11.54 -0.62 -30.17
C GLY D 115 -12.77 -1.50 -30.23
N PRO D 116 -13.76 -1.10 -31.03
CA PRO D 116 -14.98 -1.90 -31.13
C PRO D 116 -14.70 -3.23 -31.78
N ASP D 117 -15.66 -4.15 -31.64
CA ASP D 117 -15.49 -5.48 -32.20
C ASP D 117 -15.39 -5.45 -33.72
N ASN D 118 -16.14 -4.58 -34.39
CA ASN D 118 -16.11 -4.51 -35.85
C ASN D 118 -15.13 -3.48 -36.38
N GLY D 119 -14.35 -2.85 -35.51
CA GLY D 119 -13.37 -1.89 -35.98
C GLY D 119 -12.08 -1.83 -35.19
N ALA D 120 -11.72 -2.92 -34.52
CA ALA D 120 -10.56 -2.89 -33.64
C ALA D 120 -9.29 -2.55 -34.42
N VAL D 121 -8.40 -1.80 -33.77
CA VAL D 121 -7.16 -1.34 -34.38
C VAL D 121 -6.01 -1.74 -33.47
N ALA D 122 -4.98 -2.34 -34.06
CA ALA D 122 -3.76 -2.71 -33.35
C ALA D 122 -2.77 -1.56 -33.43
N VAL D 123 -2.30 -1.09 -32.27
CA VAL D 123 -1.38 0.02 -32.20
C VAL D 123 0.01 -0.54 -31.89
N LEU D 124 0.94 -0.36 -32.81
CA LEU D 124 2.29 -0.89 -32.70
C LEU D 124 3.21 0.17 -32.11
N LYS D 125 3.73 -0.10 -30.92
CA LYS D 125 4.68 0.79 -30.26
C LYS D 125 6.06 0.17 -30.31
N TYR D 126 7.06 0.99 -30.60
CA TYR D 126 8.45 0.56 -30.58
C TYR D 126 9.23 1.54 -29.72
N ASN D 127 9.80 1.05 -28.62
CA ASN D 127 10.47 1.87 -27.62
C ASN D 127 9.52 2.89 -27.00
N GLY D 128 8.24 2.54 -26.89
CA GLY D 128 7.26 3.41 -26.29
C GLY D 128 6.67 4.46 -27.21
N ILE D 129 6.99 4.44 -28.49
CA ILE D 129 6.55 5.43 -29.46
C ILE D 129 5.69 4.73 -30.48
N ILE D 130 4.48 5.26 -30.73
CA ILE D 130 3.60 4.65 -31.71
C ILE D 130 4.21 4.77 -33.10
N THR D 131 4.36 3.64 -33.78
CA THR D 131 5.03 3.59 -35.06
C THR D 131 4.15 3.17 -36.22
N ASP D 132 3.13 2.35 -35.97
CA ASP D 132 2.27 1.87 -37.05
C ASP D 132 0.98 1.35 -36.42
N THR D 133 -0.06 1.24 -37.24
CA THR D 133 -1.32 0.67 -36.80
C THR D 133 -1.82 -0.30 -37.87
N ILE D 134 -2.50 -1.35 -37.40
CA ILE D 134 -3.13 -2.35 -38.25
C ILE D 134 -4.61 -2.38 -37.91
N LYS D 135 -5.46 -2.17 -38.91
CA LYS D 135 -6.90 -2.15 -38.70
C LYS D 135 -7.51 -3.47 -39.12
N SER D 136 -8.59 -3.85 -38.42
CA SER D 136 -9.29 -5.08 -38.73
C SER D 136 -9.76 -5.11 -40.17
N TRP D 137 -9.47 -6.21 -40.87
CA TRP D 137 -9.78 -6.34 -42.29
C TRP D 137 -11.02 -7.18 -42.55
N ARG D 138 -11.60 -7.80 -41.53
CA ARG D 138 -12.87 -8.51 -41.66
C ARG D 138 -13.97 -7.94 -40.78
N ASN D 139 -13.67 -6.88 -40.01
CA ASN D 139 -14.65 -6.23 -39.16
C ASN D 139 -15.32 -7.22 -38.22
N ASN D 140 -14.52 -8.18 -37.77
CA ASN D 140 -14.90 -9.08 -36.70
C ASN D 140 -13.85 -8.91 -35.61
N ILE D 141 -13.95 -9.69 -34.53
CA ILE D 141 -13.05 -9.48 -33.41
C ILE D 141 -11.62 -9.77 -33.87
N LEU D 142 -10.80 -8.71 -33.94
CA LEU D 142 -9.40 -8.85 -34.28
C LEU D 142 -8.62 -9.22 -33.04
N ARG D 143 -7.74 -10.22 -33.16
CA ARG D 143 -7.07 -10.76 -32.00
C ARG D 143 -5.67 -11.22 -32.39
N THR D 144 -4.81 -11.33 -31.39
CA THR D 144 -3.40 -11.64 -31.60
C THR D 144 -3.00 -12.71 -30.58
N GLN D 145 -1.69 -12.92 -30.44
CA GLN D 145 -1.17 -14.16 -29.86
C GLN D 145 -1.51 -14.32 -28.39
N GLU D 146 -1.44 -13.24 -27.60
CA GLU D 146 -1.39 -13.28 -26.14
C GLU D 146 -0.11 -13.89 -25.60
N SER D 147 0.92 -14.02 -26.43
CA SER D 147 2.24 -14.44 -25.99
C SER D 147 3.26 -13.67 -26.78
N GLU D 148 4.54 -13.96 -26.57
CA GLU D 148 5.57 -13.16 -27.22
C GLU D 148 5.61 -13.44 -28.71
N CYS D 149 5.85 -12.40 -29.48
CA CYS D 149 6.25 -12.51 -30.88
C CYS D 149 7.71 -12.91 -30.97
N ALA D 150 8.14 -13.29 -32.17
CA ALA D 150 9.47 -13.84 -32.38
C ALA D 150 10.28 -12.96 -33.32
N CYS D 151 11.40 -12.44 -32.84
CA CYS D 151 12.43 -11.86 -33.70
C CYS D 151 13.55 -12.83 -34.00
N VAL D 152 13.88 -12.92 -35.29
CA VAL D 152 15.12 -13.52 -35.79
C VAL D 152 15.81 -12.45 -36.62
N ASN D 153 16.99 -12.02 -36.23
CA ASN D 153 17.80 -11.11 -37.06
C ASN D 153 17.20 -9.74 -37.15
N GLY D 154 16.60 -9.27 -36.07
CA GLY D 154 16.08 -7.92 -36.04
C GLY D 154 14.66 -7.76 -36.52
N SER D 155 14.05 -8.80 -37.07
CA SER D 155 12.68 -8.76 -37.54
C SER D 155 11.80 -9.63 -36.66
N CYS D 156 10.78 -9.02 -36.05
CA CYS D 156 9.80 -9.76 -35.25
C CYS D 156 8.60 -10.14 -36.10
N PHE D 157 8.11 -11.36 -35.88
CA PHE D 157 7.01 -11.94 -36.63
C PHE D 157 5.86 -12.23 -35.70
N THR D 158 4.64 -12.01 -36.17
CA THR D 158 3.45 -12.26 -35.38
C THR D 158 2.34 -12.74 -36.30
N VAL D 159 1.35 -13.38 -35.69
CA VAL D 159 0.20 -13.92 -36.41
C VAL D 159 -1.07 -13.34 -35.79
N MET D 160 -1.96 -12.82 -36.63
CA MET D 160 -3.22 -12.25 -36.18
C MET D 160 -4.38 -12.93 -36.88
N THR D 161 -5.54 -12.90 -36.23
CA THR D 161 -6.74 -13.57 -36.71
C THR D 161 -7.89 -12.57 -36.75
N ASP D 162 -8.76 -12.73 -37.74
CA ASP D 162 -9.91 -11.85 -37.87
C ASP D 162 -11.02 -12.62 -38.56
N GLY D 163 -12.11 -12.88 -37.85
CA GLY D 163 -13.22 -13.59 -38.42
C GLY D 163 -13.99 -14.40 -37.40
N PRO D 164 -14.84 -15.31 -37.88
CA PRO D 164 -15.67 -16.10 -36.96
C PRO D 164 -14.84 -16.93 -36.01
N SER D 165 -15.38 -17.15 -34.81
CA SER D 165 -14.73 -17.99 -33.81
C SER D 165 -15.24 -19.43 -33.84
N ASN D 166 -16.21 -19.74 -34.71
CA ASN D 166 -16.70 -21.10 -34.87
C ASN D 166 -16.70 -21.51 -36.32
N GLY D 167 -15.91 -20.84 -37.15
CA GLY D 167 -15.89 -21.16 -38.55
C GLY D 167 -14.61 -20.65 -39.19
N GLN D 168 -14.60 -20.67 -40.51
CA GLN D 168 -13.43 -20.23 -41.25
C GLN D 168 -13.17 -18.75 -41.00
N ALA D 169 -11.91 -18.42 -40.73
CA ALA D 169 -11.53 -17.05 -40.45
C ALA D 169 -10.43 -16.60 -41.40
N SER D 170 -9.83 -15.45 -41.12
CA SER D 170 -8.72 -14.94 -41.93
C SER D 170 -7.47 -14.87 -41.07
N TYR D 171 -6.37 -15.38 -41.61
CA TYR D 171 -5.14 -15.55 -40.86
C TYR D 171 -4.04 -14.80 -41.59
N LYS D 172 -3.31 -13.94 -40.87
CA LYS D 172 -2.25 -13.16 -41.49
C LYS D 172 -0.98 -13.29 -40.68
N ILE D 173 0.14 -13.37 -41.39
CA ILE D 173 1.46 -13.33 -40.79
C ILE D 173 2.08 -11.97 -41.09
N PHE D 174 2.59 -11.30 -40.05
CA PHE D 174 3.15 -9.97 -40.19
C PHE D 174 4.64 -10.02 -39.91
N LYS D 175 5.41 -9.32 -40.75
CA LYS D 175 6.83 -9.14 -40.54
C LYS D 175 7.08 -7.68 -40.19
N ILE D 176 7.59 -7.45 -38.99
CA ILE D 176 7.71 -6.11 -38.42
C ILE D 176 9.18 -5.82 -38.16
N GLU D 177 9.65 -4.67 -38.64
CA GLU D 177 11.02 -4.22 -38.44
C GLU D 177 11.01 -2.83 -37.84
N LYS D 178 11.38 -2.73 -36.56
CA LYS D 178 11.45 -1.44 -35.85
C LYS D 178 10.11 -0.73 -35.85
N GLY D 179 9.03 -1.50 -35.69
CA GLY D 179 7.70 -0.95 -35.56
C GLY D 179 6.94 -0.79 -36.86
N LYS D 180 7.61 -0.83 -38.00
CA LYS D 180 6.97 -0.79 -39.30
C LYS D 180 6.64 -2.19 -39.78
N VAL D 181 5.42 -2.38 -40.27
CA VAL D 181 5.05 -3.63 -40.91
C VAL D 181 5.60 -3.60 -42.34
N VAL D 182 6.65 -4.37 -42.59
CA VAL D 182 7.35 -4.32 -43.86
C VAL D 182 6.81 -5.35 -44.84
N LYS D 183 6.18 -6.40 -44.34
CA LYS D 183 5.64 -7.45 -45.20
C LYS D 183 4.57 -8.21 -44.44
N SER D 184 3.54 -8.63 -45.16
CA SER D 184 2.49 -9.45 -44.57
C SER D 184 1.86 -10.30 -45.66
N VAL D 185 1.55 -11.55 -45.31
CA VAL D 185 0.85 -12.45 -46.20
C VAL D 185 -0.36 -13.00 -45.45
N GLU D 186 -1.40 -13.33 -46.20
CA GLU D 186 -2.61 -13.92 -45.65
C GLU D 186 -2.61 -15.40 -45.96
N MET D 187 -2.63 -16.23 -44.92
CA MET D 187 -2.47 -17.66 -45.09
C MET D 187 -3.66 -18.27 -45.80
N ASN D 188 -3.39 -19.13 -46.76
CA ASN D 188 -4.40 -19.87 -47.51
C ASN D 188 -4.52 -21.24 -46.84
N ALA D 189 -5.33 -21.29 -45.79
CA ALA D 189 -5.49 -22.49 -44.97
C ALA D 189 -6.96 -22.84 -44.88
N PRO D 190 -7.53 -23.45 -45.91
CA PRO D 190 -8.94 -23.85 -45.82
C PRO D 190 -9.12 -25.02 -44.87
N ASN D 191 -10.25 -25.00 -44.15
CA ASN D 191 -10.61 -26.05 -43.20
C ASN D 191 -9.67 -26.08 -42.00
N TYR D 192 -8.94 -24.99 -41.76
CA TYR D 192 -8.05 -24.86 -40.62
C TYR D 192 -8.55 -23.74 -39.72
N HIS D 193 -8.05 -23.72 -38.49
CA HIS D 193 -8.35 -22.63 -37.58
C HIS D 193 -7.12 -22.33 -36.74
N TYR D 194 -6.73 -21.06 -36.69
CA TYR D 194 -5.57 -20.61 -35.94
C TYR D 194 -6.00 -19.51 -34.99
N GLU D 195 -5.77 -19.70 -33.71
CA GLU D 195 -5.98 -18.67 -32.71
C GLU D 195 -4.88 -18.75 -31.68
N GLU D 196 -4.44 -17.60 -31.19
CA GLU D 196 -3.58 -17.51 -30.02
C GLU D 196 -2.34 -18.38 -30.18
N CYS D 197 -1.63 -18.13 -31.28
CA CYS D 197 -0.42 -18.88 -31.61
C CYS D 197 0.68 -18.58 -30.60
N SER D 198 1.51 -19.58 -30.34
CA SER D 198 2.70 -19.42 -29.52
C SER D 198 3.91 -19.76 -30.38
N CYS D 199 4.66 -18.72 -30.77
CA CYS D 199 5.70 -18.83 -31.77
C CYS D 199 7.08 -18.78 -31.13
N TYR D 200 8.01 -19.55 -31.68
CA TYR D 200 9.38 -19.54 -31.23
C TYR D 200 10.29 -19.68 -32.43
N PRO D 201 11.49 -19.12 -32.39
CA PRO D 201 12.44 -19.29 -33.50
C PRO D 201 13.24 -20.58 -33.38
N ASP D 202 13.55 -21.15 -34.54
CA ASP D 202 14.29 -22.41 -34.59
C ASP D 202 15.03 -22.51 -35.91
N ALA D 203 16.36 -22.44 -35.85
CA ALA D 203 17.23 -22.59 -37.01
C ALA D 203 16.93 -21.53 -38.08
N GLY D 204 16.65 -20.32 -37.63
CA GLY D 204 16.41 -19.21 -38.53
C GLY D 204 15.00 -19.10 -39.07
N ASP D 205 14.13 -20.06 -38.76
CA ASP D 205 12.74 -20.02 -39.14
C ASP D 205 11.88 -19.82 -37.90
N ILE D 206 10.58 -19.61 -38.12
CA ILE D 206 9.64 -19.39 -37.03
C ILE D 206 8.66 -20.56 -37.01
N MET D 207 8.32 -21.01 -35.81
CA MET D 207 7.40 -22.12 -35.64
C MET D 207 6.31 -21.71 -34.65
N CYS D 208 5.06 -21.79 -35.08
CA CYS D 208 3.92 -21.38 -34.26
C CYS D 208 2.98 -22.55 -34.07
N VAL D 209 2.60 -22.81 -32.82
CA VAL D 209 1.62 -23.83 -32.49
C VAL D 209 0.41 -23.15 -31.88
N CYS D 210 -0.72 -23.24 -32.56
CA CYS D 210 -1.88 -22.41 -32.28
C CYS D 210 -3.02 -23.24 -31.72
N ARG D 211 -4.17 -22.60 -31.53
CA ARG D 211 -5.34 -23.21 -30.92
C ARG D 211 -6.46 -23.29 -31.95
N ASP D 212 -6.99 -24.50 -32.15
CA ASP D 212 -8.09 -24.72 -33.09
C ASP D 212 -9.39 -24.65 -32.31
N ASN D 213 -10.15 -23.59 -32.52
CA ASN D 213 -11.34 -23.31 -31.74
C ASN D 213 -12.61 -23.70 -32.49
N TRP D 214 -12.49 -24.37 -33.63
CA TRP D 214 -13.63 -24.66 -34.48
C TRP D 214 -13.96 -26.14 -34.57
N HIS D 215 -13.06 -26.98 -35.08
CA HIS D 215 -13.38 -28.40 -35.23
C HIS D 215 -12.16 -29.28 -35.00
N GLY D 216 -11.30 -28.91 -34.07
CA GLY D 216 -10.06 -29.64 -33.86
C GLY D 216 -9.69 -29.76 -32.40
N SER D 217 -9.40 -30.99 -31.98
CA SER D 217 -8.95 -31.26 -30.63
C SER D 217 -7.44 -31.52 -30.54
N ASN D 218 -6.74 -31.52 -31.66
CA ASN D 218 -5.30 -31.45 -31.70
C ASN D 218 -4.88 -30.04 -32.07
N ARG D 219 -3.58 -29.80 -32.17
CA ARG D 219 -3.23 -28.42 -32.39
C ARG D 219 -2.68 -28.20 -33.79
N PRO D 220 -3.05 -27.10 -34.44
CA PRO D 220 -2.46 -26.75 -35.73
C PRO D 220 -1.16 -25.99 -35.56
N TRP D 221 -0.32 -26.08 -36.58
CA TRP D 221 0.94 -25.36 -36.57
C TRP D 221 1.17 -24.69 -37.91
N VAL D 222 1.97 -23.63 -37.90
CA VAL D 222 2.41 -22.97 -39.12
C VAL D 222 3.87 -22.61 -38.96
N SER D 223 4.67 -22.94 -39.98
CA SER D 223 6.09 -22.64 -39.98
C SER D 223 6.42 -21.81 -41.20
N PHE D 224 7.25 -20.79 -41.04
CA PHE D 224 7.57 -19.91 -42.14
C PHE D 224 8.99 -19.37 -41.95
N ASN D 225 9.57 -18.91 -43.04
CA ASN D 225 10.88 -18.29 -43.01
C ASN D 225 10.72 -16.77 -43.05
N GLN D 226 11.84 -16.07 -43.21
CA GLN D 226 11.82 -14.61 -43.20
C GLN D 226 11.18 -14.01 -44.44
N ASN D 227 10.90 -14.83 -45.45
CA ASN D 227 10.17 -14.40 -46.64
C ASN D 227 8.67 -14.60 -46.49
N LEU D 228 8.22 -15.05 -45.32
CA LEU D 228 6.83 -15.40 -45.05
C LEU D 228 6.33 -16.45 -46.05
N GLU D 229 7.17 -17.47 -46.24
CA GLU D 229 6.82 -18.62 -47.05
C GLU D 229 6.54 -19.77 -46.11
N TYR D 230 5.27 -20.18 -46.04
CA TYR D 230 4.73 -20.92 -44.90
C TYR D 230 4.37 -22.35 -45.26
N GLN D 231 4.25 -23.16 -44.22
CA GLN D 231 3.71 -24.51 -44.30
C GLN D 231 2.71 -24.69 -43.16
N ILE D 232 1.68 -25.48 -43.41
CA ILE D 232 0.60 -25.65 -42.44
C ILE D 232 0.35 -27.13 -42.21
N GLY D 233 -0.28 -27.43 -41.09
CA GLY D 233 -0.61 -28.80 -40.76
C GLY D 233 -1.09 -28.89 -39.33
N TYR D 234 -1.25 -30.12 -38.87
CA TYR D 234 -1.63 -30.41 -37.50
C TYR D 234 -0.60 -31.36 -36.89
N ILE D 235 -0.55 -31.40 -35.57
CA ILE D 235 0.44 -32.27 -34.88
C ILE D 235 -0.24 -33.62 -34.91
N CYS D 236 0.40 -34.63 -35.50
CA CYS D 236 -0.28 -35.91 -35.74
C CYS D 236 -0.09 -36.82 -34.59
N SER D 237 0.25 -36.32 -33.44
CA SER D 237 0.33 -37.25 -32.31
C SER D 237 -1.04 -37.65 -31.85
N GLY D 238 -1.18 -38.85 -31.37
CA GLY D 238 -2.39 -39.31 -30.73
C GLY D 238 -2.56 -38.85 -29.30
N ILE D 239 -1.61 -38.08 -28.79
CA ILE D 239 -1.70 -37.49 -27.46
C ILE D 239 -2.15 -36.06 -27.68
N PHE D 240 -3.47 -35.86 -27.64
CA PHE D 240 -4.04 -34.56 -27.99
C PHE D 240 -3.69 -33.52 -26.95
N GLY D 241 -3.50 -32.29 -27.41
CA GLY D 241 -3.03 -31.24 -26.54
C GLY D 241 -4.08 -30.19 -26.21
N ASP D 242 -5.19 -30.19 -26.94
CA ASP D 242 -6.19 -29.15 -26.76
C ASP D 242 -7.06 -29.49 -25.55
N ASN D 243 -8.01 -28.62 -25.24
CA ASN D 243 -8.90 -28.84 -24.12
C ASN D 243 -10.19 -28.05 -24.33
N PRO D 244 -11.34 -28.72 -24.48
CA PRO D 244 -11.61 -30.14 -24.31
C PRO D 244 -11.08 -31.02 -25.44
N ARG D 245 -10.81 -32.27 -25.11
CA ARG D 245 -10.23 -33.23 -26.04
C ARG D 245 -10.79 -34.61 -25.71
N PRO D 246 -10.75 -35.54 -26.65
CA PRO D 246 -11.16 -36.91 -26.33
C PRO D 246 -10.09 -37.64 -25.54
N ASN D 247 -10.35 -38.90 -25.20
CA ASN D 247 -9.31 -39.70 -24.60
C ASN D 247 -8.25 -40.05 -25.63
N ASP D 248 -7.05 -40.33 -25.14
CA ASP D 248 -5.94 -40.64 -26.04
C ASP D 248 -6.25 -41.88 -26.86
N GLY D 249 -5.99 -41.80 -28.15
CA GLY D 249 -6.16 -42.92 -29.05
C GLY D 249 -5.36 -42.71 -30.31
N THR D 250 -5.86 -43.21 -31.45
CA THR D 250 -5.19 -43.00 -32.73
C THR D 250 -5.41 -41.55 -33.14
N GLY D 251 -4.32 -40.81 -33.28
CA GLY D 251 -4.39 -39.41 -33.64
C GLY D 251 -4.46 -39.21 -35.13
N SER D 252 -4.28 -37.94 -35.55
CA SER D 252 -4.27 -37.60 -37.00
C SER D 252 -3.68 -36.25 -37.35
N CYS D 253 -3.33 -36.04 -38.63
CA CYS D 253 -2.64 -34.82 -39.12
C CYS D 253 -3.59 -33.92 -39.87
N SER D 254 -4.89 -34.10 -39.69
CA SER D 254 -5.93 -33.24 -40.29
C SER D 254 -6.80 -32.90 -39.10
N PRO D 255 -7.67 -31.90 -39.13
CA PRO D 255 -8.36 -31.52 -37.93
C PRO D 255 -9.07 -32.69 -37.28
N MET D 256 -8.92 -32.87 -35.97
CA MET D 256 -9.57 -34.01 -35.24
C MET D 256 -10.95 -33.54 -34.79
N PRO D 257 -12.10 -34.06 -35.28
CA PRO D 257 -13.40 -33.40 -35.07
C PRO D 257 -14.01 -33.71 -33.71
N SER D 258 -13.69 -34.87 -33.15
CA SER D 258 -14.39 -35.35 -31.97
C SER D 258 -14.06 -34.49 -30.75
N ASN D 259 -15.11 -33.92 -30.15
CA ASN D 259 -14.98 -33.17 -28.90
C ASN D 259 -13.98 -32.03 -29.04
N GLY D 260 -13.97 -31.39 -30.20
CA GLY D 260 -12.91 -30.45 -30.51
C GLY D 260 -13.32 -29.01 -30.73
N ALA D 261 -14.60 -28.69 -30.63
CA ALA D 261 -15.06 -27.37 -31.06
C ALA D 261 -14.93 -26.31 -29.97
N TYR D 262 -13.81 -26.26 -29.28
CA TYR D 262 -13.38 -25.19 -28.38
C TYR D 262 -11.89 -25.38 -28.19
N GLY D 263 -11.30 -24.72 -27.19
CA GLY D 263 -9.91 -24.99 -26.92
C GLY D 263 -9.35 -24.12 -25.82
N VAL D 264 -8.04 -24.24 -25.62
CA VAL D 264 -7.27 -23.38 -24.74
C VAL D 264 -5.91 -23.17 -25.39
N LYS D 265 -5.36 -21.97 -25.21
CA LYS D 265 -4.04 -21.67 -25.76
C LYS D 265 -2.99 -22.58 -25.16
N GLY D 266 -2.15 -23.14 -26.02
CA GLY D 266 -1.12 -24.06 -25.57
C GLY D 266 0.14 -23.92 -26.39
N PHE D 267 1.02 -24.93 -26.34
CA PHE D 267 2.29 -24.85 -27.04
C PHE D 267 2.80 -26.27 -27.28
N SER D 268 3.92 -26.36 -27.98
CA SER D 268 4.63 -27.60 -28.25
C SER D 268 5.96 -27.23 -28.88
N PHE D 269 6.96 -28.06 -28.61
CA PHE D 269 8.30 -27.87 -29.16
C PHE D 269 8.63 -29.05 -30.04
N LYS D 270 9.10 -28.77 -31.25
CA LYS D 270 9.41 -29.80 -32.23
C LYS D 270 10.89 -30.14 -32.16
N TYR D 271 11.19 -31.42 -31.96
CA TYR D 271 12.56 -31.92 -31.90
C TYR D 271 12.68 -33.03 -32.94
N GLY D 272 12.97 -32.65 -34.18
CA GLY D 272 12.99 -33.61 -35.27
C GLY D 272 11.60 -34.14 -35.54
N ASN D 273 11.37 -35.42 -35.23
CA ASN D 273 10.04 -35.99 -35.31
C ASN D 273 9.33 -36.03 -33.98
N GLY D 274 10.02 -35.75 -32.88
CA GLY D 274 9.41 -35.73 -31.57
C GLY D 274 8.71 -34.43 -31.29
N VAL D 275 8.08 -34.37 -30.12
CA VAL D 275 7.38 -33.17 -29.71
C VAL D 275 7.25 -33.19 -28.19
N TRP D 276 7.40 -32.01 -27.59
CA TRP D 276 7.13 -31.81 -26.17
C TRP D 276 5.76 -31.15 -26.04
N ILE D 277 4.78 -31.92 -25.59
CA ILE D 277 3.38 -31.47 -25.55
C ILE D 277 3.07 -30.98 -24.14
N GLY D 278 2.60 -29.74 -24.04
CA GLY D 278 2.15 -29.23 -22.77
C GLY D 278 0.64 -29.12 -22.73
N ARG D 279 -0.01 -29.87 -21.83
CA ARG D 279 -1.45 -29.97 -21.84
C ARG D 279 -1.97 -30.14 -20.42
N THR D 280 -3.25 -29.82 -20.23
CA THR D 280 -3.91 -30.00 -18.95
C THR D 280 -4.15 -31.48 -18.69
N LYS D 281 -4.28 -31.82 -17.40
CA LYS D 281 -4.44 -33.22 -17.03
C LYS D 281 -5.86 -33.72 -17.29
N SER D 282 -6.86 -32.87 -17.07
CA SER D 282 -8.24 -33.27 -17.29
C SER D 282 -8.66 -32.96 -18.72
N THR D 283 -9.43 -33.85 -19.31
CA THR D 283 -9.86 -33.71 -20.69
C THR D 283 -11.11 -32.87 -20.86
N SER D 284 -11.69 -32.36 -19.77
CA SER D 284 -12.96 -31.66 -19.86
C SER D 284 -12.88 -30.24 -19.31
N SER D 285 -12.02 -30.02 -18.32
CA SER D 285 -11.88 -28.71 -17.69
C SER D 285 -10.40 -28.37 -17.59
N ARG D 286 -10.11 -27.10 -17.36
CA ARG D 286 -8.75 -26.61 -17.27
C ARG D 286 -8.23 -26.86 -15.86
N SER D 287 -7.93 -28.13 -15.58
CA SER D 287 -7.36 -28.55 -14.31
C SER D 287 -6.14 -29.40 -14.57
N GLY D 288 -5.04 -29.08 -13.90
CA GLY D 288 -3.80 -29.83 -14.06
C GLY D 288 -2.95 -29.32 -15.18
N PHE D 289 -1.75 -29.91 -15.28
CA PHE D 289 -0.83 -29.62 -16.37
C PHE D 289 0.28 -30.65 -16.34
N GLU D 290 0.68 -31.12 -17.52
CA GLU D 290 1.79 -32.06 -17.62
C GLU D 290 2.55 -31.75 -18.89
N MET D 291 3.80 -32.22 -18.93
CA MET D 291 4.63 -32.14 -20.14
C MET D 291 4.89 -33.56 -20.64
N ILE D 292 4.48 -33.82 -21.87
CA ILE D 292 4.62 -35.13 -22.49
C ILE D 292 5.74 -35.07 -23.52
N TRP D 293 6.53 -36.13 -23.59
CA TRP D 293 7.58 -36.25 -24.59
C TRP D 293 7.27 -37.45 -25.47
N ASP D 294 6.76 -37.19 -26.67
CA ASP D 294 6.48 -38.25 -27.63
C ASP D 294 7.60 -38.26 -28.66
N PRO D 295 8.47 -39.28 -28.65
CA PRO D 295 9.66 -39.22 -29.51
C PRO D 295 9.35 -39.22 -31.00
N ASN D 296 8.14 -39.58 -31.40
CA ASN D 296 7.75 -39.58 -32.80
C ASN D 296 6.37 -38.94 -32.99
N GLY D 297 6.04 -37.96 -32.15
CA GLY D 297 4.69 -37.43 -32.11
C GLY D 297 4.43 -36.28 -33.07
N TRP D 298 5.40 -35.89 -33.88
CA TRP D 298 5.13 -34.86 -34.86
C TRP D 298 4.61 -35.42 -36.17
N THR D 299 4.92 -36.68 -36.48
CA THR D 299 4.50 -37.27 -37.74
C THR D 299 3.79 -38.61 -37.60
N GLU D 300 3.92 -39.27 -36.46
CA GLU D 300 3.28 -40.57 -36.29
C GLU D 300 2.09 -40.40 -35.37
N THR D 301 1.01 -41.14 -35.63
CA THR D 301 -0.26 -40.91 -34.94
C THR D 301 -0.46 -41.83 -33.75
N ASP D 302 0.55 -42.54 -33.31
CA ASP D 302 0.44 -43.41 -32.15
C ASP D 302 0.03 -42.61 -30.93
N SER D 303 -0.30 -43.31 -29.85
CA SER D 303 -0.67 -42.67 -28.59
C SER D 303 0.32 -43.04 -27.49
N SER D 304 1.49 -43.54 -27.87
CA SER D 304 2.50 -43.99 -26.92
C SER D 304 3.60 -42.95 -26.82
N PHE D 305 3.88 -42.52 -25.59
CA PHE D 305 4.89 -41.51 -25.32
C PHE D 305 6.04 -42.15 -24.56
N SER D 306 7.01 -41.32 -24.17
CA SER D 306 8.20 -41.76 -23.46
C SER D 306 8.31 -41.23 -22.05
N VAL D 307 8.05 -39.94 -21.83
CA VAL D 307 8.27 -39.31 -20.53
C VAL D 307 7.09 -38.40 -20.22
N LYS D 308 6.68 -38.41 -18.96
CA LYS D 308 5.76 -37.42 -18.41
C LYS D 308 6.46 -36.66 -17.30
N GLN D 309 6.18 -35.37 -17.20
CA GLN D 309 6.57 -34.59 -16.03
C GLN D 309 5.36 -33.81 -15.54
N ASP D 310 5.07 -33.91 -14.25
CA ASP D 310 3.89 -33.29 -13.68
C ASP D 310 4.18 -31.88 -13.24
N ILE D 311 3.26 -30.97 -13.56
CA ILE D 311 3.42 -29.55 -13.25
C ILE D 311 2.40 -29.09 -12.21
N VAL D 312 1.12 -29.45 -12.39
CA VAL D 312 0.05 -29.09 -11.46
C VAL D 312 -0.84 -30.32 -11.30
N GLU D 313 -1.44 -30.48 -10.15
CA GLU D 313 -2.27 -31.65 -9.95
C GLU D 313 -3.54 -31.47 -10.75
N ILE D 314 -4.24 -32.54 -11.05
CA ILE D 314 -5.54 -32.52 -11.72
C ILE D 314 -6.64 -31.94 -10.84
N THR D 315 -6.38 -31.82 -9.54
CA THR D 315 -7.32 -31.20 -8.62
C THR D 315 -7.12 -29.70 -8.50
N ASP D 316 -6.14 -29.13 -9.21
CA ASP D 316 -5.84 -27.71 -9.11
C ASP D 316 -6.07 -27.05 -10.47
N TRP D 317 -6.52 -25.81 -10.41
CA TRP D 317 -6.89 -25.08 -11.60
C TRP D 317 -5.66 -24.67 -12.39
N SER D 318 -5.77 -24.73 -13.71
CA SER D 318 -4.75 -24.24 -14.61
C SER D 318 -5.48 -23.43 -15.67
N GLY D 319 -4.80 -23.08 -16.75
CA GLY D 319 -5.36 -22.12 -17.69
C GLY D 319 -4.56 -22.05 -18.97
N TYR D 320 -4.27 -20.84 -19.44
CA TYR D 320 -3.50 -20.72 -20.67
C TYR D 320 -2.05 -21.13 -20.41
N SER D 321 -1.36 -21.53 -21.47
CA SER D 321 0.07 -21.72 -21.38
C SER D 321 0.69 -21.33 -22.70
N GLY D 322 1.97 -20.97 -22.66
CA GLY D 322 2.64 -20.51 -23.85
C GLY D 322 4.13 -20.74 -23.73
N SER D 323 4.82 -20.52 -24.83
CA SER D 323 6.24 -20.81 -24.91
C SER D 323 7.02 -19.53 -25.15
N PHE D 324 8.15 -19.42 -24.46
CA PHE D 324 9.12 -18.38 -24.76
C PHE D 324 10.49 -19.03 -24.80
N VAL D 325 11.45 -18.30 -25.37
CA VAL D 325 12.81 -18.78 -25.50
C VAL D 325 13.75 -17.74 -24.91
N GLN D 326 14.93 -18.20 -24.52
CA GLN D 326 16.00 -17.33 -24.04
C GLN D 326 17.14 -17.38 -25.04
N HIS D 327 17.39 -16.27 -25.70
CA HIS D 327 18.34 -16.24 -26.80
C HIS D 327 19.77 -16.39 -26.29
N PRO D 328 20.67 -16.88 -27.15
CA PRO D 328 22.06 -17.08 -26.70
C PRO D 328 22.74 -15.83 -26.20
N GLU D 329 22.31 -14.64 -26.64
CA GLU D 329 22.87 -13.42 -26.11
C GLU D 329 22.42 -13.13 -24.68
N LEU D 330 21.42 -13.87 -24.18
CA LEU D 330 21.01 -13.73 -22.80
C LEU D 330 21.64 -14.81 -21.92
N THR D 331 21.49 -16.07 -22.30
CA THR D 331 22.01 -17.18 -21.52
C THR D 331 23.51 -17.40 -21.69
N GLY D 332 24.09 -16.95 -22.80
CA GLY D 332 25.48 -17.19 -23.07
C GLY D 332 25.78 -18.54 -23.69
N LEU D 333 24.81 -19.45 -23.78
CA LEU D 333 24.99 -20.82 -24.33
C LEU D 333 25.13 -20.72 -25.84
N ASP D 334 25.09 -21.85 -26.53
CA ASP D 334 25.30 -21.86 -27.99
C ASP D 334 24.02 -22.28 -28.71
N CYS D 335 22.93 -22.47 -27.99
CA CYS D 335 21.70 -22.96 -28.60
C CYS D 335 20.54 -22.23 -27.94
N MET D 336 19.34 -22.19 -28.52
CA MET D 336 18.19 -21.45 -27.98
C MET D 336 17.52 -22.28 -26.92
N ARG D 337 17.28 -21.71 -25.76
CA ARG D 337 16.74 -22.49 -24.65
C ARG D 337 15.25 -22.40 -24.72
N PRO D 338 14.49 -23.52 -24.68
CA PRO D 338 13.03 -23.46 -24.61
C PRO D 338 12.52 -23.39 -23.19
N CYS D 339 11.57 -22.48 -22.98
CA CYS D 339 10.92 -22.30 -21.69
C CYS D 339 9.43 -22.22 -21.93
N PHE D 340 8.64 -22.23 -20.86
CA PHE D 340 7.20 -22.08 -20.99
C PHE D 340 6.63 -21.53 -19.69
N TRP D 341 5.42 -20.96 -19.79
CA TRP D 341 4.71 -20.43 -18.65
C TRP D 341 3.31 -21.02 -18.63
N VAL D 342 2.71 -21.06 -17.44
CA VAL D 342 1.35 -21.53 -17.28
C VAL D 342 0.57 -20.50 -16.47
N GLU D 343 -0.68 -20.26 -16.87
CA GLU D 343 -1.58 -19.36 -16.18
C GLU D 343 -2.55 -20.16 -15.34
N LEU D 344 -2.68 -19.79 -14.07
CA LEU D 344 -3.50 -20.50 -13.11
C LEU D 344 -4.71 -19.64 -12.79
N ILE D 345 -5.83 -19.91 -13.45
CA ILE D 345 -7.02 -19.07 -13.36
C ILE D 345 -7.79 -19.40 -12.10
N ARG D 346 -8.07 -18.38 -11.29
CA ARG D 346 -8.91 -18.49 -10.11
C ARG D 346 -10.05 -17.51 -10.24
N GLY D 347 -11.28 -17.93 -10.04
CA GLY D 347 -12.48 -17.08 -10.13
C GLY D 347 -13.51 -17.64 -11.05
N ARG D 348 -14.48 -16.86 -11.44
CA ARG D 348 -15.46 -17.28 -12.46
C ARG D 348 -14.74 -17.49 -13.78
N PRO D 349 -15.05 -18.52 -14.55
CA PRO D 349 -16.42 -19.03 -14.69
C PRO D 349 -16.75 -20.16 -13.71
N LYS D 350 -15.81 -20.73 -12.96
CA LYS D 350 -16.02 -21.95 -12.14
C LYS D 350 -16.07 -21.82 -10.63
N GLU D 351 -15.61 -20.74 -10.04
CA GLU D 351 -15.77 -20.51 -8.60
C GLU D 351 -16.79 -19.41 -8.36
N ASN D 352 -17.41 -19.39 -7.20
CA ASN D 352 -18.49 -18.48 -6.86
C ASN D 352 -17.90 -17.20 -6.29
N THR D 353 -17.30 -16.41 -7.19
CA THR D 353 -16.76 -15.10 -6.86
C THR D 353 -17.39 -14.11 -7.82
N ILE D 354 -16.98 -12.85 -7.72
CA ILE D 354 -17.41 -11.81 -8.66
C ILE D 354 -16.35 -11.50 -9.69
N TRP D 355 -15.13 -12.02 -9.52
CA TRP D 355 -13.97 -11.68 -10.32
C TRP D 355 -13.35 -12.94 -10.89
N THR D 356 -12.50 -12.76 -11.90
CA THR D 356 -11.60 -13.82 -12.33
C THR D 356 -10.22 -13.20 -12.52
N SER D 357 -9.20 -13.94 -12.12
CA SER D 357 -7.82 -13.49 -12.23
C SER D 357 -6.95 -14.72 -12.41
N GLY D 358 -5.67 -14.49 -12.60
CA GLY D 358 -4.75 -15.61 -12.75
C GLY D 358 -3.34 -15.21 -12.38
N SER D 359 -2.68 -16.08 -11.63
CA SER D 359 -1.25 -15.98 -11.39
C SER D 359 -0.54 -16.87 -12.41
N SER D 360 0.78 -16.94 -12.30
CA SER D 360 1.55 -17.67 -13.30
C SER D 360 2.73 -18.39 -12.65
N ILE D 361 3.15 -19.47 -13.30
CA ILE D 361 4.39 -20.17 -13.01
C ILE D 361 5.10 -20.38 -14.32
N SER D 362 6.41 -20.56 -14.27
CA SER D 362 7.16 -20.70 -15.50
C SER D 362 8.34 -21.65 -15.29
N PHE D 363 8.64 -22.43 -16.33
CA PHE D 363 9.65 -23.47 -16.29
C PHE D 363 10.59 -23.30 -17.47
N CYS D 364 11.84 -23.71 -17.29
CA CYS D 364 12.82 -23.67 -18.36
C CYS D 364 13.49 -25.03 -18.52
N GLY D 365 13.68 -25.44 -19.77
CA GLY D 365 14.17 -26.78 -20.05
C GLY D 365 15.67 -26.90 -19.84
N VAL D 366 16.07 -27.96 -19.14
CA VAL D 366 17.46 -28.21 -18.78
C VAL D 366 17.80 -29.65 -19.19
N ASN D 367 19.09 -29.90 -19.32
CA ASN D 367 19.59 -31.24 -19.63
C ASN D 367 20.01 -32.03 -18.42
N SER D 368 19.80 -31.52 -17.21
CA SER D 368 20.18 -32.20 -15.99
C SER D 368 18.94 -32.81 -15.33
N ASP D 369 19.10 -33.31 -14.11
CA ASP D 369 18.01 -33.99 -13.41
C ASP D 369 16.98 -33.01 -12.89
N THR D 370 15.71 -33.39 -13.00
CA THR D 370 14.59 -32.57 -12.57
C THR D 370 13.57 -33.47 -11.90
N VAL D 371 12.53 -32.85 -11.33
CA VAL D 371 11.50 -33.58 -10.59
C VAL D 371 10.14 -32.99 -10.96
N GLY D 372 9.11 -33.83 -10.88
CA GLY D 372 7.74 -33.41 -11.10
C GLY D 372 7.03 -33.27 -9.76
N TRP D 373 6.28 -32.18 -9.64
CA TRP D 373 5.57 -31.85 -8.41
C TRP D 373 4.28 -31.15 -8.81
N SER D 374 3.68 -30.43 -7.87
CA SER D 374 2.53 -29.58 -8.16
C SER D 374 2.79 -28.22 -7.53
N TRP D 375 2.80 -27.18 -8.37
CA TRP D 375 2.95 -25.80 -7.93
C TRP D 375 1.64 -25.09 -8.24
N PRO D 376 0.65 -25.20 -7.38
CA PRO D 376 -0.67 -24.65 -7.70
C PRO D 376 -0.76 -23.17 -7.38
N ASP D 377 -1.95 -22.60 -7.54
CA ASP D 377 -2.13 -21.17 -7.27
C ASP D 377 -2.08 -20.90 -5.77
N GLY D 378 -2.78 -21.70 -4.99
CA GLY D 378 -2.71 -21.61 -3.54
C GLY D 378 -3.60 -20.57 -2.90
N ALA D 379 -4.45 -19.90 -3.68
CA ALA D 379 -5.32 -18.87 -3.11
C ALA D 379 -6.53 -19.51 -2.44
N GLU D 380 -6.98 -18.92 -1.34
CA GLU D 380 -8.14 -19.41 -0.58
C GLU D 380 -9.31 -18.54 -0.93
N LEU D 381 -10.28 -19.10 -1.61
CA LEU D 381 -11.45 -18.37 -2.06
C LEU D 381 -12.70 -18.85 -1.35
N PRO D 382 -13.74 -17.99 -1.25
CA PRO D 382 -13.83 -16.63 -1.80
C PRO D 382 -13.15 -15.57 -0.93
N PHE D 383 -12.99 -14.38 -1.50
CA PHE D 383 -12.35 -13.27 -0.80
C PHE D 383 -13.36 -12.49 0.03
N THR D 384 -12.93 -11.35 0.56
CA THR D 384 -13.82 -10.53 1.37
C THR D 384 -14.88 -9.83 0.50
N ILE D 385 -14.50 -9.43 -0.72
CA ILE D 385 -15.42 -8.66 -1.56
C ILE D 385 -16.57 -9.55 -2.05
N ASP D 386 -16.40 -10.86 -1.99
CA ASP D 386 -17.44 -11.77 -2.43
C ASP D 386 -18.51 -12.02 -1.37
N LYS D 387 -18.31 -11.52 -0.16
CA LYS D 387 -19.20 -11.81 0.95
C LYS D 387 -20.25 -10.72 1.10
N GLU E 1 -10.95 22.79 12.45
CA GLU E 1 -12.40 23.00 12.22
C GLU E 1 -12.68 24.48 12.04
N VAL E 2 -13.35 24.85 10.96
CA VAL E 2 -13.60 26.26 10.60
C VAL E 2 -14.68 26.89 11.49
N GLN E 3 -14.62 28.20 11.75
CA GLN E 3 -15.59 28.86 12.64
C GLN E 3 -15.56 30.36 12.42
N LEU E 4 -16.66 31.05 12.66
CA LEU E 4 -16.76 32.51 12.51
C LEU E 4 -17.61 32.98 13.69
N VAL E 5 -17.13 33.92 14.51
CA VAL E 5 -17.88 34.35 15.72
C VAL E 5 -18.03 35.86 15.69
N GLU E 6 -19.24 36.38 15.50
CA GLU E 6 -19.44 37.84 15.39
C GLU E 6 -19.53 38.46 16.79
N SER E 7 -19.26 39.76 16.92
CA SER E 7 -19.33 40.46 18.22
C SER E 7 -19.53 41.95 18.00
N GLY E 8 -20.02 42.69 18.99
CA GLY E 8 -20.10 44.15 18.86
C GLY E 8 -21.50 44.71 18.92
N GLY E 9 -22.50 43.88 18.71
CA GLY E 9 -23.88 44.32 18.69
C GLY E 9 -24.35 44.81 20.05
N GLY E 10 -25.32 45.72 20.02
CA GLY E 10 -25.84 46.27 21.25
C GLY E 10 -26.92 47.30 20.98
N LEU E 11 -27.31 47.99 22.04
CA LEU E 11 -28.33 49.03 21.98
C LEU E 11 -27.64 50.37 21.72
N VAL E 12 -28.03 51.03 20.63
CA VAL E 12 -27.49 52.34 20.28
C VAL E 12 -28.65 53.24 19.88
N GLN E 13 -28.56 54.51 20.27
CA GLN E 13 -29.59 55.47 19.94
C GLN E 13 -29.52 55.85 18.47
N PRO E 14 -30.61 56.35 17.89
CA PRO E 14 -30.59 56.74 16.48
C PRO E 14 -29.55 57.81 16.20
N GLY E 15 -28.94 57.74 15.03
CA GLY E 15 -27.92 58.67 14.62
C GLY E 15 -26.54 58.40 15.18
N GLY E 16 -26.36 57.29 15.89
CA GLY E 16 -25.08 56.96 16.49
C GLY E 16 -24.17 56.19 15.55
N SER E 17 -23.18 55.53 16.14
CA SER E 17 -22.21 54.77 15.38
C SER E 17 -21.89 53.48 16.11
N LEU E 18 -21.42 52.49 15.35
CA LEU E 18 -21.11 51.19 15.92
C LEU E 18 -20.12 50.49 15.00
N ARG E 19 -19.50 49.42 15.51
CA ARG E 19 -18.57 48.66 14.67
C ARG E 19 -18.52 47.22 15.14
N LEU E 20 -18.90 46.29 14.25
CA LEU E 20 -18.89 44.88 14.53
C LEU E 20 -17.53 44.27 14.19
N SER E 21 -17.30 43.06 14.69
CA SER E 21 -16.05 42.37 14.40
C SER E 21 -16.33 40.87 14.34
N CYS E 22 -15.98 40.27 13.21
CA CYS E 22 -16.14 38.84 12.99
C CYS E 22 -14.75 38.22 12.99
N ALA E 23 -14.47 37.41 14.00
CA ALA E 23 -13.22 36.69 14.12
C ALA E 23 -13.40 35.31 13.51
N ALA E 24 -12.48 34.95 12.61
CA ALA E 24 -12.52 33.69 11.90
C ALA E 24 -11.36 32.80 12.32
N SER E 25 -11.62 31.50 12.34
CA SER E 25 -10.64 30.53 12.80
C SER E 25 -10.66 29.31 11.89
N GLY E 26 -9.49 28.75 11.62
CA GLY E 26 -9.38 27.55 10.81
C GLY E 26 -9.17 27.79 9.33
N PHE E 27 -9.18 29.05 8.88
CA PHE E 27 -8.97 29.37 7.48
C PHE E 27 -8.42 30.79 7.40
N SER E 28 -7.88 31.14 6.24
CA SER E 28 -7.26 32.44 6.04
C SER E 28 -8.11 33.29 5.11
N PHE E 29 -8.11 34.61 5.36
CA PHE E 29 -8.87 35.50 4.50
C PHE E 29 -8.24 35.70 3.14
N THR E 30 -6.97 35.36 2.98
CA THR E 30 -6.27 35.54 1.72
C THR E 30 -6.71 34.55 0.64
N THR E 31 -7.73 33.73 0.92
CA THR E 31 -8.27 32.80 -0.05
C THR E 31 -9.78 32.86 -0.22
N TYR E 32 -10.54 33.22 0.81
CA TYR E 32 -11.99 33.21 0.73
C TYR E 32 -12.56 34.60 0.81
N GLU E 33 -13.67 34.81 0.10
CA GLU E 33 -14.44 36.04 0.10
C GLU E 33 -15.42 36.05 1.27
N MET E 34 -15.65 37.25 1.81
CA MET E 34 -16.51 37.38 2.97
C MET E 34 -17.64 38.37 2.76
N ASN E 35 -18.66 38.22 3.59
CA ASN E 35 -19.95 38.87 3.37
C ASN E 35 -20.54 39.28 4.71
N TRP E 36 -21.30 40.37 4.70
CA TRP E 36 -22.15 40.75 5.81
C TRP E 36 -23.59 40.62 5.36
N VAL E 37 -24.38 39.84 6.09
CA VAL E 37 -25.78 39.59 5.77
C VAL E 37 -26.61 39.99 6.97
N ARG E 38 -27.71 40.71 6.73
CA ARG E 38 -28.54 41.15 7.83
C ARG E 38 -29.97 40.67 7.62
N GLN E 39 -30.62 40.36 8.74
CA GLN E 39 -32.03 39.95 8.74
C GLN E 39 -32.79 40.90 9.66
N ALA E 40 -33.71 41.66 9.09
CA ALA E 40 -34.55 42.53 9.89
C ALA E 40 -35.66 41.71 10.57
N PRO E 41 -36.13 42.15 11.75
CA PRO E 41 -37.19 41.38 12.42
C PRO E 41 -38.50 41.51 11.66
N GLY E 42 -38.92 40.41 11.04
CA GLY E 42 -40.10 40.40 10.20
C GLY E 42 -39.82 40.45 8.71
N LYS E 43 -38.56 40.40 8.30
CA LYS E 43 -38.17 40.43 6.90
C LYS E 43 -37.18 39.30 6.62
N GLY E 44 -36.83 39.14 5.36
CA GLY E 44 -35.89 38.13 4.93
C GLY E 44 -34.46 38.61 5.03
N LEU E 45 -33.54 37.71 4.66
CA LEU E 45 -32.13 38.04 4.66
C LEU E 45 -31.82 39.08 3.60
N GLU E 46 -30.89 39.97 3.92
CA GLU E 46 -30.45 40.99 2.98
C GLU E 46 -28.93 41.03 2.95
N TRP E 47 -28.38 41.21 1.75
CA TRP E 47 -26.94 41.21 1.53
C TRP E 47 -26.42 42.63 1.73
N VAL E 48 -25.66 42.84 2.80
CA VAL E 48 -25.19 44.18 3.16
C VAL E 48 -23.98 44.55 2.33
N SER E 49 -22.91 43.75 2.43
CA SER E 49 -21.69 44.05 1.70
C SER E 49 -20.92 42.76 1.45
N HIS E 50 -20.03 42.83 0.47
CA HIS E 50 -19.24 41.68 0.04
C HIS E 50 -17.84 42.16 -0.33
N ILE E 51 -16.84 41.56 0.33
CA ILE E 51 -15.42 41.87 0.14
C ILE E 51 -14.71 40.64 -0.42
N SER E 52 -13.73 40.90 -1.27
CA SER E 52 -12.98 39.86 -1.98
C SER E 52 -11.94 39.24 -1.07
N SER E 53 -11.22 38.25 -1.62
CA SER E 53 -10.03 37.73 -0.99
C SER E 53 -8.80 38.54 -1.35
N ARG E 54 -8.92 39.44 -2.32
CA ARG E 54 -7.85 40.36 -2.68
C ARG E 54 -7.93 41.68 -1.92
N GLY E 55 -8.96 41.86 -1.10
CA GLY E 55 -9.12 43.07 -0.32
C GLY E 55 -9.98 44.12 -0.95
N LEU E 56 -10.56 43.87 -2.12
CA LEU E 56 -11.43 44.81 -2.81
C LEU E 56 -12.86 44.58 -2.36
N VAL E 57 -13.53 45.65 -1.96
CA VAL E 57 -14.91 45.56 -1.53
C VAL E 57 -15.81 45.64 -2.75
N ILE E 58 -16.33 44.50 -3.18
CA ILE E 58 -17.11 44.45 -4.41
C ILE E 58 -18.50 45.06 -4.24
N TYR E 59 -19.21 44.75 -3.16
CA TYR E 59 -20.63 45.06 -3.12
C TYR E 59 -21.02 45.78 -1.84
N TYR E 60 -21.86 46.81 -1.98
CA TYR E 60 -22.63 47.41 -0.90
C TYR E 60 -24.11 47.35 -1.26
N ALA E 61 -24.95 47.15 -0.26
CA ALA E 61 -26.39 47.27 -0.49
C ALA E 61 -26.74 48.72 -0.80
N ASP E 62 -27.84 48.89 -1.54
CA ASP E 62 -28.25 50.23 -1.95
C ASP E 62 -28.56 51.11 -0.74
N SER E 63 -29.25 50.56 0.25
CA SER E 63 -29.67 51.36 1.40
C SER E 63 -28.48 51.81 2.24
N VAL E 64 -27.46 50.96 2.36
CA VAL E 64 -26.35 51.25 3.28
C VAL E 64 -25.17 51.92 2.59
N LYS E 65 -25.21 52.08 1.26
CA LYS E 65 -24.09 52.66 0.55
C LYS E 65 -23.90 54.11 0.94
N GLY E 66 -22.66 54.47 1.27
CA GLY E 66 -22.33 55.80 1.72
C GLY E 66 -22.31 55.95 3.23
N ARG E 67 -22.90 55.00 3.96
CA ARG E 67 -22.95 55.05 5.41
C ARG E 67 -22.12 53.98 6.10
N PHE E 68 -22.13 52.75 5.59
CA PHE E 68 -21.38 51.66 6.19
C PHE E 68 -20.00 51.61 5.54
N THR E 69 -19.05 51.03 6.27
CA THR E 69 -17.70 50.84 5.76
C THR E 69 -17.22 49.45 6.17
N MET E 70 -16.80 48.64 5.21
CA MET E 70 -16.37 47.28 5.45
C MET E 70 -14.88 47.18 5.21
N SER E 71 -14.17 46.53 6.15
CA SER E 71 -12.73 46.39 6.03
C SER E 71 -12.33 45.08 6.68
N ARG E 72 -11.04 44.77 6.63
CA ARG E 72 -10.56 43.51 7.18
C ARG E 72 -9.11 43.66 7.61
N ASP E 73 -8.67 42.72 8.43
CA ASP E 73 -7.27 42.64 8.86
C ASP E 73 -6.86 41.19 8.67
N THR E 74 -6.06 40.93 7.63
CA THR E 74 -5.69 39.57 7.30
C THR E 74 -4.67 38.98 8.27
N ALA E 75 -3.75 39.81 8.79
CA ALA E 75 -2.79 39.31 9.77
C ALA E 75 -3.49 38.85 11.04
N LYS E 76 -4.69 39.36 11.29
CA LYS E 76 -5.48 39.02 12.45
C LYS E 76 -6.65 38.10 12.11
N ASN E 77 -6.94 37.92 10.82
CA ASN E 77 -8.13 37.20 10.35
C ASN E 77 -9.39 37.77 10.98
N SER E 78 -9.61 39.07 10.77
CA SER E 78 -10.77 39.76 11.31
C SER E 78 -11.48 40.52 10.21
N LEU E 79 -12.81 40.53 10.29
CA LEU E 79 -13.65 41.27 9.35
C LEU E 79 -14.45 42.30 10.14
N TYR E 80 -14.49 43.53 9.64
CA TYR E 80 -15.08 44.63 10.39
C TYR E 80 -16.17 45.31 9.58
N LEU E 81 -17.05 45.98 10.31
CA LEU E 81 -18.15 46.74 9.72
C LEU E 81 -18.43 47.94 10.60
N GLN E 82 -18.09 49.13 10.12
CA GLN E 82 -18.38 50.40 10.76
C GLN E 82 -19.71 50.91 10.23
N MET E 83 -20.70 51.03 11.11
CA MET E 83 -21.94 51.71 10.74
C MET E 83 -21.94 53.11 11.35
N ASP E 84 -22.27 54.10 10.52
CA ASP E 84 -22.37 55.48 10.95
C ASP E 84 -23.74 56.03 10.57
N SER E 85 -24.23 56.97 11.37
CA SER E 85 -25.54 57.59 11.15
C SER E 85 -26.64 56.53 11.07
N LEU E 86 -26.71 55.68 12.10
CA LEU E 86 -27.67 54.53 12.12
C LEU E 86 -29.14 54.95 12.07
N THR E 87 -30.04 54.04 11.67
CA THR E 87 -31.50 54.31 11.57
C THR E 87 -32.26 53.09 12.10
N VAL E 88 -33.55 53.24 12.38
CA VAL E 88 -34.35 52.11 12.96
C VAL E 88 -34.48 51.00 11.94
N ALA E 89 -34.31 51.30 10.65
CA ALA E 89 -34.31 50.25 9.61
C ALA E 89 -33.15 49.29 9.90
N ASP E 90 -32.05 49.79 10.43
CA ASP E 90 -30.82 48.99 10.64
C ASP E 90 -31.03 47.87 11.67
N THR E 91 -32.05 47.94 12.50
CA THR E 91 -32.21 46.92 13.58
C THR E 91 -32.25 45.54 12.94
N ALA E 92 -31.44 44.59 13.38
CA ALA E 92 -31.39 43.31 12.66
C ALA E 92 -30.45 42.32 13.33
N VAL E 93 -30.39 41.09 12.83
CA VAL E 93 -29.38 40.12 13.32
C VAL E 93 -28.33 40.03 12.21
N TYR E 94 -27.10 40.49 12.45
CA TYR E 94 -26.04 40.51 11.47
C TYR E 94 -25.23 39.23 11.53
N TYR E 95 -24.86 38.73 10.36
CA TYR E 95 -24.06 37.53 10.18
C TYR E 95 -22.86 37.88 9.31
N CYS E 96 -21.74 37.24 9.59
CA CYS E 96 -20.59 37.25 8.69
C CYS E 96 -20.53 35.88 8.03
N ALA E 97 -20.57 35.87 6.71
CA ALA E 97 -20.65 34.65 5.93
C ALA E 97 -19.45 34.55 5.00
N ARG E 98 -19.17 33.34 4.54
CA ARG E 98 -17.94 33.06 3.81
C ARG E 98 -18.24 32.23 2.58
N HIS E 99 -17.74 32.67 1.42
CA HIS E 99 -17.81 31.82 0.24
C HIS E 99 -16.51 31.95 -0.54
N TYR E 100 -16.45 31.27 -1.68
CA TYR E 100 -15.22 31.01 -2.39
C TYR E 100 -15.37 31.36 -3.86
N PHE E 101 -14.30 31.88 -4.46
CA PHE E 101 -14.23 32.09 -5.89
C PHE E 101 -13.25 31.08 -6.48
N ASP E 102 -13.78 30.13 -7.23
CA ASP E 102 -12.96 29.11 -7.88
C ASP E 102 -12.52 29.61 -9.25
N ARG E 103 -11.23 29.46 -9.53
CA ARG E 103 -10.66 29.97 -10.77
C ARG E 103 -11.28 29.31 -12.00
N ASP E 104 -11.78 28.09 -11.85
CA ASP E 104 -12.35 27.35 -12.97
C ASP E 104 -13.88 27.37 -12.95
N TRP E 105 -14.47 27.01 -11.81
CA TRP E 105 -15.92 26.91 -11.75
C TRP E 105 -16.60 28.22 -11.40
N GLY E 106 -15.90 29.15 -10.75
CA GLY E 106 -16.51 30.42 -10.39
C GLY E 106 -16.92 30.51 -8.94
N TYR E 107 -17.87 31.40 -8.62
CA TYR E 107 -18.35 31.58 -7.27
C TYR E 107 -19.07 30.33 -6.77
N SER E 108 -19.14 30.22 -5.44
CA SER E 108 -19.52 28.98 -4.79
C SER E 108 -20.82 29.08 -3.99
N GLY E 109 -20.97 30.10 -3.16
CA GLY E 109 -22.17 30.16 -2.34
C GLY E 109 -21.85 30.07 -0.87
N MET E 110 -22.53 30.90 -0.06
CA MET E 110 -22.16 31.09 1.33
C MET E 110 -22.26 29.77 2.09
N ASP E 111 -21.12 29.25 2.48
CA ASP E 111 -21.01 27.90 3.03
C ASP E 111 -21.02 27.89 4.55
N LEU E 112 -20.42 28.89 5.19
CA LEU E 112 -20.17 28.88 6.62
C LEU E 112 -20.63 30.18 7.24
N TRP E 113 -21.34 30.08 8.36
CA TRP E 113 -21.99 31.22 9.00
C TRP E 113 -21.70 31.23 10.50
N GLY E 114 -21.99 32.36 11.13
CA GLY E 114 -22.03 32.44 12.59
C GLY E 114 -23.46 32.58 13.09
N GLN E 115 -23.59 32.66 14.42
CA GLN E 115 -24.89 32.95 15.00
C GLN E 115 -25.33 34.40 14.80
N GLY E 116 -24.40 35.34 14.78
CA GLY E 116 -24.77 36.71 14.48
C GLY E 116 -24.98 37.55 15.73
N THR E 117 -24.99 38.87 15.55
CA THR E 117 -25.20 39.78 16.67
C THR E 117 -26.38 40.69 16.36
N THR E 118 -27.14 41.01 17.39
CA THR E 118 -28.34 41.81 17.27
C THR E 118 -27.99 43.28 17.44
N VAL E 119 -28.39 44.10 16.48
CA VAL E 119 -28.26 45.55 16.59
C VAL E 119 -29.65 46.15 16.59
N THR E 120 -30.00 46.82 17.68
CA THR E 120 -31.33 47.38 17.86
C THR E 120 -31.24 48.86 18.19
N VAL E 121 -32.24 49.62 17.76
CA VAL E 121 -32.28 51.06 17.92
C VAL E 121 -33.56 51.42 18.66
N SER E 122 -33.44 52.22 19.71
CA SER E 122 -34.56 52.57 20.56
C SER E 122 -34.73 54.08 20.63
N SER E 123 -35.99 54.51 20.79
CA SER E 123 -36.36 55.91 20.90
C SER E 123 -35.80 56.75 19.75
N GLU F 1 -31.82 45.59 -11.99
CA GLU F 1 -32.06 44.80 -10.78
C GLU F 1 -32.95 43.60 -11.10
N VAL F 2 -32.74 42.51 -10.37
CA VAL F 2 -33.48 41.27 -10.56
C VAL F 2 -34.06 40.88 -9.21
N VAL F 3 -35.38 40.83 -9.13
CA VAL F 3 -36.07 40.41 -7.91
C VAL F 3 -36.46 38.94 -8.03
N LEU F 4 -36.24 38.20 -6.96
CA LEU F 4 -36.62 36.80 -6.89
C LEU F 4 -37.89 36.68 -6.07
N THR F 5 -38.92 36.06 -6.65
CA THR F 5 -40.23 35.97 -6.01
C THR F 5 -40.50 34.50 -5.71
N GLN F 6 -40.59 34.16 -4.43
CA GLN F 6 -40.99 32.81 -4.05
C GLN F 6 -42.50 32.75 -3.98
N SER F 7 -43.11 31.88 -4.81
CA SER F 7 -44.56 31.94 -5.00
C SER F 7 -45.32 31.63 -3.71
N PRO F 8 -45.03 30.56 -2.97
CA PRO F 8 -45.74 30.33 -1.70
C PRO F 8 -45.21 31.23 -0.61
N GLY F 9 -46.03 32.19 -0.18
CA GLY F 9 -45.67 33.00 0.96
C GLY F 9 -45.57 32.19 2.23
N THR F 10 -46.54 31.31 2.47
CA THR F 10 -46.50 30.36 3.56
C THR F 10 -47.06 29.04 3.05
N LEU F 11 -46.56 27.94 3.58
CA LEU F 11 -46.96 26.63 3.10
C LEU F 11 -46.98 25.66 4.27
N SER F 12 -48.14 25.06 4.52
CA SER F 12 -48.34 24.15 5.63
C SER F 12 -48.64 22.75 5.09
N LEU F 13 -47.97 21.75 5.67
CA LEU F 13 -48.16 20.37 5.27
C LEU F 13 -48.05 19.47 6.49
N SER F 14 -48.28 18.18 6.27
CA SER F 14 -48.15 17.18 7.30
C SER F 14 -46.79 16.49 7.21
N PRO F 15 -46.30 15.93 8.30
CA PRO F 15 -44.95 15.34 8.29
C PRO F 15 -44.87 14.03 7.52
N GLY F 16 -44.58 14.10 6.22
CA GLY F 16 -44.38 12.88 5.47
C GLY F 16 -44.79 12.85 4.01
N GLU F 17 -45.34 13.95 3.49
CA GLU F 17 -45.64 14.05 2.07
C GLU F 17 -44.59 14.91 1.37
N ARG F 18 -44.85 15.19 0.09
CA ARG F 18 -43.91 15.97 -0.76
C ARG F 18 -44.17 17.46 -0.66
N ALA F 19 -43.10 18.24 -0.55
CA ALA F 19 -43.19 19.68 -0.41
C ALA F 19 -42.44 20.31 -1.57
N THR F 20 -43.12 21.14 -2.35
CA THR F 20 -42.58 21.72 -3.57
C THR F 20 -42.59 23.23 -3.44
N LEU F 21 -41.41 23.83 -3.24
CA LEU F 21 -41.26 25.31 -3.10
C LEU F 21 -40.59 25.80 -4.38
N SER F 22 -40.84 27.02 -4.80
CA SER F 22 -40.30 27.48 -6.10
C SER F 22 -39.81 28.93 -6.01
N CYS F 23 -39.05 29.38 -7.00
CA CYS F 23 -38.49 30.76 -7.02
C CYS F 23 -38.65 31.20 -8.46
N ARG F 24 -38.91 32.48 -8.69
CA ARG F 24 -39.16 32.96 -10.07
C ARG F 24 -38.27 34.16 -10.30
N ALA F 25 -37.72 34.28 -11.50
CA ALA F 25 -36.75 35.35 -11.77
C ALA F 25 -37.34 36.44 -12.65
N SER F 26 -37.19 37.69 -12.23
CA SER F 26 -37.72 38.85 -13.00
C SER F 26 -36.92 38.97 -14.29
N GLN F 27 -35.96 38.07 -14.49
CA GLN F 27 -35.15 38.04 -15.69
C GLN F 27 -34.53 36.66 -15.88
N SER F 28 -34.26 36.23 -17.11
CA SER F 28 -33.69 34.85 -17.23
C SER F 28 -32.41 34.80 -16.41
N LEU F 29 -32.12 33.70 -15.71
CA LEU F 29 -30.83 33.71 -14.97
C LEU F 29 -29.78 32.95 -15.77
N GLY F 30 -28.94 33.68 -16.52
CA GLY F 30 -27.86 33.04 -17.31
C GLY F 30 -26.92 32.37 -16.35
N THR F 31 -26.75 33.00 -15.19
CA THR F 31 -25.95 32.41 -14.10
C THR F 31 -26.63 31.12 -13.62
N ASN F 32 -25.88 30.05 -13.38
CA ASN F 32 -26.45 28.83 -12.77
C ASN F 32 -26.18 29.14 -11.31
N TYR F 33 -25.88 30.41 -11.07
CA TYR F 33 -25.58 30.90 -9.72
C TYR F 33 -26.85 31.13 -8.95
N LEU F 34 -27.48 30.07 -8.49
CA LEU F 34 -28.63 30.24 -7.60
C LEU F 34 -28.59 29.14 -6.55
N ALA F 35 -28.77 29.52 -5.29
CA ALA F 35 -28.60 28.61 -4.17
C ALA F 35 -29.85 28.65 -3.29
N TRP F 36 -29.99 27.62 -2.47
CA TRP F 36 -31.11 27.49 -1.55
C TRP F 36 -30.59 27.37 -0.12
N TYR F 37 -31.20 28.12 0.79
CA TYR F 37 -30.80 28.14 2.19
C TYR F 37 -31.98 27.75 3.08
N GLN F 38 -31.65 27.03 4.15
CA GLN F 38 -32.62 26.65 5.17
C GLN F 38 -32.29 27.40 6.44
N HIS F 39 -33.24 28.19 6.93
CA HIS F 39 -33.07 29.02 8.11
C HIS F 39 -34.08 28.57 9.15
N LYS F 40 -33.60 27.94 10.22
CA LYS F 40 -34.37 27.55 11.39
C LYS F 40 -34.23 28.60 12.46
N PRO F 41 -35.32 29.04 13.07
CA PRO F 41 -35.23 30.14 14.05
C PRO F 41 -34.29 29.80 15.19
N GLY F 42 -33.50 30.79 15.59
CA GLY F 42 -32.50 30.59 16.63
C GLY F 42 -31.21 29.97 16.16
N GLN F 43 -31.06 29.71 14.86
CA GLN F 43 -29.85 29.09 14.32
C GLN F 43 -29.43 29.82 13.05
N SER F 44 -28.16 29.64 12.69
CA SER F 44 -27.65 30.23 11.47
C SER F 44 -28.23 29.53 10.25
N PRO F 45 -28.33 30.22 9.12
CA PRO F 45 -28.81 29.58 7.90
C PRO F 45 -27.83 28.50 7.43
N ARG F 46 -28.37 27.54 6.69
CA ARG F 46 -27.60 26.41 6.20
C ARG F 46 -27.79 26.30 4.70
N LEU F 47 -26.70 26.04 3.98
CA LEU F 47 -26.72 25.89 2.54
C LEU F 47 -27.21 24.48 2.19
N LEU F 48 -28.31 24.40 1.43
CA LEU F 48 -28.84 23.12 0.98
C LEU F 48 -28.42 22.80 -0.45
N ILE F 49 -28.79 23.66 -1.39
CA ILE F 49 -28.57 23.44 -2.81
C ILE F 49 -27.69 24.54 -3.34
N ASP F 50 -26.67 24.16 -4.10
CA ASP F 50 -25.79 25.12 -4.74
C ASP F 50 -25.76 24.83 -6.24
N GLY F 51 -25.77 25.86 -7.06
CA GLY F 51 -25.62 25.62 -8.50
C GLY F 51 -26.93 25.29 -9.13
N ALA F 52 -28.01 25.41 -8.39
CA ALA F 52 -29.40 25.23 -8.89
C ALA F 52 -29.86 23.78 -8.86
N SER F 53 -28.96 22.82 -8.72
CA SER F 53 -29.38 21.40 -8.76
C SER F 53 -28.50 20.49 -7.93
N THR F 54 -27.49 20.96 -7.23
CA THR F 54 -26.60 20.00 -6.54
C THR F 54 -26.55 20.16 -5.02
N ARG F 55 -26.90 19.10 -4.28
CA ARG F 55 -26.97 19.14 -2.80
C ARG F 55 -25.62 19.34 -2.16
N ALA F 56 -25.51 20.23 -1.17
CA ALA F 56 -24.24 20.56 -0.54
C ALA F 56 -23.68 19.33 0.19
N ILE F 57 -22.51 19.49 0.78
CA ILE F 57 -21.90 18.41 1.56
C ILE F 57 -22.70 18.22 2.84
N GLY F 58 -23.33 17.06 3.01
CA GLY F 58 -24.16 16.81 4.21
C GLY F 58 -25.68 16.83 3.99
N ILE F 59 -26.20 17.88 3.37
CA ILE F 59 -27.65 17.99 3.06
C ILE F 59 -28.18 16.64 2.61
N PRO F 60 -29.26 16.12 3.23
CA PRO F 60 -29.76 14.77 2.95
C PRO F 60 -30.45 14.48 1.63
N ASP F 61 -30.65 13.20 1.31
CA ASP F 61 -31.22 12.77 0.01
C ASP F 61 -32.62 13.33 -0.22
N ARG F 62 -33.44 13.47 0.81
CA ARG F 62 -34.82 13.97 0.66
C ARG F 62 -34.74 15.26 -0.14
N PHE F 63 -33.81 16.14 0.17
CA PHE F 63 -33.74 17.47 -0.50
C PHE F 63 -33.24 17.32 -1.92
N SER F 64 -33.92 17.96 -2.84
CA SER F 64 -33.47 17.93 -4.25
C SER F 64 -33.94 19.21 -4.89
N ALA F 65 -33.32 19.56 -5.98
CA ALA F 65 -33.66 20.82 -6.62
C ALA F 65 -33.46 20.70 -8.12
N SER F 66 -33.96 21.70 -8.81
CA SER F 66 -33.72 21.72 -10.27
C SER F 66 -34.28 23.02 -10.80
N GLY F 67 -34.02 23.28 -12.06
CA GLY F 67 -34.60 24.49 -12.66
C GLY F 67 -33.69 25.01 -13.73
N SER F 68 -34.10 26.10 -14.38
CA SER F 68 -33.24 26.78 -15.38
C SER F 68 -33.93 28.09 -15.68
N GLY F 69 -33.23 29.04 -16.29
CA GLY F 69 -33.94 30.25 -16.74
C GLY F 69 -34.69 30.94 -15.62
N THR F 70 -36.00 31.08 -15.74
CA THR F 70 -36.77 31.86 -14.73
C THR F 70 -37.47 30.96 -13.72
N ASP F 71 -37.41 29.63 -13.84
CA ASP F 71 -38.18 28.81 -12.84
C ASP F 71 -37.25 27.86 -12.11
N PHE F 72 -37.24 27.95 -10.78
CA PHE F 72 -36.34 27.11 -9.97
C PHE F 72 -37.21 26.41 -8.92
N THR F 73 -36.93 25.14 -8.61
CA THR F 73 -37.85 24.40 -7.72
C THR F 73 -37.09 23.53 -6.74
N LEU F 74 -37.51 23.52 -5.49
CA LEU F 74 -36.92 22.71 -4.44
C LEU F 74 -37.98 21.74 -3.94
N THR F 75 -37.66 20.45 -3.95
CA THR F 75 -38.62 19.41 -3.61
C THR F 75 -38.08 18.56 -2.47
N VAL F 76 -38.92 18.34 -1.46
CA VAL F 76 -38.64 17.43 -0.37
C VAL F 76 -39.62 16.27 -0.49
N SER F 77 -39.12 15.08 -0.82
CA SER F 77 -40.00 13.95 -1.09
C SER F 77 -40.71 13.49 0.18
N ARG F 78 -39.99 13.40 1.29
CA ARG F 78 -40.54 12.94 2.56
C ARG F 78 -40.12 13.91 3.64
N LEU F 79 -41.04 14.74 4.12
CA LEU F 79 -40.70 15.69 5.16
C LEU F 79 -40.47 14.99 6.50
N GLU F 80 -39.82 15.72 7.39
CA GLU F 80 -39.47 15.27 8.73
C GLU F 80 -39.76 16.40 9.71
N PRO F 81 -39.90 16.08 11.00
CA PRO F 81 -40.17 17.15 11.98
C PRO F 81 -39.14 18.26 11.97
N GLU F 82 -37.88 17.95 11.67
CA GLU F 82 -36.82 18.96 11.63
C GLU F 82 -36.69 19.63 10.27
N ASP F 83 -37.52 19.23 9.29
CA ASP F 83 -37.43 19.78 7.94
C ASP F 83 -38.30 21.02 7.77
N PHE F 84 -38.85 21.57 8.86
CA PHE F 84 -39.77 22.69 8.81
C PHE F 84 -39.02 23.94 9.24
N ALA F 85 -38.78 24.84 8.29
CA ALA F 85 -38.02 26.07 8.52
C ALA F 85 -38.41 27.07 7.44
N VAL F 86 -37.62 28.14 7.32
CA VAL F 86 -37.83 29.13 6.27
C VAL F 86 -36.83 28.87 5.17
N TYR F 87 -37.27 28.91 3.92
CA TYR F 87 -36.44 28.55 2.79
C TYR F 87 -36.22 29.74 1.88
N TYR F 88 -34.95 30.04 1.60
CA TYR F 88 -34.57 31.21 0.82
C TYR F 88 -33.90 30.77 -0.48
N CYS F 89 -34.13 31.53 -1.54
CA CYS F 89 -33.42 31.36 -2.80
C CYS F 89 -32.57 32.59 -3.05
N GLN F 90 -31.30 32.37 -3.35
CA GLN F 90 -30.30 33.43 -3.46
C GLN F 90 -29.67 33.42 -4.84
N HIS F 91 -29.50 34.60 -5.41
CA HIS F 91 -28.78 34.79 -6.66
C HIS F 91 -27.47 35.49 -6.29
N TYR F 92 -26.37 34.72 -6.27
CA TYR F 92 -25.07 35.28 -5.91
C TYR F 92 -24.24 35.67 -7.13
N GLY F 93 -24.86 35.70 -8.31
CA GLY F 93 -24.29 36.38 -9.45
C GLY F 93 -24.82 37.80 -9.51
N ASN F 94 -24.29 38.57 -10.44
CA ASN F 94 -24.75 39.95 -10.59
C ASN F 94 -26.18 39.96 -11.12
N PRO F 95 -27.12 40.66 -10.45
CA PRO F 95 -26.96 41.41 -9.21
C PRO F 95 -27.24 40.58 -7.96
N TYR F 96 -26.57 40.92 -6.86
CA TYR F 96 -26.68 40.15 -5.62
C TYR F 96 -27.98 40.45 -4.90
N THR F 97 -28.85 39.44 -4.80
CA THR F 97 -30.09 39.57 -4.04
C THR F 97 -30.42 38.23 -3.40
N PHE F 98 -31.25 38.27 -2.36
CA PHE F 98 -31.94 37.13 -1.78
C PHE F 98 -33.42 37.16 -2.18
N GLY F 99 -34.09 36.04 -1.93
CA GLY F 99 -35.53 35.96 -2.02
C GLY F 99 -36.18 36.33 -0.69
N GLN F 100 -37.52 36.37 -0.71
CA GLN F 100 -38.27 36.78 0.46
C GLN F 100 -38.52 35.64 1.45
N GLY F 101 -38.45 34.39 1.02
CA GLY F 101 -38.55 33.26 1.93
C GLY F 101 -39.93 32.64 1.93
N THR F 102 -40.02 31.46 2.55
CA THR F 102 -41.25 30.71 2.63
C THR F 102 -41.20 29.83 3.87
N LYS F 103 -42.25 29.89 4.70
CA LYS F 103 -42.30 29.15 5.96
C LYS F 103 -42.98 27.82 5.74
N LEU F 104 -42.41 26.76 6.33
CA LEU F 104 -43.04 25.45 6.38
C LEU F 104 -43.32 25.11 7.84
N GLU F 105 -44.56 24.74 8.14
CA GLU F 105 -44.93 24.39 9.50
C GLU F 105 -45.90 23.22 9.49
N ILE F 106 -45.96 22.52 10.62
CA ILE F 106 -46.80 21.33 10.72
C ILE F 106 -48.26 21.72 10.64
N LYS F 107 -49.03 20.94 9.88
CA LYS F 107 -50.47 21.13 9.80
C LYS F 107 -51.18 20.17 10.74
N GLU G 1 1.49 -4.86 28.98
CA GLU G 1 2.63 -5.74 28.71
C GLU G 1 3.88 -5.22 29.41
N VAL G 2 3.77 -4.06 30.02
CA VAL G 2 4.78 -3.51 30.90
C VAL G 2 4.27 -3.60 32.33
N GLN G 3 5.15 -4.01 33.25
CA GLN G 3 4.71 -4.37 34.58
C GLN G 3 5.79 -4.02 35.59
N LEU G 4 5.40 -3.59 36.78
CA LEU G 4 6.37 -3.31 37.85
C LEU G 4 5.82 -4.01 39.08
N VAL G 5 6.54 -4.95 39.69
CA VAL G 5 6.00 -5.71 40.85
C VAL G 5 6.90 -5.53 42.06
N GLU G 6 6.46 -4.82 43.10
CA GLU G 6 7.27 -4.59 44.31
C GLU G 6 7.18 -5.84 45.16
N SER G 7 8.15 -6.07 46.04
CA SER G 7 8.14 -7.24 46.96
C SER G 7 9.04 -6.91 48.14
N GLY G 8 8.86 -7.54 49.30
CA GLY G 8 9.80 -7.35 50.42
C GLY G 8 9.20 -6.80 51.70
N GLY G 9 8.01 -6.25 51.66
CA GLY G 9 7.36 -5.63 52.80
C GLY G 9 6.97 -6.64 53.85
N GLY G 10 6.91 -6.17 55.09
CA GLY G 10 6.55 -7.06 56.18
C GLY G 10 6.58 -6.32 57.50
N LEU G 11 6.45 -7.11 58.57
CA LEU G 11 6.46 -6.58 59.94
C LEU G 11 7.90 -6.60 60.46
N VAL G 12 8.40 -5.43 60.85
CA VAL G 12 9.73 -5.29 61.40
C VAL G 12 9.66 -4.42 62.64
N GLN G 13 10.45 -4.77 63.66
CA GLN G 13 10.47 -4.01 64.88
C GLN G 13 11.22 -2.68 64.68
N PRO G 14 10.97 -1.69 65.54
CA PRO G 14 11.67 -0.40 65.39
C PRO G 14 13.17 -0.57 65.47
N GLY G 15 13.89 0.24 64.70
CA GLY G 15 15.34 0.20 64.68
C GLY G 15 15.93 -0.89 63.83
N GLY G 16 15.12 -1.65 63.11
CA GLY G 16 15.59 -2.74 62.29
C GLY G 16 15.99 -2.30 60.90
N SER G 17 16.04 -3.28 59.99
CA SER G 17 16.45 -3.02 58.61
C SER G 17 15.59 -3.86 57.69
N LEU G 18 15.48 -3.40 56.43
CA LEU G 18 14.65 -4.08 55.45
C LEU G 18 15.13 -3.69 54.06
N ARG G 19 14.71 -4.45 53.05
CA ARG G 19 15.09 -4.10 51.68
C ARG G 19 14.02 -4.60 50.72
N LEU G 20 13.42 -3.65 49.99
CA LEU G 20 12.40 -3.96 48.99
C LEU G 20 13.03 -4.25 47.64
N SER G 21 12.23 -4.84 46.75
CA SER G 21 12.72 -5.12 45.41
C SER G 21 11.56 -4.99 44.44
N CYS G 22 11.73 -4.14 43.44
CA CYS G 22 10.75 -3.92 42.40
C CYS G 22 11.28 -4.52 41.11
N ALA G 23 10.63 -5.57 40.64
CA ALA G 23 10.98 -6.24 39.40
C ALA G 23 10.13 -5.66 38.29
N ALA G 24 10.78 -5.24 37.21
CA ALA G 24 10.13 -4.61 36.08
C ALA G 24 10.22 -5.52 34.85
N SER G 25 9.17 -5.47 34.03
CA SER G 25 9.06 -6.32 32.87
C SER G 25 8.50 -5.53 31.71
N GLY G 26 9.01 -5.80 30.50
CA GLY G 26 8.54 -5.15 29.30
C GLY G 26 9.28 -3.89 28.91
N PHE G 27 10.23 -3.44 29.72
CA PHE G 27 11.01 -2.25 29.41
C PHE G 27 12.36 -2.38 30.13
N SER G 28 13.31 -1.54 29.72
CA SER G 28 14.66 -1.58 30.26
C SER G 28 14.92 -0.35 31.12
N PHE G 29 15.71 -0.53 32.18
CA PHE G 29 16.04 0.60 33.04
C PHE G 29 17.02 1.56 32.40
N THR G 30 17.71 1.16 31.34
CA THR G 30 18.68 2.02 30.69
C THR G 30 18.04 3.14 29.89
N THR G 31 16.72 3.29 29.97
CA THR G 31 16.03 4.38 29.29
C THR G 31 15.08 5.17 30.17
N TYR G 32 14.50 4.56 31.20
CA TYR G 32 13.50 5.26 32.02
C TYR G 32 14.02 5.47 33.43
N GLU G 33 13.62 6.59 34.03
CA GLU G 33 13.89 6.95 35.41
C GLU G 33 12.88 6.32 36.35
N MET G 34 13.36 5.95 37.54
CA MET G 34 12.50 5.27 38.50
C MET G 34 12.45 5.97 39.85
N ASN G 35 11.41 5.64 40.60
CA ASN G 35 11.02 6.40 41.76
C ASN G 35 10.49 5.46 42.83
N TRP G 36 10.70 5.83 44.08
CA TRP G 36 10.03 5.19 45.21
C TRP G 36 9.08 6.21 45.83
N VAL G 37 7.81 5.85 45.93
CA VAL G 37 6.78 6.73 46.47
C VAL G 37 6.11 6.01 47.63
N ARG G 38 5.92 6.71 48.74
CA ARG G 38 5.30 6.07 49.90
C ARG G 38 4.07 6.85 50.33
N GLN G 39 3.08 6.11 50.82
CA GLN G 39 1.85 6.70 51.34
C GLN G 39 1.68 6.22 52.77
N ALA G 40 1.72 7.15 53.73
CA ALA G 40 1.49 6.80 55.12
C ALA G 40 -0.02 6.62 55.36
N PRO G 41 -0.40 5.78 56.32
CA PRO G 41 -1.84 5.59 56.59
C PRO G 41 -2.43 6.84 57.22
N GLY G 42 -3.27 7.55 56.47
CA GLY G 42 -3.83 8.81 56.90
C GLY G 42 -3.15 10.03 56.33
N LYS G 43 -2.20 9.87 55.40
CA LYS G 43 -1.50 10.98 54.79
C LYS G 43 -1.48 10.77 53.28
N GLY G 44 -0.97 11.78 52.55
CA GLY G 44 -0.88 11.73 51.12
C GLY G 44 0.41 11.05 50.65
N LEU G 45 0.54 10.96 49.34
CA LEU G 45 1.73 10.37 48.74
C LEU G 45 2.95 11.24 49.02
N GLU G 46 4.08 10.58 49.22
CA GLU G 46 5.34 11.27 49.45
C GLU G 46 6.42 10.67 48.57
N TRP G 47 7.27 11.52 48.02
CA TRP G 47 8.33 11.11 47.11
C TRP G 47 9.57 10.75 47.92
N VAL G 48 9.91 9.46 47.94
CA VAL G 48 11.00 8.99 48.77
C VAL G 48 12.34 9.23 48.07
N SER G 49 12.51 8.67 46.88
CA SER G 49 13.77 8.82 46.16
C SER G 49 13.51 8.67 44.67
N HIS G 50 14.46 9.19 43.90
CA HIS G 50 14.36 9.21 42.44
C HIS G 50 15.74 8.96 41.86
N ILE G 51 15.85 7.93 41.02
CA ILE G 51 17.08 7.51 40.36
C ILE G 51 16.91 7.68 38.85
N SER G 52 18.02 8.04 38.20
CA SER G 52 18.05 8.33 36.78
C SER G 52 18.09 7.05 35.95
N SER G 53 18.08 7.21 34.63
CA SER G 53 18.37 6.12 33.73
C SER G 53 19.86 5.95 33.50
N ARG G 54 20.66 6.90 33.95
CA ARG G 54 22.12 6.80 33.89
C ARG G 54 22.71 6.20 35.15
N GLY G 55 21.87 5.89 36.15
CA GLY G 55 22.34 5.29 37.38
C GLY G 55 22.64 6.26 38.50
N LEU G 56 22.42 7.56 38.28
CA LEU G 56 22.65 8.57 39.30
C LEU G 56 21.38 8.76 40.11
N VAL G 57 21.51 8.71 41.43
CA VAL G 57 20.37 8.91 42.30
C VAL G 57 20.19 10.41 42.53
N ILE G 58 19.19 10.98 41.85
CA ILE G 58 18.99 12.42 41.91
C ILE G 58 18.40 12.87 43.24
N TYR G 59 17.38 12.19 43.74
CA TYR G 59 16.60 12.76 44.84
C TYR G 59 16.42 11.78 45.99
N TYR G 60 16.58 12.30 47.21
CA TYR G 60 16.12 11.67 48.44
C TYR G 60 15.19 12.63 49.16
N ALA G 61 14.17 12.07 49.82
CA ALA G 61 13.33 12.88 50.69
C ALA G 61 14.14 13.36 51.89
N ASP G 62 13.72 14.50 52.45
CA ASP G 62 14.45 15.09 53.57
C ASP G 62 14.47 14.15 54.77
N SER G 63 13.33 13.52 55.06
CA SER G 63 13.23 12.69 56.26
C SER G 63 14.10 11.44 56.14
N VAL G 64 14.20 10.87 54.94
CA VAL G 64 14.87 9.59 54.78
C VAL G 64 16.33 9.73 54.37
N LYS G 65 16.81 10.94 54.12
CA LYS G 65 18.17 11.14 53.67
C LYS G 65 19.15 10.75 54.76
N GLY G 66 20.15 9.94 54.39
CA GLY G 66 21.11 9.42 55.33
C GLY G 66 20.77 8.06 55.89
N ARG G 67 19.53 7.62 55.74
CA ARG G 67 19.08 6.32 56.26
C ARG G 67 18.74 5.32 55.18
N PHE G 68 18.07 5.74 54.11
CA PHE G 68 17.69 4.86 53.02
C PHE G 68 18.79 4.85 51.97
N THR G 69 18.83 3.77 51.19
CA THR G 69 19.79 3.66 50.10
C THR G 69 19.08 3.03 48.92
N MET G 70 19.12 3.71 47.77
CA MET G 70 18.43 3.27 46.57
C MET G 70 19.46 2.84 45.53
N SER G 71 19.24 1.69 44.91
CA SER G 71 20.17 1.17 43.92
C SER G 71 19.38 0.38 42.89
N ARG G 72 20.07 -0.15 41.89
CA ARG G 72 19.39 -0.88 40.82
C ARG G 72 20.37 -1.87 40.21
N ASP G 73 19.81 -2.84 39.50
CA ASP G 73 20.58 -3.82 38.74
C ASP G 73 19.95 -3.86 37.35
N THR G 74 20.64 -3.26 36.38
CA THR G 74 20.09 -3.16 35.03
C THR G 74 20.12 -4.50 34.29
N ALA G 75 21.14 -5.33 34.53
CA ALA G 75 21.17 -6.64 33.89
C ALA G 75 20.00 -7.51 34.33
N LYS G 76 19.45 -7.21 35.49
CA LYS G 76 18.33 -7.94 36.06
C LYS G 76 17.02 -7.16 35.95
N ASN G 77 17.08 -5.87 35.61
CA ASN G 77 15.94 -4.98 35.63
C ASN G 77 15.25 -4.99 37.01
N SER G 78 16.04 -4.67 38.03
CA SER G 78 15.54 -4.65 39.39
C SER G 78 15.87 -3.32 40.05
N LEU G 79 14.95 -2.82 40.87
CA LEU G 79 15.14 -1.60 41.64
C LEU G 79 15.05 -1.94 43.12
N TYR G 80 15.99 -1.44 43.92
CA TYR G 80 16.09 -1.83 45.31
C TYR G 80 16.02 -0.61 46.22
N LEU G 81 15.65 -0.88 47.47
CA LEU G 81 15.58 0.14 48.51
C LEU G 81 15.92 -0.51 49.83
N GLN G 82 17.09 -0.17 50.37
CA GLN G 82 17.53 -0.59 51.69
C GLN G 82 17.13 0.47 52.70
N MET G 83 16.26 0.10 53.65
CA MET G 83 15.97 0.97 54.78
C MET G 83 16.72 0.47 55.99
N ASP G 84 17.39 1.38 56.69
CA ASP G 84 18.12 1.07 57.90
C ASP G 84 17.66 2.02 59.00
N SER G 85 17.70 1.53 60.25
CA SER G 85 17.28 2.30 61.42
C SER G 85 15.86 2.81 61.25
N LEU G 86 14.95 1.87 60.98
CA LEU G 86 13.55 2.20 60.77
C LEU G 86 12.91 2.76 62.03
N THR G 87 12.04 3.74 61.85
CA THR G 87 11.32 4.36 62.95
C THR G 87 9.82 4.06 62.80
N VAL G 88 9.04 4.58 63.75
CA VAL G 88 7.59 4.37 63.70
C VAL G 88 6.92 5.21 62.62
N ALA G 89 7.56 6.30 62.19
CA ALA G 89 7.00 7.13 61.14
C ALA G 89 7.20 6.55 59.75
N ASP G 90 7.98 5.47 59.63
CA ASP G 90 8.23 4.81 58.35
C ASP G 90 7.15 3.79 58.00
N THR G 91 6.14 3.62 58.84
CA THR G 91 5.03 2.76 58.49
C THR G 91 4.29 3.39 57.31
N ALA G 92 4.12 2.64 56.22
CA ALA G 92 3.55 3.20 54.99
C ALA G 92 3.31 2.06 54.00
N VAL G 93 2.88 2.45 52.80
CA VAL G 93 2.78 1.53 51.67
C VAL G 93 3.63 2.10 50.55
N TYR G 94 4.48 1.26 49.96
CA TYR G 94 5.51 1.71 49.04
C TYR G 94 5.20 1.26 47.61
N TYR G 95 5.47 2.16 46.68
CA TYR G 95 5.27 1.94 45.25
C TYR G 95 6.59 2.24 44.54
N CYS G 96 6.86 1.49 43.49
CA CYS G 96 7.92 1.81 42.55
C CYS G 96 7.25 2.34 41.29
N ALA G 97 7.61 3.56 40.90
CA ALA G 97 6.97 4.27 39.80
C ALA G 97 8.01 4.60 38.73
N ARG G 98 7.53 4.85 37.53
CA ARG G 98 8.41 4.98 36.37
C ARG G 98 8.03 6.21 35.55
N HIS G 99 9.00 7.04 35.24
CA HIS G 99 8.75 8.13 34.29
C HIS G 99 9.96 8.28 33.38
N TYR G 100 9.88 9.27 32.49
CA TYR G 100 10.77 9.38 31.35
C TYR G 100 11.33 10.79 31.26
N PHE G 101 12.59 10.88 30.84
CA PHE G 101 13.21 12.16 30.51
C PHE G 101 13.39 12.25 29.01
N ASP G 102 12.62 13.12 28.38
CA ASP G 102 12.69 13.33 26.95
C ASP G 102 13.73 14.40 26.65
N ARG G 103 14.60 14.11 25.69
CA ARG G 103 15.71 15.00 25.35
C ARG G 103 15.21 16.36 24.85
N ASP G 104 14.02 16.41 24.28
CA ASP G 104 13.47 17.65 23.73
C ASP G 104 12.43 18.26 24.64
N TRP G 105 11.44 17.48 25.08
CA TRP G 105 10.36 18.03 25.88
C TRP G 105 10.66 18.05 27.37
N GLY G 106 11.56 17.18 27.84
CA GLY G 106 11.87 17.15 29.26
C GLY G 106 11.22 16.01 30.02
N TYR G 107 11.07 16.17 31.33
CA TYR G 107 10.45 15.14 32.15
C TYR G 107 8.99 14.95 31.81
N SER G 108 8.46 13.78 32.16
CA SER G 108 7.18 13.31 31.66
C SER G 108 6.13 13.15 32.74
N GLY G 109 6.44 12.49 33.85
CA GLY G 109 5.42 12.26 34.85
C GLY G 109 5.14 10.79 35.04
N MET G 110 5.00 10.37 36.30
CA MET G 110 4.94 8.96 36.65
C MET G 110 3.78 8.27 35.96
N ASP G 111 4.10 7.42 34.99
CA ASP G 111 3.12 6.83 34.10
C ASP G 111 2.64 5.45 34.55
N LEU G 112 3.53 4.66 35.14
CA LEU G 112 3.27 3.25 35.40
C LEU G 112 3.62 2.93 36.84
N TRP G 113 2.74 2.21 37.52
CA TRP G 113 2.86 1.94 38.95
C TRP G 113 2.63 0.47 39.23
N GLY G 114 2.98 0.05 40.46
CA GLY G 114 2.58 -1.24 40.98
C GLY G 114 1.54 -1.10 42.07
N GLN G 115 1.11 -2.24 42.61
CA GLN G 115 0.24 -2.20 43.78
C GLN G 115 0.95 -1.79 45.05
N GLY G 116 2.22 -2.14 45.21
CA GLY G 116 2.97 -1.68 46.36
C GLY G 116 3.01 -2.68 47.49
N THR G 117 3.92 -2.48 48.43
CA THR G 117 4.06 -3.37 49.57
C THR G 117 3.94 -2.57 50.85
N THR G 118 3.31 -3.18 51.85
CA THR G 118 3.07 -2.52 53.13
C THR G 118 4.23 -2.78 54.07
N VAL G 119 4.78 -1.72 54.64
CA VAL G 119 5.81 -1.84 55.67
C VAL G 119 5.25 -1.23 56.95
N THR G 120 5.13 -2.05 57.99
CA THR G 120 4.53 -1.63 59.24
C THR G 120 5.48 -1.92 60.39
N VAL G 121 5.43 -1.08 61.41
CA VAL G 121 6.31 -1.17 62.57
C VAL G 121 5.45 -1.28 63.82
N SER G 122 5.75 -2.26 64.67
CA SER G 122 4.95 -2.55 65.85
C SER G 122 5.81 -2.49 67.10
N SER G 123 5.19 -2.09 68.20
CA SER G 123 5.84 -1.99 69.50
C SER G 123 7.11 -1.15 69.45
N GLU H 1 12.08 25.59 49.31
CA GLU H 1 11.04 24.58 49.21
C GLU H 1 9.72 25.21 48.76
N VAL H 2 8.93 24.44 48.02
CA VAL H 2 7.65 24.89 47.49
C VAL H 2 6.58 23.90 47.95
N VAL H 3 5.62 24.38 48.71
CA VAL H 3 4.51 23.55 49.16
C VAL H 3 3.31 23.79 48.26
N LEU H 4 2.64 22.70 47.89
CA LEU H 4 1.43 22.76 47.09
C LEU H 4 0.24 22.55 48.00
N THR H 5 -0.70 23.50 47.98
CA THR H 5 -1.86 23.46 48.87
C THR H 5 -3.11 23.27 48.02
N GLN H 6 -3.78 22.14 48.19
CA GLN H 6 -5.06 21.94 47.53
C GLN H 6 -6.17 22.50 48.42
N SER H 7 -6.90 23.49 47.88
CA SER H 7 -7.81 24.26 48.72
C SER H 7 -8.91 23.40 49.33
N PRO H 8 -9.65 22.58 48.57
CA PRO H 8 -10.67 21.73 49.19
C PRO H 8 -10.03 20.55 49.88
N GLY H 9 -10.09 20.54 51.22
CA GLY H 9 -9.64 19.36 51.95
C GLY H 9 -10.49 18.14 51.66
N THR H 10 -11.81 18.33 51.64
CA THR H 10 -12.74 17.29 51.23
C THR H 10 -13.85 17.96 50.43
N LEU H 11 -14.39 17.23 49.46
CA LEU H 11 -15.39 17.80 48.57
C LEU H 11 -16.40 16.72 48.20
N SER H 12 -17.67 16.97 48.53
CA SER H 12 -18.75 16.02 48.29
C SER H 12 -19.72 16.60 47.26
N LEU H 13 -20.09 15.78 46.29
CA LEU H 13 -21.02 16.18 45.24
C LEU H 13 -21.90 15.00 44.87
N SER H 14 -22.86 15.27 43.98
CA SER H 14 -23.73 14.25 43.45
C SER H 14 -23.23 13.75 42.11
N PRO H 15 -23.60 12.53 41.72
CA PRO H 15 -23.06 11.96 40.48
C PRO H 15 -23.63 12.58 39.22
N GLY H 16 -23.01 13.65 38.71
CA GLY H 16 -23.45 14.21 37.46
C GLY H 16 -23.31 15.71 37.25
N GLU H 17 -22.60 16.40 38.17
CA GLU H 17 -22.35 17.86 37.98
C GLU H 17 -20.87 18.23 37.94
N ARG H 18 -20.54 19.50 37.72
CA ARG H 18 -19.14 19.96 37.62
C ARG H 18 -18.41 19.85 38.95
N ALA H 19 -17.17 19.36 38.93
CA ALA H 19 -16.31 19.29 40.13
C ALA H 19 -15.05 20.07 39.79
N THR H 20 -14.73 21.11 40.56
CA THR H 20 -13.46 21.85 40.35
C THR H 20 -12.56 21.63 41.56
N LEU H 21 -11.37 21.06 41.35
CA LEU H 21 -10.36 20.84 42.43
C LEU H 21 -9.25 21.83 42.12
N SER H 22 -8.55 22.32 43.13
CA SER H 22 -7.55 23.38 42.87
C SER H 22 -6.29 23.17 43.68
N CYS H 23 -5.14 23.64 43.19
CA CYS H 23 -3.88 23.62 43.97
C CYS H 23 -3.32 25.02 43.88
N ARG H 24 -2.71 25.46 44.96
CA ARG H 24 -2.09 26.80 44.96
C ARG H 24 -0.61 26.56 45.27
N ALA H 25 0.29 27.07 44.45
CA ALA H 25 1.73 26.95 44.76
C ALA H 25 2.16 28.11 45.66
N SER H 26 2.95 27.81 46.70
CA SER H 26 3.45 28.87 47.61
C SER H 26 4.34 29.84 46.84
N GLN H 27 5.21 29.31 45.99
CA GLN H 27 6.09 30.17 45.17
C GLN H 27 5.72 29.90 43.71
N SER H 28 5.76 30.92 42.86
CA SER H 28 5.51 30.68 41.42
C SER H 28 6.39 29.55 40.93
N LEU H 29 5.93 28.84 39.90
CA LEU H 29 6.71 27.74 39.35
C LEU H 29 7.09 28.03 37.90
N GLY H 30 8.34 28.38 37.67
CA GLY H 30 8.81 28.61 36.31
C GLY H 30 8.68 27.38 35.45
N THR H 31 8.91 26.21 36.02
CA THR H 31 8.63 24.97 35.33
C THR H 31 7.13 24.80 35.14
N ASN H 32 6.74 24.38 33.94
CA ASN H 32 5.36 24.02 33.67
C ASN H 32 5.12 22.54 33.94
N TYR H 33 5.88 21.97 34.87
CA TYR H 33 5.88 20.54 35.15
C TYR H 33 5.03 20.29 36.39
N LEU H 34 3.72 20.19 36.16
CA LEU H 34 2.78 19.88 37.22
C LEU H 34 1.77 18.88 36.69
N ALA H 35 1.52 17.83 37.46
CA ALA H 35 0.69 16.72 37.01
C ALA H 35 -0.39 16.45 38.04
N TRP H 36 -1.43 15.73 37.61
CA TRP H 36 -2.55 15.36 38.45
C TRP H 36 -2.71 13.85 38.47
N TYR H 37 -2.91 13.30 39.66
CA TYR H 37 -3.04 11.86 39.86
C TYR H 37 -4.36 11.55 40.52
N GLN H 38 -4.95 10.42 40.10
CA GLN H 38 -6.16 9.89 40.70
C GLN H 38 -5.82 8.61 41.44
N HIS H 39 -6.11 8.59 42.74
CA HIS H 39 -5.79 7.46 43.61
C HIS H 39 -7.09 6.94 44.19
N LYS H 40 -7.49 5.75 43.74
CA LYS H 40 -8.63 5.01 44.25
C LYS H 40 -8.16 4.00 45.28
N PRO H 41 -8.81 3.92 46.45
CA PRO H 41 -8.30 3.03 47.50
C PRO H 41 -8.23 1.58 47.02
N GLY H 42 -7.15 0.91 47.41
CA GLY H 42 -6.91 -0.44 46.97
C GLY H 42 -6.29 -0.58 45.60
N GLN H 43 -5.97 0.52 44.94
CA GLN H 43 -5.40 0.49 43.60
C GLN H 43 -4.24 1.47 43.51
N SER H 44 -3.38 1.27 42.53
CA SER H 44 -2.26 2.17 42.31
C SER H 44 -2.77 3.51 41.76
N PRO H 45 -2.04 4.59 42.01
CA PRO H 45 -2.43 5.89 41.43
C PRO H 45 -2.34 5.86 39.92
N ARG H 46 -3.12 6.75 39.30
CA ARG H 46 -3.18 6.84 37.85
C ARG H 46 -2.94 8.27 37.43
N LEU H 47 -2.16 8.45 36.38
CA LEU H 47 -1.84 9.78 35.85
C LEU H 47 -3.00 10.26 34.99
N LEU H 48 -3.58 11.40 35.35
CA LEU H 48 -4.65 12.01 34.57
C LEU H 48 -4.15 13.12 33.66
N ILE H 49 -3.54 14.14 34.24
CA ILE H 49 -3.12 15.34 33.53
C ILE H 49 -1.62 15.46 33.67
N ASP H 50 -0.95 15.71 32.56
CA ASP H 50 0.48 15.96 32.56
C ASP H 50 0.75 17.29 31.88
N GLY H 51 1.74 18.01 32.41
CA GLY H 51 2.02 19.33 31.88
C GLY H 51 1.00 20.37 32.25
N ALA H 52 0.13 20.05 33.23
CA ALA H 52 -0.86 20.96 33.79
C ALA H 52 -1.97 21.31 32.81
N SER H 53 -1.91 20.81 31.58
CA SER H 53 -2.95 21.13 30.62
C SER H 53 -3.36 20.00 29.70
N THR H 54 -2.73 18.83 29.77
CA THR H 54 -2.93 17.79 28.75
C THR H 54 -3.29 16.47 29.40
N ARG H 55 -4.39 15.87 28.93
CA ARG H 55 -4.81 14.56 29.40
C ARG H 55 -3.81 13.49 28.96
N ALA H 56 -3.64 12.47 29.80
CA ALA H 56 -2.74 11.38 29.47
C ALA H 56 -3.39 10.45 28.44
N ILE H 57 -2.66 9.42 28.03
CA ILE H 57 -3.19 8.44 27.10
C ILE H 57 -4.24 7.61 27.82
N GLY H 58 -5.44 7.51 27.22
CA GLY H 58 -6.50 6.70 27.76
C GLY H 58 -7.39 7.40 28.76
N ILE H 59 -6.98 8.55 29.28
CA ILE H 59 -7.84 9.33 30.17
C ILE H 59 -8.99 9.91 29.35
N PRO H 60 -10.23 9.74 29.79
CA PRO H 60 -11.37 10.20 28.98
C PRO H 60 -11.36 11.71 28.79
N ASP H 61 -12.19 12.14 27.84
CA ASP H 61 -12.42 13.57 27.62
C ASP H 61 -13.11 14.18 28.84
N ARG H 62 -13.70 13.38 29.72
CA ARG H 62 -14.45 13.97 30.89
C ARG H 62 -13.50 14.88 31.67
N PHE H 63 -12.25 14.44 31.93
CA PHE H 63 -11.42 15.34 32.70
C PHE H 63 -10.83 16.45 31.84
N SER H 64 -10.59 17.60 32.47
CA SER H 64 -9.83 18.67 31.84
C SER H 64 -9.05 19.40 32.92
N ALA H 65 -8.00 20.10 32.51
CA ALA H 65 -7.20 20.87 33.45
C ALA H 65 -6.70 22.14 32.80
N SER H 66 -6.35 23.10 33.65
CA SER H 66 -5.82 24.38 33.18
C SER H 66 -5.04 25.00 34.33
N GLY H 67 -4.38 26.11 34.04
CA GLY H 67 -3.69 26.83 35.09
C GLY H 67 -2.70 27.83 34.53
N SER H 68 -2.18 28.65 35.43
CA SER H 68 -1.17 29.65 35.12
C SER H 68 -0.45 30.06 36.39
N GLY H 69 0.87 30.15 36.33
CA GLY H 69 1.66 30.60 37.47
C GLY H 69 1.45 29.75 38.70
N THR H 70 0.76 30.32 39.69
CA THR H 70 0.53 29.65 40.97
C THR H 70 -0.84 28.99 41.07
N ASP H 71 -1.73 29.18 40.09
CA ASP H 71 -3.07 28.65 40.15
C ASP H 71 -3.22 27.49 39.17
N PHE H 72 -3.78 26.38 39.66
CA PHE H 72 -4.00 25.21 38.81
C PHE H 72 -5.35 24.60 39.16
N THR H 73 -6.07 24.17 38.12
CA THR H 73 -7.46 23.74 38.28
C THR H 73 -7.70 22.48 37.48
N LEU H 74 -8.40 21.53 38.11
CA LEU H 74 -8.84 20.30 37.45
C LEU H 74 -10.36 20.28 37.49
N THR H 75 -10.99 20.12 36.34
CA THR H 75 -12.44 20.19 36.23
C THR H 75 -12.98 18.90 35.62
N VAL H 76 -14.00 18.34 36.25
CA VAL H 76 -14.75 17.21 35.73
C VAL H 76 -16.15 17.70 35.41
N SER H 77 -16.50 17.76 34.12
CA SER H 77 -17.77 18.34 33.71
C SER H 77 -18.94 17.48 34.18
N ARG H 78 -18.84 16.16 34.00
CA ARG H 78 -19.90 15.24 34.37
C ARG H 78 -19.28 14.10 35.16
N LEU H 79 -19.52 14.08 36.47
CA LEU H 79 -18.97 13.02 37.29
C LEU H 79 -19.67 11.70 37.03
N GLU H 80 -19.01 10.62 37.45
CA GLU H 80 -19.47 9.25 37.30
C GLU H 80 -19.22 8.52 38.61
N PRO H 81 -19.91 7.39 38.84
CA PRO H 81 -19.68 6.65 40.09
C PRO H 81 -18.23 6.25 40.31
N GLU H 82 -17.48 5.98 39.25
CA GLU H 82 -16.08 5.60 39.36
C GLU H 82 -15.14 6.80 39.37
N ASP H 83 -15.67 8.02 39.28
CA ASP H 83 -14.85 9.23 39.24
C ASP H 83 -14.58 9.78 40.63
N PHE H 84 -14.92 9.03 41.68
CA PHE H 84 -14.78 9.49 43.06
C PHE H 84 -13.57 8.83 43.68
N ALA H 85 -12.53 9.61 43.93
CA ALA H 85 -11.26 9.11 44.45
C ALA H 85 -10.54 10.28 45.12
N VAL H 86 -9.26 10.09 45.42
CA VAL H 86 -8.42 11.15 45.98
C VAL H 86 -7.57 11.71 44.86
N TYR H 87 -7.48 13.04 44.78
CA TYR H 87 -6.81 13.70 43.68
C TYR H 87 -5.60 14.47 44.17
N TYR H 88 -4.45 14.19 43.57
CA TYR H 88 -3.18 14.77 43.98
C TYR H 88 -2.63 15.65 42.86
N CYS H 89 -1.96 16.73 43.26
CA CYS H 89 -1.20 17.57 42.33
C CYS H 89 0.28 17.47 42.68
N GLN H 90 1.09 17.19 41.67
CA GLN H 90 2.50 16.91 41.84
C GLN H 90 3.34 17.90 41.05
N HIS H 91 4.42 18.36 41.66
CA HIS H 91 5.42 19.20 41.01
C HIS H 91 6.67 18.34 40.85
N TYR H 92 6.91 17.84 39.64
CA TYR H 92 8.06 16.98 39.40
C TYR H 92 9.25 17.75 38.83
N GLY H 93 9.20 19.07 38.88
CA GLY H 93 10.39 19.88 38.70
C GLY H 93 10.98 20.19 40.07
N ASN H 94 12.13 20.84 40.05
CA ASN H 94 12.78 21.20 41.31
C ASN H 94 11.97 22.29 42.01
N PRO H 95 11.58 22.09 43.28
CA PRO H 95 11.81 20.92 44.12
C PRO H 95 10.70 19.87 44.04
N TYR H 96 11.05 18.61 44.22
CA TYR H 96 10.10 17.52 44.08
C TYR H 96 9.18 17.41 45.29
N THR H 97 7.90 17.66 45.08
CA THR H 97 6.89 17.51 46.14
C THR H 97 5.59 17.02 45.52
N PHE H 98 4.74 16.44 46.36
CA PHE H 98 3.33 16.17 46.08
C PHE H 98 2.46 17.16 46.85
N GLY H 99 1.17 17.18 46.49
CA GLY H 99 0.16 17.86 47.27
C GLY H 99 -0.44 16.95 48.32
N GLN H 100 -1.31 17.53 49.13
CA GLN H 100 -1.92 16.79 50.24
C GLN H 100 -3.14 15.98 49.82
N GLY H 101 -3.79 16.30 48.71
CA GLY H 101 -4.88 15.50 48.20
C GLY H 101 -6.25 16.06 48.56
N THR H 102 -7.26 15.49 47.91
CA THR H 102 -8.64 15.92 48.11
C THR H 102 -9.56 14.76 47.79
N LYS H 103 -10.49 14.46 48.69
CA LYS H 103 -11.35 13.28 48.51
C LYS H 103 -12.71 13.67 47.95
N LEU H 104 -13.16 12.96 46.94
CA LEU H 104 -14.48 13.14 46.34
C LEU H 104 -15.32 11.93 46.68
N GLU H 105 -16.51 12.17 47.24
CA GLU H 105 -17.41 11.08 47.60
C GLU H 105 -18.84 11.48 47.29
N ILE H 106 -19.69 10.46 47.13
CA ILE H 106 -21.08 10.69 46.78
C ILE H 106 -21.81 11.39 47.91
N LYS H 107 -22.62 12.38 47.56
CA LYS H 107 -23.46 13.05 48.54
C LYS H 107 -24.87 12.48 48.52
N GLU I 1 -10.98 -26.40 3.42
CA GLU I 1 -10.64 -26.94 2.08
C GLU I 1 -10.02 -28.32 2.22
N VAL I 2 -9.19 -28.51 3.23
CA VAL I 2 -8.40 -29.73 3.32
C VAL I 2 -9.27 -30.80 3.97
N GLN I 3 -9.23 -32.01 3.43
CA GLN I 3 -10.19 -33.03 3.79
C GLN I 3 -9.54 -34.40 3.73
N LEU I 4 -9.91 -35.29 4.63
CA LEU I 4 -9.46 -36.70 4.63
C LEU I 4 -10.72 -37.58 4.71
N VAL I 5 -10.96 -38.56 3.83
CA VAL I 5 -12.15 -39.46 3.91
C VAL I 5 -11.79 -40.94 3.82
N GLU I 6 -12.05 -41.70 4.88
CA GLU I 6 -11.74 -43.14 4.90
C GLU I 6 -12.83 -43.96 4.19
N SER I 7 -12.54 -45.17 3.77
CA SER I 7 -13.49 -46.05 3.05
C SER I 7 -13.03 -47.47 3.31
N GLY I 8 -13.80 -48.45 2.88
CA GLY I 8 -13.36 -49.84 3.01
C GLY I 8 -13.86 -50.55 4.25
N GLY I 9 -14.56 -49.86 5.13
CA GLY I 9 -14.94 -50.58 6.35
C GLY I 9 -16.05 -51.58 6.14
N GLY I 10 -16.17 -52.60 6.97
CA GLY I 10 -17.30 -53.52 6.84
C GLY I 10 -17.30 -54.71 7.77
N LEU I 11 -18.41 -55.44 7.83
CA LEU I 11 -18.49 -56.67 8.62
C LEU I 11 -17.68 -57.76 7.93
N VAL I 12 -16.70 -58.30 8.64
CA VAL I 12 -15.86 -59.37 8.13
C VAL I 12 -15.74 -60.45 9.21
N GLN I 13 -15.75 -61.71 8.77
CA GLN I 13 -15.62 -62.82 9.71
C GLN I 13 -14.19 -62.93 10.21
N PRO I 14 -13.98 -63.58 11.36
CA PRO I 14 -12.61 -63.71 11.88
C PRO I 14 -11.70 -64.46 10.91
N GLY I 15 -10.45 -64.06 10.88
CA GLY I 15 -9.46 -64.66 10.00
C GLY I 15 -9.51 -64.19 8.57
N GLY I 16 -10.33 -63.18 8.26
CA GLY I 16 -10.46 -62.68 6.90
C GLY I 16 -9.46 -61.59 6.60
N SER I 17 -9.77 -60.81 5.56
CA SER I 17 -8.88 -59.74 5.12
C SER I 17 -9.72 -58.55 4.71
N LEU I 18 -9.11 -57.37 4.75
CA LEU I 18 -9.81 -56.13 4.42
C LEU I 18 -8.78 -55.09 4.02
N ARG I 19 -9.23 -54.00 3.40
CA ARG I 19 -8.32 -52.93 3.03
C ARG I 19 -9.06 -51.61 2.98
N LEU I 20 -8.63 -50.67 3.83
CA LEU I 20 -9.22 -49.35 3.91
C LEU I 20 -8.54 -48.40 2.92
N SER I 21 -9.19 -47.27 2.67
CA SER I 21 -8.62 -46.27 1.77
C SER I 21 -9.03 -44.90 2.26
N CYS I 22 -8.03 -44.05 2.51
CA CYS I 22 -8.23 -42.68 2.95
C CYS I 22 -7.84 -41.77 1.80
N ALA I 23 -8.83 -41.09 1.24
CA ALA I 23 -8.63 -40.13 0.16
C ALA I 23 -8.49 -38.75 0.77
N ALA I 24 -7.42 -38.05 0.39
CA ALA I 24 -7.11 -36.73 0.90
C ALA I 24 -7.24 -35.69 -0.19
N SER I 25 -7.66 -34.50 0.22
CA SER I 25 -7.93 -33.41 -0.73
C SER I 25 -7.43 -32.10 -0.14
N GLY I 26 -6.87 -31.26 -1.00
CA GLY I 26 -6.39 -29.95 -0.59
C GLY I 26 -4.93 -29.90 -0.18
N PHE I 27 -4.24 -31.04 -0.15
CA PHE I 27 -2.83 -31.07 0.20
C PHE I 27 -2.21 -32.31 -0.47
N SER I 28 -0.89 -32.34 -0.51
CA SER I 28 -0.16 -33.41 -1.17
C SER I 28 0.56 -34.27 -0.14
N PHE I 29 0.65 -35.58 -0.42
CA PHE I 29 1.33 -36.47 0.50
C PHE I 29 2.84 -36.31 0.47
N THR I 30 3.38 -35.65 -0.54
CA THR I 30 4.82 -35.47 -0.65
C THR I 30 5.37 -34.45 0.33
N THR I 31 4.54 -33.94 1.24
CA THR I 31 4.99 -33.01 2.25
C THR I 31 4.57 -33.39 3.68
N TYR I 32 3.45 -34.07 3.87
CA TYR I 32 2.96 -34.37 5.20
C TYR I 32 3.00 -35.87 5.48
N GLU I 33 3.26 -36.19 6.75
CA GLU I 33 3.25 -37.55 7.26
C GLU I 33 1.85 -37.97 7.66
N MET I 34 1.56 -39.26 7.45
CA MET I 34 0.22 -39.77 7.72
C MET I 34 0.21 -40.94 8.68
N ASN I 35 -0.96 -41.16 9.26
CA ASN I 35 -1.10 -42.04 10.40
C ASN I 35 -2.42 -42.78 10.32
N TRP I 36 -2.44 -44.01 10.85
CA TRP I 36 -3.67 -44.74 11.09
C TRP I 36 -3.84 -44.87 12.60
N VAL I 37 -4.99 -44.41 13.10
CA VAL I 37 -5.30 -44.43 14.52
C VAL I 37 -6.59 -45.20 14.71
N ARG I 38 -6.63 -46.10 15.68
CA ARG I 38 -7.83 -46.89 15.91
C ARG I 38 -8.31 -46.72 17.33
N GLN I 39 -9.62 -46.75 17.50
CA GLN I 39 -10.25 -46.67 18.81
C GLN I 39 -11.14 -47.91 18.97
N ALA I 40 -10.80 -48.76 19.93
CA ALA I 40 -11.64 -49.92 20.22
C ALA I 40 -12.86 -49.48 21.03
N PRO I 41 -13.98 -50.20 20.91
CA PRO I 41 -15.18 -49.81 21.68
C PRO I 41 -14.97 -50.11 23.15
N GLY I 42 -14.84 -49.05 23.94
CA GLY I 42 -14.54 -49.17 25.36
C GLY I 42 -13.10 -48.92 25.73
N LYS I 43 -12.26 -48.52 24.78
CA LYS I 43 -10.86 -48.24 25.03
C LYS I 43 -10.50 -46.89 24.42
N GLY I 44 -9.26 -46.45 24.66
CA GLY I 44 -8.77 -45.19 24.14
C GLY I 44 -8.19 -45.34 22.74
N LEU I 45 -7.74 -44.21 22.21
CA LEU I 45 -7.12 -44.22 20.89
C LEU I 45 -5.80 -44.97 20.92
N GLU I 46 -5.51 -45.66 19.82
CA GLU I 46 -4.27 -46.40 19.67
C GLU I 46 -3.65 -46.09 18.33
N TRP I 47 -2.32 -45.94 18.32
CA TRP I 47 -1.57 -45.59 17.12
C TRP I 47 -1.22 -46.87 16.37
N VAL I 48 -1.82 -47.06 15.21
CA VAL I 48 -1.65 -48.29 14.45
C VAL I 48 -0.35 -48.24 13.66
N SER I 49 -0.22 -47.25 12.78
CA SER I 49 0.96 -47.14 11.95
C SER I 49 1.17 -45.70 11.54
N HIS I 50 2.41 -45.40 11.15
CA HIS I 50 2.81 -44.05 10.78
C HIS I 50 3.79 -44.13 9.62
N ILE I 51 3.45 -43.44 8.53
CA ILE I 51 4.24 -43.38 7.31
C ILE I 51 4.71 -41.95 7.08
N SER I 52 5.91 -41.84 6.52
CA SER I 52 6.58 -40.57 6.29
C SER I 52 6.03 -39.86 5.06
N SER I 53 6.55 -38.67 4.80
CA SER I 53 6.32 -38.00 3.53
C SER I 53 7.31 -38.45 2.46
N ARG I 54 8.34 -39.18 2.85
CA ARG I 54 9.28 -39.76 1.91
C ARG I 54 8.89 -41.16 1.49
N GLY I 55 7.81 -41.70 2.03
CA GLY I 55 7.34 -43.03 1.68
C GLY I 55 7.83 -44.14 2.57
N LEU I 56 8.59 -43.83 3.61
CA LEU I 56 9.09 -44.83 4.55
C LEU I 56 8.09 -45.01 5.68
N VAL I 57 7.73 -46.24 5.95
CA VAL I 57 6.79 -46.54 7.02
C VAL I 57 7.57 -46.63 8.33
N ILE I 58 7.48 -45.59 9.14
CA ILE I 58 8.26 -45.52 10.37
C ILE I 58 7.73 -46.45 11.45
N TYR I 59 6.42 -46.47 11.67
CA TYR I 59 5.91 -47.11 12.88
C TYR I 59 4.79 -48.09 12.59
N TYR I 60 4.85 -49.25 13.26
CA TYR I 60 3.72 -50.16 13.41
C TYR I 60 3.48 -50.40 14.89
N ALA I 61 2.21 -50.55 15.25
CA ALA I 61 1.89 -50.96 16.62
C ALA I 61 2.37 -52.38 16.86
N ASP I 62 2.65 -52.68 18.13
CA ASP I 62 3.18 -54.00 18.48
C ASP I 62 2.19 -55.11 18.14
N SER I 63 0.90 -54.89 18.40
CA SER I 63 -0.09 -55.93 18.18
C SER I 63 -0.27 -56.23 16.70
N VAL I 64 -0.18 -55.19 15.85
CA VAL I 64 -0.51 -55.37 14.44
C VAL I 64 0.71 -55.64 13.57
N LYS I 65 1.91 -55.60 14.14
CA LYS I 65 3.13 -55.77 13.36
C LYS I 65 3.19 -57.19 12.81
N GLY I 66 3.47 -57.32 11.52
CA GLY I 66 3.50 -58.58 10.84
C GLY I 66 2.20 -58.96 10.16
N ARG I 67 1.10 -58.30 10.52
CA ARG I 67 -0.21 -58.59 9.95
C ARG I 67 -0.77 -57.48 9.07
N PHE I 68 -0.61 -56.23 9.47
CA PHE I 68 -1.11 -55.10 8.70
C PHE I 68 -0.02 -54.63 7.74
N THR I 69 -0.45 -53.97 6.67
CA THR I 69 0.48 -53.41 5.71
C THR I 69 -0.03 -52.03 5.29
N MET I 70 0.80 -51.01 5.43
CA MET I 70 0.42 -49.65 5.14
C MET I 70 1.18 -49.16 3.92
N SER I 71 0.47 -48.53 2.98
CA SER I 71 1.08 -48.06 1.76
C SER I 71 0.35 -46.79 1.31
N ARG I 72 0.80 -46.21 0.22
CA ARG I 72 0.20 -44.97 -0.26
C ARG I 72 0.41 -44.86 -1.76
N ASP I 73 -0.38 -43.99 -2.37
CA ASP I 73 -0.24 -43.66 -3.79
C ASP I 73 -0.26 -42.14 -3.88
N THR I 74 0.91 -41.54 -4.10
CA THR I 74 1.03 -40.09 -4.11
C THR I 74 0.41 -39.47 -5.35
N ALA I 75 0.48 -40.13 -6.50
CA ALA I 75 -0.13 -39.60 -7.72
C ALA I 75 -1.64 -39.51 -7.56
N LYS I 76 -2.20 -40.30 -6.66
CA LYS I 76 -3.63 -40.34 -6.39
C LYS I 76 -4.00 -39.67 -5.07
N ASN I 77 -3.00 -39.36 -4.24
CA ASN I 77 -3.20 -38.87 -2.88
C ASN I 77 -4.11 -39.81 -2.10
N SER I 78 -3.69 -41.06 -2.00
CA SER I 78 -4.46 -42.07 -1.29
C SER I 78 -3.57 -42.80 -0.29
N LEU I 79 -4.14 -43.12 0.87
CA LEU I 79 -3.45 -43.87 1.91
C LEU I 79 -4.21 -45.17 2.15
N TYR I 80 -3.49 -46.28 2.22
CA TYR I 80 -4.12 -47.59 2.27
C TYR I 80 -3.66 -48.35 3.51
N LEU I 81 -4.48 -49.32 3.89
CA LEU I 81 -4.19 -50.21 5.01
C LEU I 81 -4.81 -51.56 4.72
N GLN I 82 -3.96 -52.54 4.45
CA GLN I 82 -4.35 -53.94 4.27
C GLN I 82 -4.26 -54.65 5.60
N MET I 83 -5.39 -55.13 6.10
CA MET I 83 -5.38 -56.00 7.27
C MET I 83 -5.58 -57.44 6.81
N ASP I 84 -4.74 -58.34 7.32
CA ASP I 84 -4.83 -59.76 7.03
C ASP I 84 -4.88 -60.54 8.33
N SER I 85 -5.56 -61.68 8.32
CA SER I 85 -5.72 -62.54 9.49
C SER I 85 -6.32 -61.75 10.66
N LEU I 86 -7.47 -61.14 10.39
CA LEU I 86 -8.14 -60.33 11.39
C LEU I 86 -8.62 -61.18 12.56
N THR I 87 -8.53 -60.62 13.76
CA THR I 87 -8.96 -61.28 14.97
C THR I 87 -10.15 -60.51 15.57
N VAL I 88 -10.64 -61.00 16.71
CA VAL I 88 -11.76 -60.34 17.38
C VAL I 88 -11.32 -59.06 18.08
N ALA I 89 -10.04 -58.94 18.41
CA ALA I 89 -9.54 -57.73 19.04
C ALA I 89 -9.35 -56.57 18.07
N ASP I 90 -9.48 -56.83 16.77
CA ASP I 90 -9.33 -55.79 15.76
C ASP I 90 -10.62 -55.03 15.50
N THR I 91 -11.70 -55.35 16.21
CA THR I 91 -12.92 -54.57 16.11
C THR I 91 -12.63 -53.17 16.66
N ALA I 92 -12.89 -52.13 15.87
CA ALA I 92 -12.54 -50.77 16.25
C ALA I 92 -13.12 -49.79 15.24
N VAL I 93 -12.78 -48.53 15.42
CA VAL I 93 -13.09 -47.47 14.46
C VAL I 93 -11.79 -46.83 14.06
N TYR I 94 -11.56 -46.67 12.76
CA TYR I 94 -10.27 -46.29 12.21
C TYR I 94 -10.32 -44.88 11.64
N TYR I 95 -9.25 -44.13 11.88
CA TYR I 95 -9.07 -42.77 11.41
C TYR I 95 -7.75 -42.70 10.66
N CYS I 96 -7.72 -41.89 9.62
CA CYS I 96 -6.48 -41.48 8.98
C CYS I 96 -6.19 -40.04 9.39
N ALA I 97 -5.03 -39.83 9.99
CA ALA I 97 -4.66 -38.54 10.56
C ALA I 97 -3.39 -38.04 9.89
N ARG I 98 -3.15 -36.73 10.01
CA ARG I 98 -2.10 -36.07 9.25
C ARG I 98 -1.31 -35.14 10.16
N HIS I 99 0.00 -35.27 10.13
CA HIS I 99 0.84 -34.29 10.82
C HIS I 99 2.06 -33.99 9.96
N TYR I 100 2.94 -33.14 10.50
CA TYR I 100 3.98 -32.50 9.73
C TYR I 100 5.32 -32.63 10.43
N PHE I 101 6.38 -32.79 9.65
CA PHE I 101 7.74 -32.75 10.15
C PHE I 101 8.40 -31.47 9.68
N ASP I 102 8.64 -30.56 10.60
CA ASP I 102 9.29 -29.29 10.28
C ASP I 102 10.80 -29.45 10.40
N ARG I 103 11.52 -28.97 9.38
CA ARG I 103 12.96 -29.13 9.32
C ARG I 103 13.66 -28.45 10.49
N ASP I 104 13.05 -27.41 11.05
CA ASP I 104 13.66 -26.65 12.14
C ASP I 104 13.05 -27.01 13.49
N TRP I 105 11.72 -26.98 13.59
CA TRP I 105 11.09 -27.22 14.88
C TRP I 105 10.84 -28.70 15.16
N GLY I 106 10.74 -29.54 14.13
CA GLY I 106 10.48 -30.95 14.34
C GLY I 106 9.05 -31.36 14.08
N TYR I 107 8.63 -32.48 14.67
CA TYR I 107 7.27 -32.99 14.50
C TYR I 107 6.25 -32.03 15.11
N SER I 108 5.01 -32.14 14.64
CA SER I 108 3.99 -31.13 14.87
C SER I 108 2.81 -31.65 15.68
N GLY I 109 2.24 -32.80 15.33
CA GLY I 109 1.07 -33.27 16.04
C GLY I 109 -0.14 -33.35 15.15
N MET I 110 -0.92 -34.42 15.30
CA MET I 110 -1.98 -34.74 14.36
C MET I 110 -3.01 -33.63 14.31
N ASP I 111 -3.04 -32.91 13.20
CA ASP I 111 -3.82 -31.69 13.06
C ASP I 111 -5.18 -31.93 12.42
N LEU I 112 -5.28 -32.85 11.48
CA LEU I 112 -6.46 -33.00 10.65
C LEU I 112 -6.88 -34.46 10.63
N TRP I 113 -8.18 -34.70 10.79
CA TRP I 113 -8.73 -36.04 10.95
C TRP I 113 -9.94 -36.23 10.05
N GLY I 114 -10.36 -37.48 9.89
CA GLY I 114 -11.65 -37.80 9.30
C GLY I 114 -12.61 -38.33 10.34
N GLN I 115 -13.83 -38.66 9.89
CA GLN I 115 -14.78 -39.33 10.77
C GLN I 115 -14.42 -40.78 11.04
N GLY I 116 -13.82 -41.48 10.08
CA GLY I 116 -13.38 -42.83 10.35
C GLY I 116 -14.36 -43.89 9.90
N THR I 117 -13.90 -45.13 9.79
CA THR I 117 -14.76 -46.23 9.37
C THR I 117 -14.72 -47.32 10.43
N THR I 118 -15.86 -47.96 10.63
CA THR I 118 -16.01 -48.98 11.65
C THR I 118 -15.69 -50.34 11.06
N VAL I 119 -14.78 -51.07 11.70
CA VAL I 119 -14.48 -52.45 11.34
C VAL I 119 -14.88 -53.34 12.49
N THR I 120 -15.82 -54.24 12.24
CA THR I 120 -16.36 -55.11 13.29
C THR I 120 -16.27 -56.56 12.85
N VAL I 121 -16.08 -57.44 13.83
CA VAL I 121 -15.89 -58.87 13.59
C VAL I 121 -16.96 -59.62 14.38
N SER I 122 -17.66 -60.54 13.71
CA SER I 122 -18.77 -61.26 14.31
C SER I 122 -18.53 -62.76 14.22
N SER I 123 -19.06 -63.48 15.21
CA SER I 123 -18.97 -64.93 15.29
C SER I 123 -17.52 -65.41 15.17
N GLU J 1 10.01 -49.03 26.14
CA GLU J 1 8.66 -48.51 25.99
C GLU J 1 8.31 -47.53 27.11
N VAL J 2 7.47 -46.55 26.78
CA VAL J 2 7.06 -45.51 27.72
C VAL J 2 5.54 -45.49 27.76
N VAL J 3 4.97 -45.77 28.92
CA VAL J 3 3.53 -45.73 29.09
C VAL J 3 3.13 -44.40 29.72
N LEU J 4 2.08 -43.80 29.20
CA LEU J 4 1.53 -42.56 29.73
C LEU J 4 0.30 -42.88 30.55
N THR J 5 0.30 -42.46 31.80
CA THR J 5 -0.79 -42.78 32.74
C THR J 5 -1.51 -41.49 33.09
N GLN J 6 -2.78 -41.37 32.69
CA GLN J 6 -3.59 -40.24 33.11
C GLN J 6 -4.24 -40.56 34.45
N SER J 7 -3.91 -39.75 35.47
CA SER J 7 -4.28 -40.12 36.84
C SER J 7 -5.79 -40.22 37.03
N PRO J 8 -6.61 -39.22 36.64
CA PRO J 8 -8.06 -39.37 36.80
C PRO J 8 -8.62 -40.30 35.73
N GLY J 9 -9.07 -41.48 36.13
CA GLY J 9 -9.77 -42.35 35.20
C GLY J 9 -11.07 -41.75 34.71
N THR J 10 -11.84 -41.17 35.63
CA THR J 10 -13.05 -40.42 35.29
C THR J 10 -13.11 -39.22 36.22
N LEU J 11 -13.67 -38.13 35.72
CA LEU J 11 -13.70 -36.89 36.49
C LEU J 11 -14.99 -36.15 36.17
N SER J 12 -15.79 -35.90 37.20
CA SER J 12 -17.09 -35.24 37.07
C SER J 12 -17.05 -33.90 37.78
N LEU J 13 -17.56 -32.86 37.10
CA LEU J 13 -17.59 -31.52 37.66
C LEU J 13 -18.87 -30.83 37.19
N SER J 14 -19.07 -29.62 37.69
CA SER J 14 -20.20 -28.79 37.31
C SER J 14 -19.77 -27.80 36.24
N PRO J 15 -20.70 -27.31 35.43
CA PRO J 15 -20.33 -26.41 34.33
C PRO J 15 -19.93 -25.01 34.77
N GLY J 16 -18.64 -24.82 35.04
CA GLY J 16 -18.19 -23.48 35.36
C GLY J 16 -17.04 -23.32 36.34
N GLU J 17 -16.50 -24.42 36.86
CA GLU J 17 -15.32 -24.35 37.71
C GLU J 17 -14.09 -24.83 36.93
N ARG J 18 -12.96 -24.96 37.61
CA ARG J 18 -11.69 -25.30 36.92
C ARG J 18 -11.39 -26.79 37.00
N ALA J 19 -11.30 -27.45 35.85
CA ALA J 19 -10.90 -28.87 35.79
C ALA J 19 -9.40 -28.93 35.52
N THR J 20 -8.71 -29.85 36.16
CA THR J 20 -7.27 -30.08 36.08
C THR J 20 -7.03 -31.56 35.80
N LEU J 21 -6.70 -31.93 34.55
CA LEU J 21 -6.45 -33.36 34.18
C LEU J 21 -4.94 -33.57 34.07
N SER J 22 -4.45 -34.77 34.36
CA SER J 22 -2.97 -34.92 34.38
C SER J 22 -2.49 -36.18 33.67
N CYS J 23 -1.27 -36.16 33.12
CA CYS J 23 -0.62 -37.37 32.55
C CYS J 23 0.74 -37.45 33.20
N ARG J 24 1.11 -38.61 33.69
CA ARG J 24 2.45 -38.78 34.25
C ARG J 24 3.21 -39.74 33.36
N ALA J 25 4.33 -39.31 32.81
CA ALA J 25 5.16 -40.18 31.94
C ALA J 25 5.87 -41.23 32.79
N SER J 26 6.03 -42.43 32.27
CA SER J 26 6.82 -43.46 32.99
C SER J 26 8.28 -43.01 33.10
N GLN J 27 8.86 -42.41 32.06
CA GLN J 27 10.28 -41.97 32.05
C GLN J 27 10.34 -40.53 31.53
N SER J 28 11.40 -39.78 31.82
CA SER J 28 11.38 -38.36 31.40
C SER J 28 11.38 -38.29 29.89
N LEU J 29 10.61 -37.34 29.34
CA LEU J 29 10.51 -37.20 27.87
C LEU J 29 11.18 -35.89 27.50
N GLY J 30 12.37 -35.97 26.90
CA GLY J 30 13.12 -34.76 26.51
C GLY J 30 12.38 -34.14 25.36
N THR J 31 11.74 -34.99 24.57
CA THR J 31 10.90 -34.45 23.49
C THR J 31 9.70 -33.76 24.15
N ASN J 32 9.52 -32.46 23.89
CA ASN J 32 8.35 -31.73 24.41
C ASN J 32 7.29 -32.12 23.41
N TYR J 33 7.51 -33.23 22.74
CA TYR J 33 6.54 -33.80 21.80
C TYR J 33 5.50 -34.53 22.61
N LEU J 34 4.64 -33.78 23.30
CA LEU J 34 3.49 -34.35 24.03
C LEU J 34 2.33 -33.54 23.50
N ALA J 35 1.19 -34.13 23.20
CA ALA J 35 0.09 -33.28 22.77
C ALA J 35 -1.19 -33.74 23.41
N TRP J 36 -2.18 -32.88 23.41
CA TRP J 36 -3.45 -33.17 24.05
C TRP J 36 -4.57 -33.15 23.01
N TYR J 37 -5.43 -34.15 23.07
CA TYR J 37 -6.54 -34.30 22.14
C TYR J 37 -7.86 -34.35 22.88
N GLN J 38 -8.88 -33.75 22.26
CA GLN J 38 -10.24 -33.78 22.76
C GLN J 38 -11.08 -34.63 21.82
N HIS J 39 -11.68 -35.68 22.35
CA HIS J 39 -12.47 -36.62 21.58
C HIS J 39 -13.90 -36.61 22.13
N LYS J 40 -14.82 -36.05 21.35
CA LYS J 40 -16.25 -36.04 21.62
C LYS J 40 -16.91 -37.19 20.89
N PRO J 41 -17.76 -37.98 21.55
CA PRO J 41 -18.34 -39.16 20.90
C PRO J 41 -19.10 -38.78 19.64
N GLY J 42 -18.92 -39.59 18.60
CA GLY J 42 -19.52 -39.33 17.31
C GLY J 42 -18.77 -38.35 16.43
N GLN J 43 -17.61 -37.86 16.88
CA GLN J 43 -16.84 -36.90 16.12
C GLN J 43 -15.37 -37.28 16.15
N SER J 44 -14.62 -36.76 15.19
CA SER J 44 -13.19 -37.00 15.14
C SER J 44 -12.48 -36.28 16.28
N PRO J 45 -11.34 -36.79 16.72
CA PRO J 45 -10.57 -36.09 17.75
C PRO J 45 -10.05 -34.76 17.25
N ARG J 46 -9.82 -33.85 18.19
CA ARG J 46 -9.36 -32.51 17.87
C ARG J 46 -8.10 -32.21 18.69
N LEU J 47 -7.13 -31.58 18.04
CA LEU J 47 -5.87 -31.22 18.68
C LEU J 47 -6.09 -29.93 19.49
N LEU J 48 -5.83 -30.00 20.79
CA LEU J 48 -5.93 -28.83 21.67
C LEU J 48 -4.57 -28.20 21.92
N ILE J 49 -3.65 -28.97 22.51
CA ILE J 49 -2.36 -28.47 22.94
C ILE J 49 -1.29 -29.23 22.18
N ASP J 50 -0.32 -28.51 21.64
CA ASP J 50 0.81 -29.11 20.97
C ASP J 50 2.10 -28.59 21.60
N GLY J 51 3.08 -29.47 21.72
CA GLY J 51 4.31 -29.08 22.37
C GLY J 51 4.19 -28.98 23.87
N ALA J 52 3.10 -29.49 24.43
CA ALA J 52 2.85 -29.58 25.86
C ALA J 52 2.61 -28.21 26.51
N SER J 53 2.71 -27.13 25.74
CA SER J 53 2.50 -25.82 26.32
C SER J 53 1.74 -24.82 25.45
N THR J 54 1.38 -25.17 24.22
CA THR J 54 0.87 -24.19 23.26
C THR J 54 -0.46 -24.64 22.68
N ARG J 55 -1.46 -23.76 22.75
CA ARG J 55 -2.75 -24.04 22.16
C ARG J 55 -2.65 -24.08 20.64
N ALA J 56 -3.46 -24.93 20.01
CA ALA J 56 -3.48 -25.02 18.57
C ALA J 56 -4.22 -23.83 17.97
N ILE J 57 -4.29 -23.79 16.64
CA ILE J 57 -5.02 -22.74 15.95
C ILE J 57 -6.50 -22.96 16.16
N GLY J 58 -7.20 -21.92 16.62
CA GLY J 58 -8.63 -21.97 16.81
C GLY J 58 -9.08 -22.49 18.15
N ILE J 59 -8.19 -23.11 18.92
CA ILE J 59 -8.54 -23.54 20.27
C ILE J 59 -8.68 -22.31 21.16
N PRO J 60 -9.78 -22.17 21.90
CA PRO J 60 -10.00 -20.96 22.69
C PRO J 60 -8.94 -20.76 23.76
N ASP J 61 -8.93 -19.53 24.30
CA ASP J 61 -8.07 -19.23 25.44
C ASP J 61 -8.51 -20.04 26.65
N ARG J 62 -9.70 -20.60 26.69
CA ARG J 62 -10.14 -21.30 27.94
C ARG J 62 -9.22 -22.47 28.26
N PHE J 63 -8.71 -23.19 27.24
CA PHE J 63 -7.76 -24.23 27.64
C PHE J 63 -6.37 -23.68 27.88
N SER J 64 -5.63 -24.33 28.77
CA SER J 64 -4.21 -24.06 28.93
C SER J 64 -3.52 -25.35 29.33
N ALA J 65 -2.21 -25.41 29.11
CA ALA J 65 -1.45 -26.59 29.49
C ALA J 65 -0.06 -26.18 29.95
N SER J 66 0.58 -27.15 30.60
CA SER J 66 1.96 -26.93 31.04
C SER J 66 2.52 -28.29 31.39
N GLY J 67 3.63 -28.31 32.10
CA GLY J 67 4.19 -29.60 32.54
C GLY J 67 5.41 -29.97 31.75
N SER J 68 6.31 -30.73 32.36
CA SER J 68 7.59 -31.06 31.71
C SER J 68 8.16 -32.31 32.33
N GLY J 69 9.13 -32.91 31.67
CA GLY J 69 9.69 -34.15 32.21
C GLY J 69 8.60 -35.18 32.37
N THR J 70 8.50 -35.80 33.53
CA THR J 70 7.47 -36.83 33.80
C THR J 70 6.04 -36.27 33.91
N ASP J 71 5.82 -35.11 34.54
CA ASP J 71 4.43 -34.64 34.80
C ASP J 71 3.95 -33.60 33.80
N PHE J 72 2.77 -33.81 33.23
CA PHE J 72 2.16 -32.82 32.30
C PHE J 72 0.71 -32.63 32.73
N THR J 73 0.16 -31.42 32.55
CA THR J 73 -1.20 -31.15 33.06
C THR J 73 -1.96 -30.25 32.10
N LEU J 74 -3.28 -30.40 32.02
CA LEU J 74 -4.14 -29.52 31.19
C LEU J 74 -5.16 -28.91 32.12
N THR J 75 -5.42 -27.62 32.03
CA THR J 75 -6.33 -26.91 32.91
C THR J 75 -7.36 -26.15 32.09
N VAL J 76 -8.62 -26.30 32.46
CA VAL J 76 -9.72 -25.52 31.91
C VAL J 76 -10.26 -24.64 33.02
N SER J 77 -10.06 -23.33 32.89
CA SER J 77 -10.42 -22.41 33.97
C SER J 77 -11.93 -22.35 34.16
N ARG J 78 -12.70 -22.28 33.08
CA ARG J 78 -14.17 -22.15 33.22
C ARG J 78 -14.83 -23.07 32.20
N LEU J 79 -15.29 -24.23 32.64
CA LEU J 79 -15.86 -25.23 31.75
C LEU J 79 -17.14 -24.72 31.09
N GLU J 80 -17.53 -25.41 30.03
CA GLU J 80 -18.71 -25.10 29.24
C GLU J 80 -19.43 -26.39 28.92
N PRO J 81 -20.72 -26.34 28.55
CA PRO J 81 -21.43 -27.57 28.22
C PRO J 81 -20.78 -28.39 27.12
N GLU J 82 -20.11 -27.75 26.16
CA GLU J 82 -19.45 -28.46 25.08
C GLU J 82 -18.01 -28.84 25.42
N ASP J 83 -17.54 -28.51 26.62
CA ASP J 83 -16.17 -28.80 27.02
C ASP J 83 -16.03 -30.17 27.68
N PHE J 84 -17.08 -30.99 27.63
CA PHE J 84 -17.11 -32.29 28.30
C PHE J 84 -16.91 -33.38 27.25
N ALA J 85 -15.76 -34.03 27.29
CA ALA J 85 -15.38 -35.05 26.32
C ALA J 85 -14.33 -35.94 26.95
N VAL J 86 -13.66 -36.76 26.14
CA VAL J 86 -12.56 -37.59 26.60
C VAL J 86 -11.26 -36.92 26.18
N TYR J 87 -10.30 -36.88 27.10
CA TYR J 87 -9.06 -36.14 26.87
C TYR J 87 -7.88 -37.10 26.87
N TYR J 88 -7.09 -37.03 25.80
CA TYR J 88 -5.96 -37.93 25.59
C TYR J 88 -4.66 -37.14 25.59
N CYS J 89 -3.60 -37.76 26.12
CA CYS J 89 -2.25 -37.23 26.03
C CYS J 89 -1.42 -38.17 25.18
N GLN J 90 -0.73 -37.60 24.19
CA GLN J 90 -0.01 -38.36 23.18
C GLN J 90 1.45 -37.97 23.19
N HIS J 91 2.31 -38.98 23.08
CA HIS J 91 3.75 -38.80 22.92
C HIS J 91 4.09 -39.19 21.48
N TYR J 92 4.29 -38.20 20.61
CA TYR J 92 4.58 -38.48 19.20
C TYR J 92 6.07 -38.46 18.91
N GLY J 93 6.91 -38.46 19.94
CA GLY J 93 8.30 -38.79 19.79
C GLY J 93 8.50 -40.27 20.06
N ASN J 94 9.71 -40.74 19.87
CA ASN J 94 10.01 -42.14 20.11
C ASN J 94 9.96 -42.42 21.61
N PRO J 95 9.18 -43.40 22.07
CA PRO J 95 8.31 -44.29 21.30
C PRO J 95 6.87 -43.76 21.16
N TYR J 96 6.23 -44.10 20.05
CA TYR J 96 4.89 -43.58 19.77
C TYR J 96 3.83 -44.30 20.57
N THR J 97 3.18 -43.56 21.48
CA THR J 97 2.07 -44.09 22.26
C THR J 97 1.05 -42.99 22.50
N PHE J 98 -0.18 -43.41 22.81
CA PHE J 98 -1.24 -42.56 23.37
C PHE J 98 -1.41 -42.88 24.85
N GLY J 99 -2.17 -42.00 25.53
CA GLY J 99 -2.63 -42.27 26.87
C GLY J 99 -3.98 -42.98 26.86
N GLN J 100 -4.44 -43.35 28.05
CA GLN J 100 -5.68 -44.10 28.18
C GLN J 100 -6.92 -43.23 28.18
N GLY J 101 -6.81 -41.95 28.48
CA GLY J 101 -7.94 -41.04 28.38
C GLY J 101 -8.60 -40.77 29.72
N THR J 102 -9.47 -39.76 29.71
CA THR J 102 -10.19 -39.35 30.91
C THR J 102 -11.50 -38.68 30.50
N LYS J 103 -12.58 -39.12 31.08
CA LYS J 103 -13.88 -38.61 30.63
C LYS J 103 -14.30 -37.49 31.57
N LEU J 104 -14.88 -36.43 31.05
CA LEU J 104 -15.48 -35.33 31.80
C LEU J 104 -16.98 -35.31 31.50
N GLU J 105 -17.80 -35.30 32.54
CA GLU J 105 -19.24 -35.27 32.38
C GLU J 105 -19.86 -34.37 33.44
N ILE J 106 -21.07 -33.90 33.14
CA ILE J 106 -21.76 -32.98 34.03
C ILE J 106 -22.13 -33.69 35.31
N LYS J 107 -21.91 -33.02 36.44
CA LYS J 107 -22.35 -33.53 37.74
C LYS J 107 -23.69 -32.92 38.14
N GLU K 1 -26.70 0.57 -12.68
CA GLU K 1 -26.24 1.72 -13.44
C GLU K 1 -26.29 1.41 -14.93
N VAL K 2 -26.62 0.17 -15.27
CA VAL K 2 -26.91 -0.25 -16.63
C VAL K 2 -28.41 -0.49 -16.74
N GLN K 3 -29.01 -0.02 -17.83
CA GLN K 3 -30.46 0.03 -17.93
C GLN K 3 -30.89 -0.20 -19.37
N LEU K 4 -32.05 -0.87 -19.48
CA LEU K 4 -32.70 -1.12 -20.78
C LEU K 4 -34.19 -0.78 -20.59
N VAL K 5 -34.72 0.26 -21.21
CA VAL K 5 -36.15 0.66 -21.12
C VAL K 5 -36.83 0.51 -22.49
N GLU K 6 -37.70 -0.48 -22.66
CA GLU K 6 -38.43 -0.73 -23.93
C GLU K 6 -39.59 0.24 -24.06
N SER K 7 -40.02 0.55 -25.29
CA SER K 7 -41.11 1.53 -25.54
C SER K 7 -41.76 1.29 -26.88
N GLY K 8 -42.87 1.96 -27.19
CA GLY K 8 -43.51 1.87 -28.52
C GLY K 8 -44.63 0.85 -28.63
N GLY K 9 -45.05 0.25 -27.53
CA GLY K 9 -46.14 -0.75 -27.55
C GLY K 9 -47.49 -0.11 -27.42
N GLY K 10 -48.53 -0.71 -28.01
CA GLY K 10 -49.84 -0.10 -28.00
C GLY K 10 -50.86 -0.99 -28.67
N LEU K 11 -52.05 -0.44 -28.88
CA LEU K 11 -53.15 -1.13 -29.52
C LEU K 11 -53.09 -0.86 -31.02
N VAL K 12 -52.99 -1.92 -31.81
CA VAL K 12 -52.96 -1.82 -33.26
C VAL K 12 -53.91 -2.86 -33.84
N GLN K 13 -54.61 -2.48 -34.91
CA GLN K 13 -55.55 -3.39 -35.55
C GLN K 13 -54.78 -4.46 -36.34
N PRO K 14 -55.42 -5.60 -36.63
CA PRO K 14 -54.73 -6.65 -37.40
C PRO K 14 -54.30 -6.15 -38.77
N GLY K 15 -53.15 -6.66 -39.22
CA GLY K 15 -52.61 -6.28 -40.49
C GLY K 15 -51.87 -4.96 -40.51
N GLY K 16 -51.70 -4.32 -39.37
CA GLY K 16 -51.02 -3.03 -39.29
C GLY K 16 -49.52 -3.16 -39.15
N SER K 17 -48.90 -2.08 -38.67
CA SER K 17 -47.46 -2.04 -38.52
C SER K 17 -47.13 -1.30 -37.23
N LEU K 18 -45.94 -1.58 -36.70
CA LEU K 18 -45.52 -0.97 -35.44
C LEU K 18 -43.99 -1.03 -35.37
N ARG K 19 -43.41 -0.27 -34.46
CA ARG K 19 -41.96 -0.31 -34.29
C ARG K 19 -41.59 0.07 -32.87
N LEU K 20 -40.95 -0.87 -32.17
CA LEU K 20 -40.50 -0.68 -30.80
C LEU K 20 -39.12 -0.05 -30.77
N SER K 21 -38.74 0.46 -29.60
CA SER K 21 -37.41 1.04 -29.44
C SER K 21 -36.95 0.79 -28.02
N CYS K 22 -35.78 0.16 -27.89
CA CYS K 22 -35.16 -0.14 -26.62
C CYS K 22 -33.94 0.75 -26.49
N ALA K 23 -34.00 1.69 -25.54
CA ALA K 23 -32.89 2.58 -25.25
C ALA K 23 -32.08 1.99 -24.12
N ALA K 24 -30.77 1.90 -24.33
CA ALA K 24 -29.85 1.31 -23.37
C ALA K 24 -28.92 2.37 -22.81
N SER K 25 -28.56 2.20 -21.55
CA SER K 25 -27.75 3.17 -20.84
C SER K 25 -26.72 2.44 -19.98
N GLY K 26 -25.51 3.00 -19.91
CA GLY K 26 -24.45 2.43 -19.10
C GLY K 26 -23.54 1.46 -19.80
N PHE K 27 -23.81 1.13 -21.06
CA PHE K 27 -22.98 0.21 -21.82
C PHE K 27 -23.16 0.54 -23.30
N SER K 28 -22.25 0.02 -24.13
CA SER K 28 -22.25 0.30 -25.55
C SER K 28 -22.65 -0.94 -26.33
N PHE K 29 -23.34 -0.75 -27.44
CA PHE K 29 -23.74 -1.88 -28.27
C PHE K 29 -22.59 -2.50 -29.04
N THR K 30 -21.47 -1.78 -29.16
CA THR K 30 -20.33 -2.29 -29.90
C THR K 30 -19.59 -3.40 -29.17
N THR K 31 -20.11 -3.87 -28.04
CA THR K 31 -19.51 -4.97 -27.30
C THR K 31 -20.49 -6.08 -26.95
N TYR K 32 -21.77 -5.79 -26.75
CA TYR K 32 -22.72 -6.81 -26.30
C TYR K 32 -23.75 -7.10 -27.37
N GLU K 33 -24.18 -8.36 -27.42
CA GLU K 33 -25.24 -8.83 -28.30
C GLU K 33 -26.60 -8.60 -27.68
N MET K 34 -27.58 -8.31 -28.53
CA MET K 34 -28.92 -7.99 -28.04
C MET K 34 -29.99 -8.88 -28.66
N ASN K 35 -31.13 -8.91 -27.97
CA ASN K 35 -32.16 -9.90 -28.23
C ASN K 35 -33.52 -9.28 -28.04
N TRP K 36 -34.49 -9.76 -28.79
CA TRP K 36 -35.90 -9.47 -28.55
C TRP K 36 -36.57 -10.77 -28.12
N VAL K 37 -37.22 -10.72 -26.96
CA VAL K 37 -37.89 -11.89 -26.38
C VAL K 37 -39.35 -11.53 -26.15
N ARG K 38 -40.26 -12.41 -26.53
CA ARG K 38 -41.67 -12.11 -26.36
C ARG K 38 -42.33 -13.20 -25.55
N GLN K 39 -43.31 -12.80 -24.74
CA GLN K 39 -44.11 -13.73 -23.94
C GLN K 39 -45.58 -13.51 -24.30
N ALA K 40 -46.21 -14.53 -24.86
CA ALA K 40 -47.62 -14.45 -25.17
C ALA K 40 -48.43 -14.68 -23.89
N PRO K 41 -49.63 -14.10 -23.80
CA PRO K 41 -50.44 -14.29 -22.58
C PRO K 41 -50.96 -15.71 -22.51
N GLY K 42 -50.42 -16.47 -21.56
CA GLY K 42 -50.74 -17.88 -21.43
C GLY K 42 -49.70 -18.83 -21.99
N LYS K 43 -48.55 -18.31 -22.45
CA LYS K 43 -47.49 -19.13 -23.00
C LYS K 43 -46.16 -18.71 -22.37
N GLY K 44 -45.10 -19.44 -22.69
CA GLY K 44 -43.78 -19.16 -22.17
C GLY K 44 -43.04 -18.14 -23.03
N LEU K 45 -41.82 -17.83 -22.60
CA LEU K 45 -40.98 -16.90 -23.34
C LEU K 45 -40.58 -17.49 -24.68
N GLU K 46 -40.49 -16.63 -25.69
CA GLU K 46 -40.08 -17.03 -27.02
C GLU K 46 -39.02 -16.07 -27.53
N TRP K 47 -38.01 -16.62 -28.20
CA TRP K 47 -36.90 -15.84 -28.72
C TRP K 47 -37.24 -15.32 -30.11
N VAL K 48 -37.44 -14.01 -30.23
CA VAL K 48 -37.89 -13.41 -31.47
C VAL K 48 -36.71 -13.23 -32.43
N SER K 49 -35.70 -12.48 -32.01
CA SER K 49 -34.55 -12.23 -32.86
C SER K 49 -33.33 -11.93 -32.01
N HIS K 50 -32.17 -12.10 -32.63
CA HIS K 50 -30.89 -11.92 -31.95
C HIS K 50 -29.91 -11.27 -32.91
N ILE K 51 -29.35 -10.13 -32.50
CA ILE K 51 -28.39 -9.36 -33.28
C ILE K 51 -27.06 -9.34 -32.53
N SER K 52 -25.98 -9.33 -33.32
CA SER K 52 -24.62 -9.39 -32.81
C SER K 52 -24.16 -8.04 -32.31
N SER K 53 -22.93 -8.00 -31.79
CA SER K 53 -22.26 -6.75 -31.51
C SER K 53 -21.54 -6.20 -32.73
N ARG K 54 -21.43 -7.00 -33.79
CA ARG K 54 -20.87 -6.56 -35.05
C ARG K 54 -21.92 -6.02 -36.00
N GLY K 55 -23.18 -6.06 -35.61
CA GLY K 55 -24.27 -5.56 -36.44
C GLY K 55 -24.94 -6.58 -37.31
N LEU K 56 -24.54 -7.85 -37.23
CA LEU K 56 -25.14 -8.93 -38.01
C LEU K 56 -26.29 -9.52 -37.23
N VAL K 57 -27.44 -9.64 -37.88
CA VAL K 57 -28.62 -10.22 -37.24
C VAL K 57 -28.54 -11.73 -37.40
N ILE K 58 -28.17 -12.42 -36.33
CA ILE K 58 -27.97 -13.86 -36.39
C ILE K 58 -29.29 -14.61 -36.47
N TYR K 59 -30.27 -14.28 -35.65
CA TYR K 59 -31.42 -15.16 -35.49
C TYR K 59 -32.74 -14.44 -35.65
N TYR K 60 -33.67 -15.07 -36.37
CA TYR K 60 -35.09 -14.75 -36.36
C TYR K 60 -35.87 -15.99 -35.97
N ALA K 61 -36.96 -15.79 -35.24
CA ALA K 61 -37.87 -16.90 -34.96
C ALA K 61 -38.55 -17.34 -36.26
N ASP K 62 -38.95 -18.62 -36.28
CA ASP K 62 -39.56 -19.17 -37.49
C ASP K 62 -40.84 -18.45 -37.84
N SER K 63 -41.67 -18.16 -36.85
CA SER K 63 -42.97 -17.54 -37.12
C SER K 63 -42.82 -16.13 -37.64
N VAL K 64 -41.83 -15.38 -37.16
CA VAL K 64 -41.73 -13.96 -37.51
C VAL K 64 -40.79 -13.70 -38.67
N LYS K 65 -40.11 -14.72 -39.19
CA LYS K 65 -39.15 -14.53 -40.26
C LYS K 65 -39.87 -14.08 -41.52
N GLY K 66 -39.36 -13.02 -42.14
CA GLY K 66 -39.95 -12.44 -43.32
C GLY K 66 -40.89 -11.28 -43.02
N ARG K 67 -41.33 -11.12 -41.77
CA ARG K 67 -42.24 -10.06 -41.38
C ARG K 67 -41.62 -9.02 -40.48
N PHE K 68 -40.82 -9.43 -39.50
CA PHE K 68 -40.18 -8.51 -38.58
C PHE K 68 -38.83 -8.09 -39.14
N THR K 69 -38.36 -6.93 -38.70
CA THR K 69 -37.04 -6.44 -39.09
C THR K 69 -36.37 -5.84 -37.86
N MET K 70 -35.17 -6.31 -37.54
CA MET K 70 -34.45 -5.86 -36.36
C MET K 70 -33.23 -5.06 -36.79
N SER K 71 -33.01 -3.92 -36.16
CA SER K 71 -31.89 -3.06 -36.52
C SER K 71 -31.44 -2.33 -35.26
N ARG K 72 -30.40 -1.52 -35.39
CA ARG K 72 -29.85 -0.82 -34.24
C ARG K 72 -29.18 0.46 -34.71
N ASP K 73 -28.95 1.36 -33.76
CA ASP K 73 -28.21 2.59 -33.99
C ASP K 73 -27.19 2.69 -32.86
N THR K 74 -25.93 2.41 -33.16
CA THR K 74 -24.89 2.39 -32.14
C THR K 74 -24.52 3.78 -31.65
N ALA K 75 -24.54 4.79 -32.53
CA ALA K 75 -24.25 6.15 -32.10
C ALA K 75 -25.27 6.64 -31.10
N LYS K 76 -26.46 6.06 -31.12
CA LYS K 76 -27.56 6.41 -30.22
C LYS K 76 -27.77 5.38 -29.13
N ASN K 77 -27.14 4.20 -29.24
CA ASN K 77 -27.38 3.07 -28.36
C ASN K 77 -28.87 2.73 -28.31
N SER K 78 -29.43 2.45 -29.49
CA SER K 78 -30.85 2.11 -29.59
C SER K 78 -31.02 0.83 -30.37
N LEU K 79 -31.98 0.02 -29.96
CA LEU K 79 -32.33 -1.23 -30.63
C LEU K 79 -33.77 -1.14 -31.10
N TYR K 80 -34.03 -1.52 -32.34
CA TYR K 80 -35.33 -1.32 -32.95
C TYR K 80 -35.90 -2.64 -33.44
N LEU K 81 -37.22 -2.66 -33.58
CA LEU K 81 -37.95 -3.81 -34.10
C LEU K 81 -39.17 -3.29 -34.85
N GLN K 82 -39.15 -3.43 -36.17
CA GLN K 82 -40.26 -3.11 -37.04
C GLN K 82 -41.08 -4.36 -37.26
N MET K 83 -42.34 -4.35 -36.81
CA MET K 83 -43.27 -5.42 -37.14
C MET K 83 -44.21 -4.94 -38.24
N ASP K 84 -44.37 -5.77 -39.27
CA ASP K 84 -45.27 -5.48 -40.38
C ASP K 84 -46.22 -6.65 -40.55
N SER K 85 -47.43 -6.36 -41.03
CA SER K 85 -48.48 -7.37 -41.25
C SER K 85 -48.73 -8.16 -39.97
N LEU K 86 -49.04 -7.44 -38.90
CA LEU K 86 -49.29 -8.04 -37.61
C LEU K 86 -50.53 -8.91 -37.64
N THR K 87 -50.48 -10.04 -36.93
CA THR K 87 -51.60 -10.97 -36.82
C THR K 87 -52.09 -11.00 -35.38
N VAL K 88 -53.11 -11.82 -35.13
CA VAL K 88 -53.65 -11.94 -33.78
C VAL K 88 -52.73 -12.76 -32.88
N ALA K 89 -51.86 -13.59 -33.44
CA ALA K 89 -50.93 -14.37 -32.63
C ALA K 89 -49.74 -13.55 -32.16
N ASP K 90 -49.58 -12.32 -32.65
CA ASP K 90 -48.49 -11.44 -32.24
C ASP K 90 -48.80 -10.66 -30.97
N THR K 91 -49.97 -10.86 -30.38
CA THR K 91 -50.27 -10.24 -29.09
C THR K 91 -49.33 -10.85 -28.06
N ALA K 92 -48.59 -10.01 -27.34
CA ALA K 92 -47.56 -10.48 -26.41
C ALA K 92 -47.02 -9.31 -25.62
N VAL K 93 -46.00 -9.60 -24.80
CA VAL K 93 -45.23 -8.58 -24.10
C VAL K 93 -43.78 -8.77 -24.50
N TYR K 94 -43.11 -7.68 -24.88
CA TYR K 94 -41.81 -7.73 -25.51
C TYR K 94 -40.75 -7.17 -24.58
N TYR K 95 -39.59 -7.83 -24.58
CA TYR K 95 -38.43 -7.46 -23.79
C TYR K 95 -37.24 -7.34 -24.72
N CYS K 96 -36.36 -6.39 -24.42
CA CYS K 96 -35.04 -6.34 -25.03
C CYS K 96 -34.03 -6.81 -24.01
N ALA K 97 -33.28 -7.84 -24.35
CA ALA K 97 -32.36 -8.50 -23.44
C ALA K 97 -30.95 -8.42 -23.99
N ARG K 98 -29.97 -8.61 -23.11
CA ARG K 98 -28.57 -8.36 -23.44
C ARG K 98 -27.70 -9.50 -22.96
N HIS K 99 -26.87 -10.05 -23.84
CA HIS K 99 -25.87 -11.00 -23.40
C HIS K 99 -24.56 -10.74 -24.13
N TYR K 100 -23.58 -11.58 -23.87
CA TYR K 100 -22.19 -11.31 -24.21
C TYR K 100 -21.57 -12.52 -24.90
N PHE K 101 -20.71 -12.26 -25.87
CA PHE K 101 -19.90 -13.30 -26.50
C PHE K 101 -18.46 -13.12 -26.05
N ASP K 102 -17.98 -14.05 -25.24
CA ASP K 102 -16.61 -14.02 -24.76
C ASP K 102 -15.72 -14.76 -25.73
N ARG K 103 -14.59 -14.13 -26.08
CA ARG K 103 -13.68 -14.69 -27.08
C ARG K 103 -13.11 -16.04 -26.64
N ASP K 104 -13.02 -16.28 -25.34
CA ASP K 104 -12.45 -17.51 -24.82
C ASP K 104 -13.53 -18.48 -24.35
N TRP K 105 -14.45 -18.02 -23.51
CA TRP K 105 -15.45 -18.92 -22.95
C TRP K 105 -16.68 -19.08 -23.84
N GLY K 106 -16.97 -18.12 -24.70
CA GLY K 106 -18.14 -18.22 -25.57
C GLY K 106 -19.31 -17.38 -25.10
N TYR K 107 -20.52 -17.76 -25.53
CA TYR K 107 -21.73 -17.03 -25.15
C TYR K 107 -21.99 -17.15 -23.66
N SER K 108 -22.78 -16.20 -23.15
CA SER K 108 -22.90 -15.97 -21.72
C SER K 108 -24.31 -16.22 -21.19
N GLY K 109 -25.33 -15.67 -21.82
CA GLY K 109 -26.66 -15.82 -21.28
C GLY K 109 -27.28 -14.51 -20.88
N MET K 110 -28.56 -14.33 -21.19
CA MET K 110 -29.21 -13.03 -21.06
C MET K 110 -29.17 -12.54 -19.63
N ASP K 111 -28.38 -11.51 -19.39
CA ASP K 111 -28.07 -11.04 -18.05
C ASP K 111 -28.97 -9.90 -17.60
N LEU K 112 -29.34 -9.00 -18.51
CA LEU K 112 -30.00 -7.76 -18.16
C LEU K 112 -31.24 -7.58 -19.02
N TRP K 113 -32.35 -7.18 -18.40
CA TRP K 113 -33.65 -7.10 -19.05
C TRP K 113 -34.33 -5.78 -18.71
N GLY K 114 -35.38 -5.48 -19.47
CA GLY K 114 -36.30 -4.41 -19.11
C GLY K 114 -37.64 -4.95 -18.65
N GLN K 115 -38.54 -4.03 -18.30
CA GLN K 115 -39.91 -4.44 -18.00
C GLN K 115 -40.70 -4.85 -19.24
N GLY K 116 -40.44 -4.24 -20.38
CA GLY K 116 -41.10 -4.69 -21.60
C GLY K 116 -42.33 -3.87 -21.94
N THR K 117 -42.80 -3.99 -23.18
CA THR K 117 -43.98 -3.26 -23.63
C THR K 117 -44.99 -4.25 -24.17
N THR K 118 -46.26 -3.96 -23.92
CA THR K 118 -47.36 -4.83 -24.32
C THR K 118 -47.83 -4.45 -25.70
N VAL K 119 -47.90 -5.42 -26.61
CA VAL K 119 -48.47 -5.23 -27.93
C VAL K 119 -49.70 -6.12 -28.04
N THR K 120 -50.86 -5.51 -28.24
CA THR K 120 -52.11 -6.24 -28.28
C THR K 120 -52.86 -5.90 -29.55
N VAL K 121 -53.62 -6.87 -30.06
CA VAL K 121 -54.36 -6.75 -31.30
C VAL K 121 -55.82 -7.02 -31.02
N SER K 122 -56.70 -6.14 -31.49
CA SER K 122 -58.12 -6.23 -31.21
C SER K 122 -58.92 -6.26 -32.51
N SER K 123 -60.05 -6.95 -32.45
CA SER K 123 -60.96 -7.08 -33.59
C SER K 123 -60.25 -7.58 -34.84
N GLU L 1 -33.94 -29.16 -35.08
CA GLU L 1 -34.47 -28.43 -33.94
C GLU L 1 -34.41 -29.27 -32.67
N VAL L 2 -34.22 -28.60 -31.53
CA VAL L 2 -34.11 -29.26 -30.23
C VAL L 2 -35.14 -28.63 -29.31
N VAL L 3 -36.07 -29.45 -28.83
CA VAL L 3 -37.09 -28.99 -27.89
C VAL L 3 -36.66 -29.36 -26.48
N LEU L 4 -36.83 -28.43 -25.56
CA LEU L 4 -36.53 -28.65 -24.15
C LEU L 4 -37.85 -28.87 -23.41
N THR L 5 -37.96 -30.00 -22.72
CA THR L 5 -39.18 -30.39 -22.03
C THR L 5 -38.92 -30.37 -20.53
N GLN L 6 -39.60 -29.47 -19.82
CA GLN L 6 -39.52 -29.48 -18.36
C GLN L 6 -40.59 -30.42 -17.82
N SER L 7 -40.14 -31.46 -17.11
CA SER L 7 -41.06 -32.55 -16.76
C SER L 7 -42.21 -32.09 -15.87
N PRO L 8 -41.99 -31.36 -14.77
CA PRO L 8 -43.13 -30.89 -13.98
C PRO L 8 -43.80 -29.70 -14.65
N GLY L 9 -45.02 -29.91 -15.14
CA GLY L 9 -45.79 -28.79 -15.65
C GLY L 9 -46.14 -27.79 -14.58
N THR L 10 -46.56 -28.27 -13.42
CA THR L 10 -46.78 -27.44 -12.25
C THR L 10 -46.31 -28.22 -11.03
N LEU L 11 -45.82 -27.50 -10.03
CA LEU L 11 -45.25 -28.15 -8.86
C LEU L 11 -45.54 -27.30 -7.63
N SER L 12 -46.24 -27.89 -6.66
CA SER L 12 -46.65 -27.20 -5.44
C SER L 12 -45.94 -27.83 -4.25
N LEU L 13 -45.41 -26.98 -3.38
CA LEU L 13 -44.70 -27.43 -2.18
C LEU L 13 -44.98 -26.45 -1.05
N SER L 14 -44.46 -26.79 0.13
CA SER L 14 -44.56 -25.94 1.30
C SER L 14 -43.29 -25.14 1.47
N PRO L 15 -43.35 -24.00 2.15
CA PRO L 15 -42.18 -23.12 2.27
C PRO L 15 -41.10 -23.67 3.20
N GLY L 16 -40.17 -24.46 2.68
CA GLY L 16 -39.07 -24.91 3.50
C GLY L 16 -38.48 -26.29 3.23
N GLU L 17 -39.01 -27.01 2.25
CA GLU L 17 -38.41 -28.28 1.84
C GLU L 17 -37.65 -28.10 0.53
N ARG L 18 -37.11 -29.20 0.03
CA ARG L 18 -36.39 -29.17 -1.24
C ARG L 18 -37.36 -29.11 -2.42
N ALA L 19 -36.85 -28.64 -3.56
CA ALA L 19 -37.68 -28.52 -4.77
C ALA L 19 -36.81 -28.83 -5.98
N THR L 20 -37.03 -29.96 -6.63
CA THR L 20 -36.16 -30.35 -7.75
C THR L 20 -36.93 -30.13 -9.05
N LEU L 21 -36.40 -29.31 -9.96
CA LEU L 21 -37.03 -29.05 -11.27
C LEU L 21 -36.08 -29.66 -12.29
N SER L 22 -36.58 -30.20 -13.40
CA SER L 22 -35.67 -30.85 -14.37
C SER L 22 -36.03 -30.52 -15.81
N CYS L 23 -35.06 -30.53 -16.73
CA CYS L 23 -35.34 -30.37 -18.17
C CYS L 23 -34.77 -31.59 -18.87
N ARG L 24 -35.22 -31.90 -20.07
CA ARG L 24 -34.59 -33.02 -20.78
C ARG L 24 -34.53 -32.64 -22.24
N ALA L 25 -33.33 -32.60 -22.80
CA ALA L 25 -33.20 -32.18 -24.21
C ALA L 25 -33.38 -33.38 -25.13
N SER L 26 -34.22 -33.22 -26.14
CA SER L 26 -34.44 -34.33 -27.11
C SER L 26 -33.10 -34.80 -27.61
N GLN L 27 -32.13 -33.90 -27.73
CA GLN L 27 -30.85 -34.27 -28.29
C GLN L 27 -29.72 -34.03 -27.29
N SER L 28 -28.64 -34.79 -27.45
CA SER L 28 -27.45 -34.62 -26.62
C SER L 28 -26.78 -33.32 -27.03
N LEU L 29 -27.00 -32.30 -26.18
CA LEU L 29 -26.48 -30.94 -26.45
C LEU L 29 -24.98 -30.89 -26.16
N GLY L 30 -24.18 -30.73 -27.20
CA GLY L 30 -22.72 -30.56 -27.04
C GLY L 30 -22.49 -29.26 -26.31
N THR L 31 -23.46 -28.36 -26.41
CA THR L 31 -23.38 -27.05 -25.71
C THR L 31 -23.51 -27.27 -24.20
N ASN L 32 -22.69 -26.58 -23.42
CA ASN L 32 -22.87 -26.60 -21.95
C ASN L 32 -23.70 -25.36 -21.73
N TYR L 33 -24.17 -24.79 -22.81
CA TYR L 33 -24.88 -23.50 -22.77
C TYR L 33 -26.34 -23.71 -22.40
N LEU L 34 -26.62 -24.02 -21.14
CA LEU L 34 -28.01 -24.09 -20.68
C LEU L 34 -28.13 -23.19 -19.47
N ALA L 35 -29.08 -22.27 -19.51
CA ALA L 35 -29.24 -21.28 -18.45
C ALA L 35 -30.60 -21.52 -17.81
N TRP L 36 -30.78 -21.04 -16.59
CA TRP L 36 -32.02 -21.25 -15.85
C TRP L 36 -32.48 -19.89 -15.40
N TYR L 37 -33.70 -19.47 -15.71
CA TYR L 37 -34.26 -18.15 -15.46
C TYR L 37 -35.42 -18.26 -14.48
N GLN L 38 -35.53 -17.27 -13.61
CA GLN L 38 -36.64 -17.14 -12.67
C GLN L 38 -37.49 -15.94 -13.09
N HIS L 39 -38.77 -16.19 -13.36
CA HIS L 39 -39.70 -15.18 -13.82
C HIS L 39 -40.83 -15.07 -12.81
N LYS L 40 -40.86 -13.96 -12.08
CA LYS L 40 -41.90 -13.60 -11.14
C LYS L 40 -42.89 -12.68 -11.83
N PRO L 41 -44.20 -12.94 -11.71
CA PRO L 41 -45.18 -12.12 -12.45
C PRO L 41 -45.06 -10.65 -12.09
N GLY L 42 -45.17 -9.81 -13.12
CA GLY L 42 -45.01 -8.38 -12.94
C GLY L 42 -43.58 -7.89 -12.91
N GLN L 43 -42.60 -8.77 -13.10
CA GLN L 43 -41.20 -8.40 -13.07
C GLN L 43 -40.46 -9.05 -14.22
N SER L 44 -39.31 -8.49 -14.56
CA SER L 44 -38.49 -9.06 -15.61
C SER L 44 -37.86 -10.37 -15.14
N PRO L 45 -37.55 -11.28 -16.07
CA PRO L 45 -36.88 -12.52 -15.70
C PRO L 45 -35.48 -12.25 -15.16
N ARG L 46 -35.00 -13.18 -14.33
CA ARG L 46 -33.71 -13.05 -13.71
C ARG L 46 -32.91 -14.32 -13.98
N LEU L 47 -31.63 -14.14 -14.28
CA LEU L 47 -30.72 -15.24 -14.55
C LEU L 47 -30.25 -15.84 -13.24
N LEU L 48 -30.52 -17.14 -13.04
CA LEU L 48 -30.09 -17.86 -11.85
C LEU L 48 -28.82 -18.66 -12.11
N ILE L 49 -28.87 -19.59 -13.06
CA ILE L 49 -27.79 -20.52 -13.33
C ILE L 49 -27.33 -20.31 -14.76
N ASP L 50 -26.03 -20.21 -14.95
CA ASP L 50 -25.45 -20.11 -16.26
C ASP L 50 -24.42 -21.21 -16.45
N GLY L 51 -24.35 -21.76 -17.67
CA GLY L 51 -23.46 -22.86 -17.91
C GLY L 51 -23.93 -24.16 -17.31
N ALA L 52 -25.20 -24.21 -16.88
CA ALA L 52 -25.86 -25.41 -16.37
C ALA L 52 -25.31 -25.86 -15.02
N SER L 53 -24.29 -25.17 -14.49
CA SER L 53 -23.73 -25.59 -13.21
C SER L 53 -23.33 -24.45 -12.28
N THR L 54 -23.43 -23.19 -12.68
CA THR L 54 -22.84 -22.09 -11.95
C THR L 54 -23.88 -21.00 -11.66
N ARG L 55 -23.99 -20.62 -10.40
CA ARG L 55 -24.87 -19.54 -10.00
C ARG L 55 -24.38 -18.21 -10.55
N ALA L 56 -25.30 -17.33 -10.88
CA ALA L 56 -24.94 -16.01 -11.38
C ALA L 56 -24.48 -15.12 -10.23
N ILE L 57 -24.08 -13.90 -10.56
CA ILE L 57 -23.67 -12.93 -9.55
C ILE L 57 -24.90 -12.49 -8.76
N GLY L 58 -24.82 -12.59 -7.44
CA GLY L 58 -25.89 -12.16 -6.57
C GLY L 58 -26.96 -13.20 -6.29
N ILE L 59 -26.99 -14.28 -7.05
CA ILE L 59 -27.93 -15.36 -6.76
C ILE L 59 -27.48 -16.07 -5.49
N PRO L 60 -28.37 -16.28 -4.53
CA PRO L 60 -27.95 -16.87 -3.25
C PRO L 60 -27.43 -18.28 -3.41
N ASP L 61 -27.14 -18.93 -2.29
CA ASP L 61 -26.60 -20.32 -2.35
C ASP L 61 -27.69 -21.39 -2.44
N ARG L 62 -28.94 -21.08 -2.15
CA ARG L 62 -29.98 -22.14 -2.12
C ARG L 62 -30.17 -22.70 -3.51
N PHE L 63 -30.15 -21.82 -4.51
CA PHE L 63 -30.38 -22.25 -5.90
C PHE L 63 -29.10 -22.85 -6.41
N SER L 64 -29.11 -24.14 -6.68
CA SER L 64 -27.92 -24.79 -7.28
C SER L 64 -28.43 -25.55 -8.50
N ALA L 65 -27.54 -26.11 -9.28
CA ALA L 65 -27.91 -26.79 -10.50
C ALA L 65 -26.83 -27.79 -10.89
N SER L 66 -27.23 -28.76 -11.70
CA SER L 66 -26.32 -29.77 -12.19
C SER L 66 -26.92 -30.36 -13.47
N GLY L 67 -26.16 -31.23 -14.11
CA GLY L 67 -26.68 -31.91 -15.28
C GLY L 67 -25.56 -32.54 -16.09
N SER L 68 -25.99 -33.35 -17.05
CA SER L 68 -25.10 -34.02 -18.00
C SER L 68 -25.89 -34.43 -19.23
N GLY L 69 -25.32 -34.21 -20.41
CA GLY L 69 -25.94 -34.62 -21.64
C GLY L 69 -27.33 -34.05 -21.84
N THR L 70 -28.34 -34.91 -21.70
CA THR L 70 -29.73 -34.51 -21.91
C THR L 70 -30.49 -34.23 -20.62
N ASP L 71 -29.89 -34.47 -19.47
CA ASP L 71 -30.57 -34.29 -18.18
C ASP L 71 -30.02 -33.06 -17.47
N PHE L 72 -30.92 -32.21 -16.99
CA PHE L 72 -30.52 -31.01 -16.27
C PHE L 72 -31.47 -30.81 -15.10
N THR L 73 -30.90 -30.41 -13.96
CA THR L 73 -31.65 -30.35 -12.71
C THR L 73 -31.33 -29.08 -11.96
N LEU L 74 -32.37 -28.43 -11.44
CA LEU L 74 -32.24 -27.25 -10.58
C LEU L 74 -32.85 -27.61 -9.23
N THR L 75 -32.08 -27.43 -8.17
CA THR L 75 -32.58 -27.93 -6.88
C THR L 75 -32.59 -26.85 -5.80
N VAL L 76 -33.68 -26.10 -5.67
CA VAL L 76 -33.73 -25.16 -4.52
C VAL L 76 -33.65 -26.06 -3.28
N SER L 77 -32.86 -25.71 -2.27
CA SER L 77 -32.68 -26.63 -1.11
C SER L 77 -33.63 -26.24 0.00
N ARG L 78 -33.88 -24.95 0.22
CA ARG L 78 -34.87 -24.51 1.23
C ARG L 78 -35.76 -23.51 0.52
N LEU L 79 -37.03 -23.81 0.30
CA LEU L 79 -37.82 -22.90 -0.54
C LEU L 79 -38.28 -21.72 0.31
N GLU L 80 -37.58 -20.59 0.21
CA GLU L 80 -38.00 -19.37 0.94
C GLU L 80 -39.24 -18.81 0.25
N PRO L 81 -40.10 -18.00 0.90
CA PRO L 81 -41.34 -17.58 0.28
C PRO L 81 -41.15 -16.87 -1.07
N GLU L 82 -40.09 -16.07 -1.23
CA GLU L 82 -39.83 -15.29 -2.47
C GLU L 82 -39.33 -16.17 -3.61
N ASP L 83 -39.07 -17.46 -3.36
CA ASP L 83 -38.49 -18.38 -4.37
C ASP L 83 -39.60 -19.08 -5.13
N PHE L 84 -40.81 -18.55 -5.08
CA PHE L 84 -41.96 -19.14 -5.78
C PHE L 84 -42.22 -18.33 -7.05
N ALA L 85 -41.96 -18.89 -8.23
CA ALA L 85 -42.08 -18.19 -9.51
C ALA L 85 -42.14 -19.24 -10.62
N VAL L 86 -41.98 -18.81 -11.86
CA VAL L 86 -41.92 -19.70 -13.01
C VAL L 86 -40.46 -19.87 -13.40
N TYR L 87 -40.06 -21.10 -13.66
CA TYR L 87 -38.66 -21.41 -13.91
C TYR L 87 -38.47 -21.93 -15.33
N TYR L 88 -37.57 -21.29 -16.07
CA TYR L 88 -37.33 -21.61 -17.47
C TYR L 88 -35.92 -22.15 -17.66
N CYS L 89 -35.78 -23.09 -18.59
CA CYS L 89 -34.46 -23.57 -19.01
C CYS L 89 -34.26 -23.18 -20.47
N GLN L 90 -33.12 -22.56 -20.75
CA GLN L 90 -32.81 -21.97 -22.04
C GLN L 90 -31.56 -22.60 -22.62
N HIS L 91 -31.61 -22.88 -23.92
CA HIS L 91 -30.45 -23.34 -24.68
C HIS L 91 -30.05 -22.20 -25.60
N TYR L 92 -29.00 -21.47 -25.24
CA TYR L 92 -28.55 -20.33 -26.03
C TYR L 92 -27.43 -20.69 -26.99
N GLY L 93 -27.17 -21.97 -27.18
CA GLY L 93 -26.39 -22.44 -28.30
C GLY L 93 -27.32 -22.81 -29.45
N ASN L 94 -26.73 -23.16 -30.57
CA ASN L 94 -27.54 -23.54 -31.73
C ASN L 94 -28.21 -24.89 -31.46
N PRO L 95 -29.54 -25.00 -31.60
CA PRO L 95 -30.49 -23.94 -31.96
C PRO L 95 -31.07 -23.20 -30.76
N TYR L 96 -31.41 -21.92 -30.96
CA TYR L 96 -31.89 -21.08 -29.87
C TYR L 96 -33.33 -21.39 -29.54
N THR L 97 -33.56 -21.91 -28.33
CA THR L 97 -34.92 -22.16 -27.84
C THR L 97 -34.95 -21.91 -26.33
N PHE L 98 -36.16 -21.68 -25.83
CA PHE L 98 -36.50 -21.72 -24.41
C PHE L 98 -37.28 -22.99 -24.09
N GLY L 99 -37.42 -23.27 -22.80
CA GLY L 99 -38.32 -24.29 -22.31
C GLY L 99 -39.72 -23.72 -22.05
N GLN L 100 -40.63 -24.62 -21.70
CA GLN L 100 -42.02 -24.22 -21.49
C GLN L 100 -42.29 -23.66 -20.10
N GLY L 101 -41.46 -23.96 -19.11
CA GLY L 101 -41.59 -23.37 -17.79
C GLY L 101 -42.27 -24.29 -16.80
N THR L 102 -42.21 -23.89 -15.53
CA THR L 102 -42.79 -24.66 -14.44
C THR L 102 -43.11 -23.71 -13.29
N LYS L 103 -44.33 -23.88 -12.78
CA LYS L 103 -44.79 -22.96 -11.73
C LYS L 103 -44.54 -23.54 -10.36
N LEU L 104 -44.11 -22.72 -9.43
CA LEU L 104 -44.00 -23.12 -8.03
C LEU L 104 -44.92 -22.21 -7.21
N GLU L 105 -45.79 -22.81 -6.41
CA GLU L 105 -46.71 -22.04 -5.58
C GLU L 105 -46.86 -22.72 -4.23
N ILE L 106 -47.28 -21.92 -3.25
CA ILE L 106 -47.41 -22.41 -1.88
C ILE L 106 -48.54 -23.44 -1.80
N LYS L 107 -48.28 -24.52 -1.09
CA LYS L 107 -49.31 -25.53 -0.85
C LYS L 107 -49.95 -25.31 0.52
C1 NAG M . -7.13 -20.43 9.93
C2 NAG M . -8.45 -19.70 10.00
C3 NAG M . -9.41 -20.56 10.82
C4 NAG M . -9.62 -21.86 10.11
C5 NAG M . -8.26 -22.50 10.04
C6 NAG M . -8.27 -23.90 9.48
C7 NAG M . -8.09 -17.29 10.22
C8 NAG M . -8.03 -16.20 11.24
N2 NAG M . -8.25 -18.49 10.72
O3 NAG M . -10.70 -19.97 11.03
O4 NAG M . -10.57 -22.67 10.81
O5 NAG M . -7.40 -21.67 9.28
O6 NAG M . -7.17 -24.51 10.15
O7 NAG M . -8.00 -17.07 9.03
C1 NAG N . 42.68 -18.06 -9.14
C2 NAG N . 43.06 -19.52 -9.31
C3 NAG N . 43.54 -19.87 -10.70
C4 NAG N . 42.61 -19.36 -11.79
C5 NAG N . 42.25 -17.90 -11.57
C6 NAG N . 41.09 -17.51 -12.47
C7 NAG N . 44.10 -20.61 -7.42
C8 NAG N . 44.79 -20.24 -6.15
N2 NAG N . 44.17 -19.73 -8.40
O3 NAG N . 43.56 -21.30 -10.81
O4 NAG N . 43.23 -19.50 -13.06
O5 NAG N . 41.85 -17.64 -10.23
O6 NAG N . 39.85 -17.99 -11.93
O7 NAG N . 43.52 -21.66 -7.58
CA CA O . 22.16 -29.97 18.90
CA CA P . 38.67 -20.71 27.29
C1 NAG Q . -2.18 2.68 23.95
C2 NAG Q . -3.29 1.71 23.59
C3 NAG Q . -4.15 1.39 24.80
C4 NAG Q . -3.31 0.94 25.96
C5 NAG Q . -2.21 1.91 26.25
C6 NAG Q . -1.30 1.19 27.21
C7 NAG Q . -4.04 1.85 21.29
C8 NAG Q . -4.74 2.71 20.29
N2 NAG Q . -4.16 2.23 22.56
O3 NAG Q . -4.98 0.29 24.45
O4 NAG Q . -4.15 0.87 27.11
O5 NAG Q . -1.46 2.19 25.09
O6 NAG Q . -0.27 2.08 27.63
O7 NAG Q . -3.41 0.88 20.93
C1 NAG R . 42.18 21.33 0.52
C2 NAG R . 43.33 21.88 1.36
C3 NAG R . 44.65 21.77 0.61
C4 NAG R . 44.84 20.33 0.15
C5 NAG R . 43.64 19.83 -0.64
C6 NAG R . 43.79 18.34 -0.90
C7 NAG R . 43.38 23.73 2.90
C8 NAG R . 43.38 25.22 3.04
N2 NAG R . 43.05 23.25 1.70
O3 NAG R . 45.71 22.11 1.48
O4 NAG R . 45.99 20.29 -0.69
O5 NAG R . 42.45 20.01 0.11
O6 NAG R . 43.71 17.66 0.35
O7 NAG R . 43.66 22.97 3.81
CA CA S . 16.70 28.28 26.09
CA CA T . 18.94 45.47 15.33
C1 NAG U . -16.74 16.70 5.30
C2 NAG U . -16.86 15.81 6.50
C3 NAG U . -18.00 16.23 7.40
C4 NAG U . -17.89 17.68 7.78
C5 NAG U . -17.75 18.52 6.53
C6 NAG U . -17.44 19.96 6.88
C7 NAG U . -16.36 13.50 5.90
C8 NAG U . -16.95 12.28 5.29
N2 NAG U . -17.20 14.50 6.02
O3 NAG U . -17.93 15.47 8.59
O4 NAG U . -19.05 18.05 8.52
O5 NAG U . -16.68 18.06 5.72
O6 NAG U . -17.40 20.67 5.66
O7 NAG U . -15.21 13.54 6.27
C1 NAG V . 19.31 28.98 -31.70
C2 NAG V . 18.95 30.41 -32.06
C3 NAG V . 20.21 31.23 -32.34
C4 NAG V . 21.13 31.13 -31.15
C5 NAG V . 21.42 29.67 -30.82
C6 NAG V . 22.31 29.51 -29.60
C7 NAG V . 17.69 31.26 -34.05
C8 NAG V . 17.71 30.83 -35.47
N2 NAG V . 18.01 30.31 -33.17
O3 NAG V . 19.89 32.61 -32.49
O4 NAG V . 22.34 31.84 -31.41
O5 NAG V . 20.21 28.96 -30.60
O6 NAG V . 22.59 28.11 -29.44
O7 NAG V . 17.41 32.39 -33.72
CA CA W . -16.21 31.14 -23.14
CA CA X . -15.21 24.50 -42.98
C1 NAG Y . -21.72 -6.79 -8.53
C2 NAG Y . -22.10 -6.29 -7.16
C3 NAG Y . -23.56 -6.58 -6.89
C4 NAG Y . -24.37 -5.87 -7.93
C5 NAG Y . -23.95 -6.37 -9.29
C6 NAG Y . -24.66 -5.61 -10.38
C7 NAG Y . -20.32 -6.23 -5.54
C8 NAG Y . -19.54 -6.94 -4.51
N2 NAG Y . -21.29 -6.92 -6.13
O3 NAG Y . -23.95 -6.07 -5.62
O4 NAG Y . -25.78 -6.01 -7.71
O5 NAG Y . -22.57 -6.10 -9.44
O6 NAG Y . -24.09 -6.03 -11.62
O7 NAG Y . -20.11 -5.06 -5.81
C1 NAG Z . 20.11 -10.55 -41.43
C2 NAG Z . 19.26 -10.25 -42.66
C3 NAG Z . 20.02 -9.49 -43.73
C4 NAG Z . 20.74 -8.29 -43.15
C5 NAG Z . 21.55 -8.66 -41.91
C6 NAG Z . 22.06 -7.40 -41.22
C7 NAG Z . 19.40 -12.51 -43.70
C8 NAG Z . 19.54 -13.71 -42.83
N2 NAG Z . 18.69 -11.48 -43.20
O3 NAG Z . 19.06 -9.04 -44.69
O4 NAG Z . 21.63 -7.73 -44.13
O5 NAG Z . 20.78 -9.40 -40.96
O6 NAG Z . 22.90 -7.76 -40.12
O7 NAG Z . 19.88 -12.48 -44.82
CA CA AA . -10.56 -27.17 -30.06
CA CA BA . 4.52 -41.52 -30.38
#